data_6VI0
#
_entry.id   6VI0
#
_cell.length_a   1.00
_cell.length_b   1.00
_cell.length_c   1.00
_cell.angle_alpha   90.00
_cell.angle_beta   90.00
_cell.angle_gamma   90.00
#
_symmetry.space_group_name_H-M   'P 1'
#
loop_
_entity.id
_entity.type
_entity.pdbx_description
1 polymer 'Envelope glycoprotein gp41'
2 polymer 'BG505 gp120'
3 polymer 'VRC01.23 Light chain'
4 polymer 'VRC01.23 Heavy chain'
5 branched 2-acetamido-2-deoxy-beta-D-glucopyranose-(1-4)-2-acetamido-2-deoxy-beta-D-glucopyranose
6 branched alpha-D-mannopyranose-(1-6)-beta-D-mannopyranose-(1-4)-2-acetamido-2-deoxy-beta-D-glucopyranose-(1-4)-2-acetamido-2-deoxy-beta-D-glucopyranose
7 branched alpha-D-mannopyranose-(1-2)-alpha-D-mannopyranose-(1-3)-[alpha-D-mannopyranose-(1-6)]beta-D-mannopyranose-(1-4)-2-acetamido-2-deoxy-beta-D-glucopyranose-(1-4)-2-acetamido-2-deoxy-beta-D-glucopyranose
8 branched alpha-D-mannopyranose-(1-2)-alpha-D-mannopyranose-(1-3)-[alpha-D-mannopyranose-(1-3)-[alpha-D-mannopyranose-(1-6)]alpha-D-mannopyranose-(1-6)]beta-D-mannopyranose-(1-4)-2-acetamido-2-deoxy-beta-D-glucopyranose-(1-4)-2-acetamido-2-deoxy-beta-D-glucopyranose
9 branched alpha-D-mannopyranose-(1-3)-alpha-D-mannopyranose-(1-6)-[alpha-D-mannopyranose-(1-3)]beta-D-mannopyranose-(1-4)-2-acetamido-2-deoxy-beta-D-glucopyranose-(1-4)-2-acetamido-2-deoxy-beta-D-glucopyranose
10 branched beta-D-mannopyranose-(1-4)-2-acetamido-2-deoxy-beta-D-glucopyranose-(1-4)-2-acetamido-2-deoxy-beta-D-glucopyranose
11 non-polymer 2-acetamido-2-deoxy-beta-D-glucopyranose
#
loop_
_entity_poly.entity_id
_entity_poly.type
_entity_poly.pdbx_seq_one_letter_code
_entity_poly.pdbx_strand_id
1 'polypeptide(L)'
;AVGIGAVFLGFLGAAGSTMGAASMTLTVQARNLLSGIVQQQSNLLRAPEAQQHLLKLTVWGIKQLQARVLAVERYLRDQQ
LLGIWGCSGKLICCTNVPWNSSWSNRNLSEIWDNMTWLQWDKEISNYTQIIYGLLEESQNQQEKNEQDLLALD
;
B,A,F
2 'polypeptide(L)'
;AENLWVTVYYGVPVWKDAETTLFCASDAKAYETEKHNVWATHACVPTDPNPQEIHLENVTEEFNMWKNNMVEQMHTDIIS
LWDQSLKPCVKLTPLCVTLQCTNVTNNITDDMRGELKNCSFNMTTELRDKKQKVYSLFYRLDVVQINENQGNRSNNSNKE
YRLINCNTSACTQACPKVSFEPIPIHYCAPAGFAILKCKDKKFNGTGPCPSVSTVQCTHGIKPVVSTQLLLNGSLAEEEV
MIRSENITNNAKNILVQFNTPVQINCTRPNNNTRKSIRIGPGQAFYATGDIIGDIRQAHCNVSKATWNETLGKVVKQLRK
HFGNNTIIRFANSSGGDLEVTTHSFNCGGEFFYCNTSGLFNSTWISNTSVQGSNSTGSNDSITLPCRIKQIINMWQRIGQ
CMYAPPIQGVIRCVSNITGLILTRDGGSTNSTTETFRPGGGDMRDNWRSELYKYKVVKIEPLGVAPTRCKRRVVGRRRRR
R
;
G,C,I
3 'polypeptide(L)'
;LTQSPGTLSLSPGETAIISCRTSQYGSLAWYQQRPGQAPRLVIYSGSTRAAGIPDRFSGSRWGPDYNLTISNLESGDFGV
YYCQQYEFFGQGTKVQVDIKRTVAAPSVFIFPPSDEQLKSGTASVVCLLNNFYPREAKVQWKVDNALQSGNSQESVTEQD
SKDSTYSLSSTLTLSKADYEKHKVYACEVTHQGLSSPVTKSFNRGEC
;
L,D,J
4 'polypeptide(L)'
;QVQLVQSGGQMKKPGESMRISCRASGYEFIDCTLNWIRLAPGKRPEWMGWLKPRWGAVNYARPLQGRVTMTRQLSQDPDD
PDWGTAFLELRSLTVDDTAVYFCTRGKNCDYNWDFEHWGRGTPVIVSSPSTKGPSVFPLAPSSKSTSGGTAALGCLVKDY
FPEPVTVSWNSGALTSGVHTFPAVLQSSGLYSLSSVVTVPSSSLGTQTYICNVNHKPSNTKVDKKVEPK
;
H,E,K
#
# COMPACT_ATOMS: atom_id res chain seq x y z
N VAL A 7 -32.65 32.01 11.09
CA VAL A 7 -32.86 31.74 9.66
C VAL A 7 -31.75 30.85 9.12
N PHE A 8 -31.26 29.94 9.95
CA PHE A 8 -30.21 28.99 9.56
C PHE A 8 -30.89 27.68 9.18
N LEU A 9 -30.98 27.44 7.87
CA LEU A 9 -31.64 26.23 7.38
C LEU A 9 -30.75 25.00 7.59
N GLY A 10 -29.53 25.04 7.06
CA GLY A 10 -28.61 23.94 7.11
C GLY A 10 -28.10 23.62 5.73
N PHE A 11 -27.38 22.50 5.63
CA PHE A 11 -26.85 22.06 4.35
C PHE A 11 -27.98 21.61 3.44
N LEU A 12 -28.03 22.20 2.24
CA LEU A 12 -29.03 21.97 1.19
C LEU A 12 -30.45 22.28 1.66
N GLY A 13 -30.61 23.08 2.72
CA GLY A 13 -31.90 23.24 3.36
C GLY A 13 -32.92 24.00 2.55
N ALA A 14 -32.47 24.74 1.54
CA ALA A 14 -33.36 25.48 0.65
C ALA A 14 -33.36 24.86 -0.74
N ALA A 15 -33.33 23.52 -0.80
CA ALA A 15 -33.28 22.86 -2.10
C ALA A 15 -34.60 22.97 -2.85
N GLY A 16 -35.72 22.91 -2.13
CA GLY A 16 -37.02 23.10 -2.73
C GLY A 16 -37.60 24.47 -2.50
N SER A 17 -36.84 25.40 -1.93
CA SER A 17 -37.34 26.74 -1.67
C SER A 17 -37.35 27.55 -2.96
N THR A 18 -37.73 28.81 -2.83
CA THR A 18 -37.78 29.70 -3.97
C THR A 18 -36.38 30.09 -4.40
N MET A 19 -36.21 30.37 -5.69
CA MET A 19 -34.90 30.80 -6.19
C MET A 19 -34.52 32.18 -5.65
N GLY A 20 -35.52 33.01 -5.37
CA GLY A 20 -35.25 34.29 -4.74
C GLY A 20 -34.89 34.20 -3.27
N ALA A 21 -35.10 33.04 -2.65
CA ALA A 21 -34.70 32.83 -1.26
C ALA A 21 -33.60 31.79 -1.12
N ALA A 22 -33.38 30.95 -2.12
CA ALA A 22 -32.20 30.09 -2.13
C ALA A 22 -30.96 30.85 -2.55
N SER A 23 -31.12 32.01 -3.18
CA SER A 23 -30.02 32.90 -3.51
C SER A 23 -29.57 33.76 -2.34
N MET A 24 -30.13 33.54 -1.16
CA MET A 24 -29.68 34.21 0.05
C MET A 24 -29.02 33.25 1.03
N THR A 25 -28.87 31.98 0.68
CA THR A 25 -28.28 31.00 1.57
C THR A 25 -27.14 30.27 0.89
N LEU A 26 -26.41 30.98 0.03
CA LEU A 26 -25.31 30.37 -0.72
C LEU A 26 -24.09 30.09 0.15
N THR A 27 -24.04 30.64 1.36
CA THR A 27 -22.85 30.50 2.21
C THR A 27 -22.69 29.08 2.73
N VAL A 28 -23.80 28.43 3.09
CA VAL A 28 -23.71 27.14 3.75
C VAL A 28 -23.38 26.02 2.76
N GLN A 29 -23.86 26.11 1.52
CA GLN A 29 -23.47 25.14 0.52
C GLN A 29 -22.10 25.41 -0.06
N ALA A 30 -21.55 26.61 0.19
CA ALA A 30 -20.17 26.88 -0.21
C ALA A 30 -19.17 26.43 0.84
N ARG A 31 -19.60 26.33 2.10
CA ARG A 31 -18.71 25.95 3.19
C ARG A 31 -18.65 24.45 3.41
N ASN A 32 -19.48 23.68 2.72
CA ASN A 32 -19.54 22.24 2.90
C ASN A 32 -19.08 21.51 1.64
N LEU A 33 -18.16 22.12 0.89
CA LEU A 33 -17.57 21.49 -0.28
C LEU A 33 -16.18 20.96 -0.01
N LEU A 34 -15.63 21.24 1.17
CA LEU A 34 -14.41 20.57 1.63
C LEU A 34 -14.45 20.61 3.15
N SER A 35 -14.21 19.46 3.78
CA SER A 35 -14.30 19.33 5.22
C SER A 35 -13.24 18.36 5.70
N GLY A 36 -13.22 18.12 7.01
CA GLY A 36 -12.25 17.21 7.61
C GLY A 36 -12.15 17.38 9.12
N HIS A 53 -3.17 -5.78 11.75
CA HIS A 53 -3.15 -4.53 12.48
C HIS A 53 -2.39 -3.44 11.71
N LEU A 54 -1.94 -3.78 10.51
CA LEU A 54 -1.20 -2.84 9.67
C LEU A 54 -1.94 -2.52 8.38
N LEU A 55 -2.35 -3.53 7.61
CA LEU A 55 -3.05 -3.29 6.36
C LEU A 55 -4.52 -2.95 6.54
N LYS A 56 -5.07 -3.10 7.75
CA LYS A 56 -6.42 -2.61 8.00
C LYS A 56 -6.45 -1.10 8.06
N LEU A 57 -5.30 -0.46 8.32
CA LEU A 57 -5.17 0.97 8.12
C LEU A 57 -5.13 1.32 6.64
N THR A 58 -4.68 0.37 5.80
CA THR A 58 -4.56 0.63 4.37
C THR A 58 -5.87 0.34 3.64
N VAL A 59 -6.74 -0.46 4.24
CA VAL A 59 -8.06 -0.71 3.64
C VAL A 59 -8.93 0.54 3.73
N TRP A 60 -9.09 1.09 4.93
CA TRP A 60 -9.85 2.32 5.08
C TRP A 60 -9.05 3.54 4.65
N GLY A 61 -7.73 3.42 4.61
CA GLY A 61 -6.90 4.58 4.28
C GLY A 61 -6.95 4.98 2.82
N ILE A 62 -6.89 3.99 1.91
CA ILE A 62 -6.90 4.33 0.49
C ILE A 62 -8.32 4.66 0.04
N LYS A 63 -9.32 4.36 0.86
CA LYS A 63 -10.68 4.81 0.60
C LYS A 63 -10.87 6.23 1.12
N GLN A 64 -10.11 6.60 2.14
CA GLN A 64 -10.19 7.95 2.68
C GLN A 64 -9.26 8.91 1.94
N LEU A 65 -8.09 8.43 1.53
CA LEU A 65 -7.14 9.31 0.86
C LEU A 65 -7.57 9.59 -0.57
N GLN A 66 -8.24 8.64 -1.22
CA GLN A 66 -8.74 8.89 -2.56
C GLN A 66 -9.97 9.79 -2.54
N ALA A 67 -10.61 9.92 -1.37
CA ALA A 67 -11.76 10.80 -1.26
C ALA A 67 -11.35 12.24 -0.94
N ARG A 68 -10.26 12.42 -0.20
CA ARG A 68 -9.85 13.76 0.19
C ARG A 68 -9.16 14.49 -0.95
N VAL A 69 -8.41 13.77 -1.78
CA VAL A 69 -7.73 14.41 -2.90
C VAL A 69 -8.72 14.72 -4.00
N LEU A 70 -9.71 13.86 -4.20
CA LEU A 70 -10.75 14.12 -5.20
C LEU A 70 -11.64 15.27 -4.77
N ALA A 71 -11.87 15.43 -3.47
CA ALA A 71 -12.71 16.54 -3.00
C ALA A 71 -12.01 17.88 -3.14
N VAL A 72 -10.68 17.88 -3.09
CA VAL A 72 -9.94 19.13 -3.23
C VAL A 72 -9.92 19.57 -4.69
N GLU A 73 -9.47 18.69 -5.59
CA GLU A 73 -9.29 19.10 -6.98
C GLU A 73 -10.60 19.23 -7.73
N ARG A 74 -11.70 18.72 -7.16
CA ARG A 74 -13.01 19.07 -7.69
C ARG A 74 -13.38 20.49 -7.26
N TYR A 75 -13.01 20.88 -6.04
CA TYR A 75 -13.31 22.23 -5.56
C TYR A 75 -12.42 23.25 -6.24
N LEU A 76 -11.16 22.91 -6.50
CA LEU A 76 -10.26 23.84 -7.16
C LEU A 76 -10.61 24.01 -8.63
N ARG A 77 -11.30 23.04 -9.22
CA ARG A 77 -11.74 23.20 -10.61
C ARG A 77 -12.86 24.20 -10.72
N ASP A 78 -13.85 24.14 -9.82
CA ASP A 78 -14.95 25.10 -9.87
C ASP A 78 -14.54 26.46 -9.34
N GLN A 79 -13.42 26.55 -8.63
CA GLN A 79 -12.93 27.87 -8.22
C GLN A 79 -12.05 28.49 -9.29
N GLN A 80 -11.30 27.68 -10.04
CA GLN A 80 -10.53 28.21 -11.15
C GLN A 80 -11.43 28.60 -12.31
N LEU A 81 -12.44 27.77 -12.60
CA LEU A 81 -13.41 28.08 -13.64
C LEU A 81 -14.21 29.32 -13.30
N LEU A 82 -14.40 29.59 -12.02
CA LEU A 82 -15.01 30.84 -11.59
C LEU A 82 -13.99 31.97 -11.57
N GLY A 83 -12.70 31.65 -11.65
CA GLY A 83 -11.69 32.67 -11.56
C GLY A 83 -11.48 33.45 -12.84
N ILE A 84 -11.79 32.85 -13.98
CA ILE A 84 -11.49 33.46 -15.26
C ILE A 84 -12.72 34.13 -15.88
N TRP A 85 -13.73 34.44 -15.08
CA TRP A 85 -14.89 35.17 -15.55
C TRP A 85 -15.02 36.55 -14.94
N GLY A 86 -14.11 36.92 -14.04
CA GLY A 86 -14.25 38.14 -13.28
C GLY A 86 -14.94 37.96 -11.95
N CYS A 87 -14.98 36.74 -11.44
CA CYS A 87 -15.68 36.35 -10.22
C CYS A 87 -14.71 35.62 -9.30
N SER A 88 -13.59 36.29 -9.01
CA SER A 88 -12.45 35.65 -8.35
C SER A 88 -12.81 35.16 -6.96
N GLY A 89 -13.32 36.05 -6.11
CA GLY A 89 -13.63 35.68 -4.75
C GLY A 89 -15.03 36.06 -4.33
N LYS A 90 -15.99 35.91 -5.24
CA LYS A 90 -17.36 36.29 -4.97
C LYS A 90 -18.27 35.06 -5.06
N LEU A 91 -19.51 35.24 -4.62
CA LEU A 91 -20.58 34.27 -4.77
C LEU A 91 -21.65 34.75 -5.73
N ILE A 92 -22.22 35.93 -5.49
CA ILE A 92 -23.13 36.56 -6.43
C ILE A 92 -22.28 37.53 -7.24
N CYS A 93 -21.75 37.03 -8.35
CA CYS A 93 -20.98 37.82 -9.29
C CYS A 93 -21.79 37.98 -10.56
N CYS A 94 -21.81 39.18 -11.12
CA CYS A 94 -22.56 39.43 -12.35
C CYS A 94 -21.68 40.05 -13.41
N THR A 95 -21.94 39.65 -14.66
CA THR A 95 -20.98 39.70 -15.74
C THR A 95 -21.53 40.63 -16.84
N ASN A 96 -20.86 40.67 -17.99
CA ASN A 96 -21.15 41.59 -19.07
C ASN A 96 -22.11 41.03 -20.11
N VAL A 97 -22.06 39.71 -20.34
CA VAL A 97 -22.78 39.14 -21.49
C VAL A 97 -24.28 39.10 -21.18
N PRO A 98 -25.14 39.55 -22.10
CA PRO A 98 -26.57 39.56 -21.82
C PRO A 98 -27.20 38.19 -22.02
N TRP A 99 -28.40 38.05 -21.46
CA TRP A 99 -29.13 36.80 -21.53
C TRP A 99 -29.70 36.63 -22.92
N ASN A 100 -29.18 35.65 -23.65
CA ASN A 100 -29.72 35.32 -24.96
C ASN A 100 -31.09 34.67 -24.78
N SER A 101 -32.12 35.28 -25.37
CA SER A 101 -33.50 34.85 -25.14
C SER A 101 -33.83 33.51 -25.79
N SER A 102 -32.96 32.98 -26.66
CA SER A 102 -33.20 31.66 -27.22
C SER A 102 -33.04 30.57 -26.16
N TRP A 103 -32.24 30.82 -25.13
CA TRP A 103 -32.12 29.85 -24.04
C TRP A 103 -33.39 29.78 -23.24
N SER A 104 -34.00 30.92 -22.94
CA SER A 104 -35.29 30.99 -22.27
C SER A 104 -35.91 32.35 -22.53
N ASN A 105 -37.23 32.38 -22.64
CA ASN A 105 -37.98 33.63 -22.78
C ASN A 105 -39.06 33.64 -21.69
N ARG A 106 -38.68 34.11 -20.51
CA ARG A 106 -39.55 34.12 -19.36
C ARG A 106 -39.44 35.47 -18.66
N ASN A 107 -40.44 35.76 -17.84
CA ASN A 107 -40.37 36.96 -17.03
C ASN A 107 -39.36 36.77 -15.90
N LEU A 108 -38.91 37.90 -15.33
CA LEU A 108 -38.04 37.82 -14.17
C LEU A 108 -38.78 37.34 -12.94
N SER A 109 -40.10 37.57 -12.89
CA SER A 109 -40.90 37.02 -11.81
C SER A 109 -41.15 35.53 -12.03
N GLU A 110 -41.16 35.09 -13.29
CA GLU A 110 -41.39 33.68 -13.53
C GLU A 110 -40.09 32.88 -13.49
N ILE A 111 -38.96 33.55 -13.25
CA ILE A 111 -37.67 32.87 -13.10
C ILE A 111 -37.26 32.89 -11.64
N TRP A 112 -37.38 34.04 -10.98
CA TRP A 112 -36.77 34.22 -9.67
C TRP A 112 -37.67 33.86 -8.50
N ASP A 113 -38.82 34.50 -8.34
CA ASP A 113 -39.59 34.29 -7.11
C ASP A 113 -40.79 33.36 -7.30
N ASN A 114 -40.69 32.37 -8.18
CA ASN A 114 -41.65 31.26 -8.13
C ASN A 114 -41.04 29.87 -8.30
N MET A 115 -39.88 29.71 -8.93
CA MET A 115 -39.37 28.39 -9.26
C MET A 115 -38.41 27.90 -8.17
N THR A 116 -37.70 26.82 -8.45
CA THR A 116 -36.64 26.36 -7.58
C THR A 116 -35.43 26.02 -8.45
N TRP A 117 -34.26 25.89 -7.82
CA TRP A 117 -33.02 25.77 -8.58
C TRP A 117 -32.89 24.42 -9.27
N LEU A 118 -33.57 23.41 -8.74
CA LEU A 118 -33.51 22.09 -9.37
C LEU A 118 -34.35 22.05 -10.64
N GLN A 119 -35.50 22.72 -10.64
CA GLN A 119 -36.27 22.83 -11.88
C GLN A 119 -35.58 23.75 -12.88
N TRP A 120 -34.78 24.69 -12.39
CA TRP A 120 -34.11 25.62 -13.30
C TRP A 120 -32.95 24.96 -14.02
N ASP A 121 -32.25 24.04 -13.33
CA ASP A 121 -31.08 23.42 -13.95
C ASP A 121 -31.46 22.46 -15.06
N LYS A 122 -32.63 21.82 -14.95
CA LYS A 122 -33.13 21.00 -16.04
C LYS A 122 -33.61 21.84 -17.22
N GLU A 123 -33.89 23.11 -16.99
CA GLU A 123 -34.43 23.97 -18.04
C GLU A 123 -33.33 24.45 -19.00
N ILE A 124 -32.14 24.71 -18.48
CA ILE A 124 -31.05 25.21 -19.32
C ILE A 124 -29.85 24.30 -19.25
N SER A 125 -30.08 22.99 -19.08
CA SER A 125 -28.98 22.05 -19.08
C SER A 125 -28.32 21.91 -20.44
N ASN A 126 -29.04 22.25 -21.52
CA ASN A 126 -28.46 22.21 -22.85
C ASN A 126 -27.62 23.44 -23.17
N TYR A 127 -27.82 24.53 -22.43
CA TYR A 127 -27.17 25.80 -22.73
C TYR A 127 -26.21 26.19 -21.61
N THR A 128 -25.44 25.23 -21.12
CA THR A 128 -24.41 25.53 -20.15
C THR A 128 -23.08 25.87 -20.83
N GLN A 129 -22.61 24.97 -21.71
CA GLN A 129 -21.32 25.18 -22.34
C GLN A 129 -21.35 26.29 -23.37
N ILE A 130 -22.54 26.67 -23.85
CA ILE A 130 -22.66 27.88 -24.66
C ILE A 130 -22.37 29.10 -23.79
N ILE A 131 -22.87 29.09 -22.55
CA ILE A 131 -22.66 30.21 -21.65
C ILE A 131 -21.23 30.22 -21.12
N TYR A 132 -20.69 29.05 -20.79
CA TYR A 132 -19.37 28.97 -20.18
C TYR A 132 -18.23 29.29 -21.15
N GLY A 133 -18.53 29.46 -22.43
CA GLY A 133 -17.54 29.97 -23.36
C GLY A 133 -17.79 31.44 -23.62
N LEU A 134 -19.02 31.89 -23.33
CA LEU A 134 -19.34 33.31 -23.50
C LEU A 134 -18.73 34.15 -22.39
N LEU A 135 -18.50 33.54 -21.23
CA LEU A 135 -17.97 34.29 -20.10
C LEU A 135 -16.46 34.48 -20.23
N GLU A 136 -15.75 33.46 -20.72
CA GLU A 136 -14.30 33.53 -20.79
C GLU A 136 -13.84 34.53 -21.84
N GLU A 137 -14.60 34.67 -22.93
CA GLU A 137 -14.19 35.61 -23.97
C GLU A 137 -14.52 37.04 -23.60
N SER A 138 -15.53 37.24 -22.74
CA SER A 138 -15.85 38.59 -22.30
C SER A 138 -14.92 39.06 -21.21
N GLN A 139 -14.13 38.15 -20.63
CA GLN A 139 -13.15 38.54 -19.64
C GLN A 139 -11.82 38.88 -20.29
N ASN A 140 -11.38 38.07 -21.25
CA ASN A 140 -10.11 38.34 -21.91
C ASN A 140 -10.20 39.57 -22.81
N GLN A 141 -11.40 39.88 -23.29
CA GLN A 141 -11.62 41.19 -23.91
C GLN A 141 -11.56 42.29 -22.88
N GLN A 142 -11.99 42.01 -21.65
CA GLN A 142 -12.07 43.05 -20.63
C GLN A 142 -10.71 43.40 -20.07
N GLU A 143 -9.85 42.40 -19.83
CA GLU A 143 -8.56 42.67 -19.22
C GLU A 143 -7.59 43.27 -20.23
N LYS A 144 -7.80 43.02 -21.51
CA LYS A 144 -6.96 43.67 -22.52
C LYS A 144 -7.43 45.08 -22.79
N ASN A 145 -8.66 45.43 -22.42
CA ASN A 145 -9.13 46.80 -22.58
C ASN A 145 -8.90 47.60 -21.30
N GLU A 146 -8.89 46.93 -20.15
CA GLU A 146 -8.53 47.61 -18.91
C GLU A 146 -7.06 47.98 -18.90
N GLN A 147 -6.21 47.09 -19.42
CA GLN A 147 -4.77 47.33 -19.41
C GLN A 147 -4.35 48.38 -20.43
N ASP A 148 -5.20 48.70 -21.39
CA ASP A 148 -4.94 49.79 -22.32
C ASP A 148 -5.65 51.08 -21.94
N LEU A 149 -6.46 51.06 -20.88
CA LEU A 149 -7.18 52.25 -20.42
C LEU A 149 -6.35 53.04 -19.41
N LEU A 150 -5.66 52.26 -18.55
CA LEU A 150 -4.75 52.82 -17.51
C LEU A 150 -3.31 52.86 -18.08
N ALA A 151 -3.09 52.27 -19.26
CA ALA A 151 -1.76 52.32 -19.91
C ALA A 151 -1.48 53.74 -20.38
N LEU A 152 -2.51 54.38 -20.94
CA LEU A 152 -2.33 55.74 -21.48
C LEU A 152 -1.90 56.60 -20.30
N ASP A 153 -2.49 56.35 -19.14
CA ASP A 153 -1.82 56.70 -17.87
C ASP A 153 -0.35 56.33 -17.99
N ASN B 3 -32.21 41.84 -23.00
CA ASN B 3 -31.92 42.94 -22.09
C ASN B 3 -31.46 42.42 -20.73
N LEU B 4 -31.86 41.20 -20.39
CA LEU B 4 -31.41 40.60 -19.15
C LEU B 4 -29.96 40.12 -19.30
N TRP B 5 -29.30 39.93 -18.16
CA TRP B 5 -27.85 39.74 -18.14
C TRP B 5 -27.48 38.47 -17.37
N VAL B 6 -26.49 37.76 -17.89
CA VAL B 6 -26.00 36.53 -17.26
C VAL B 6 -25.34 36.88 -15.93
N THR B 7 -25.52 36.01 -14.94
CA THR B 7 -25.03 36.27 -13.60
C THR B 7 -24.77 34.94 -12.93
N VAL B 8 -23.52 34.68 -12.56
CA VAL B 8 -23.21 33.39 -11.94
C VAL B 8 -23.69 33.39 -10.49
N TYR B 9 -23.80 32.19 -9.93
CA TYR B 9 -24.22 32.03 -8.54
C TYR B 9 -23.50 30.80 -8.00
N TYR B 10 -22.54 31.00 -7.12
CA TYR B 10 -21.76 29.88 -6.61
C TYR B 10 -22.43 29.29 -5.39
N GLY B 11 -22.70 27.99 -5.43
CA GLY B 11 -23.24 27.29 -4.29
C GLY B 11 -24.74 27.14 -4.25
N VAL B 12 -25.39 26.99 -5.40
CA VAL B 12 -26.83 26.79 -5.42
C VAL B 12 -27.11 25.33 -5.07
N PRO B 13 -28.23 25.02 -4.40
CA PRO B 13 -28.55 23.62 -4.13
C PRO B 13 -29.01 22.88 -5.37
N VAL B 14 -28.06 22.46 -6.20
CA VAL B 14 -28.35 21.73 -7.43
C VAL B 14 -27.46 20.50 -7.44
N TRP B 15 -28.06 19.31 -7.55
CA TRP B 15 -27.32 18.07 -7.51
C TRP B 15 -27.57 17.23 -8.75
N LYS B 16 -26.84 16.12 -8.82
CA LYS B 16 -26.96 15.16 -9.91
C LYS B 16 -26.76 13.77 -9.34
N ASP B 17 -27.35 12.78 -9.98
CA ASP B 17 -27.15 11.39 -9.58
C ASP B 17 -25.73 10.96 -9.93
N ALA B 18 -24.98 10.49 -8.95
CA ALA B 18 -23.61 10.06 -9.19
C ALA B 18 -23.30 8.90 -8.27
N GLU B 19 -22.03 8.46 -8.32
CA GLU B 19 -21.56 7.37 -7.49
C GLU B 19 -20.09 7.63 -7.15
N THR B 20 -19.68 7.19 -5.97
CA THR B 20 -18.34 7.45 -5.50
C THR B 20 -17.98 6.38 -4.47
N THR B 21 -16.90 6.63 -3.74
CA THR B 21 -16.41 5.72 -2.70
C THR B 21 -16.80 6.31 -1.36
N LEU B 22 -17.93 5.85 -0.84
CA LEU B 22 -18.35 6.23 0.49
C LEU B 22 -17.47 5.53 1.52
N PHE B 23 -17.18 6.20 2.62
CA PHE B 23 -16.30 5.63 3.62
C PHE B 23 -17.06 5.25 4.89
N CYS B 24 -16.37 4.50 5.73
CA CYS B 24 -16.92 3.92 6.95
C CYS B 24 -17.13 4.96 8.04
N ALA B 25 -17.92 4.57 9.04
CA ALA B 25 -18.08 5.30 10.29
C ALA B 25 -18.63 4.34 11.34
N SER B 26 -18.22 4.56 12.59
CA SER B 26 -18.67 3.71 13.68
C SER B 26 -18.70 4.55 14.95
N ASP B 27 -19.43 4.05 15.95
CA ASP B 27 -19.61 4.78 17.19
C ASP B 27 -18.39 4.63 18.08
N ALA B 28 -18.53 5.08 19.34
CA ALA B 28 -17.36 5.26 20.19
C ALA B 28 -16.91 3.94 20.83
N LYS B 29 -17.76 3.36 21.67
CA LYS B 29 -17.31 2.28 22.54
C LYS B 29 -17.17 0.96 21.79
N ALA B 30 -17.72 0.86 20.58
CA ALA B 30 -17.42 -0.29 19.72
C ALA B 30 -15.99 -0.25 19.19
N TYR B 31 -15.29 0.88 19.33
CA TYR B 31 -13.89 1.00 18.95
C TYR B 31 -12.93 0.97 20.13
N GLU B 32 -13.30 1.56 21.27
CA GLU B 32 -12.36 1.63 22.39
C GLU B 32 -12.29 0.33 23.19
N THR B 33 -13.21 -0.61 22.96
CA THR B 33 -13.15 -1.88 23.66
C THR B 33 -12.04 -2.78 23.13
N GLU B 34 -11.63 -2.59 21.86
CA GLU B 34 -10.48 -3.25 21.24
C GLU B 34 -10.62 -4.77 21.22
N LYS B 35 -11.79 -5.24 20.79
CA LYS B 35 -12.05 -6.66 20.69
C LYS B 35 -11.60 -7.25 19.35
N HIS B 36 -11.02 -6.42 18.47
CA HIS B 36 -10.53 -6.80 17.15
C HIS B 36 -11.64 -7.43 16.30
N ASN B 37 -12.66 -6.62 16.02
CA ASN B 37 -13.78 -7.08 15.23
C ASN B 37 -13.36 -7.32 13.78
N VAL B 38 -13.98 -8.32 13.16
CA VAL B 38 -13.59 -8.71 11.79
C VAL B 38 -13.99 -7.62 10.80
N TRP B 39 -15.04 -6.86 11.10
CA TRP B 39 -15.31 -5.60 10.39
C TRP B 39 -14.55 -4.53 11.15
N ALA B 40 -13.30 -4.31 10.74
CA ALA B 40 -12.32 -3.56 11.53
C ALA B 40 -12.67 -2.09 11.53
N THR B 41 -13.57 -1.73 12.45
CA THR B 41 -13.89 -0.33 12.69
C THR B 41 -12.93 0.34 13.66
N HIS B 42 -11.94 -0.38 14.17
CA HIS B 42 -10.91 0.22 15.00
C HIS B 42 -9.91 1.02 14.17
N ALA B 43 -9.81 0.74 12.88
CA ALA B 43 -9.06 1.56 11.95
C ALA B 43 -9.93 2.51 11.15
N CYS B 44 -11.23 2.54 11.45
CA CYS B 44 -12.21 3.37 10.76
C CYS B 44 -12.48 4.66 11.52
N VAL B 45 -13.17 5.57 10.85
CA VAL B 45 -13.42 6.91 11.39
C VAL B 45 -14.49 6.84 12.47
N PRO B 46 -14.28 7.44 13.64
CA PRO B 46 -15.38 7.55 14.61
C PRO B 46 -16.41 8.57 14.15
N THR B 47 -17.68 8.28 14.43
CA THR B 47 -18.76 9.05 13.87
C THR B 47 -19.00 10.33 14.66
N ASP B 48 -20.01 11.09 14.24
CA ASP B 48 -20.43 12.30 14.91
C ASP B 48 -21.19 11.95 16.19
N PRO B 49 -21.35 12.91 17.11
CA PRO B 49 -22.24 12.67 18.25
C PRO B 49 -23.70 12.54 17.85
N ASN B 50 -24.13 13.21 16.78
CA ASN B 50 -25.49 13.09 16.29
C ASN B 50 -25.52 13.39 14.80
N PRO B 51 -26.27 12.62 14.02
CA PRO B 51 -26.42 12.94 12.60
C PRO B 51 -27.30 14.17 12.41
N GLN B 52 -26.85 15.10 11.58
CA GLN B 52 -27.60 16.32 11.29
C GLN B 52 -28.60 16.01 10.19
N GLU B 53 -29.69 15.34 10.57
CA GLU B 53 -30.72 14.92 9.63
C GLU B 53 -31.54 16.15 9.25
N ILE B 54 -31.06 16.88 8.25
CA ILE B 54 -31.78 18.02 7.72
C ILE B 54 -32.96 17.52 6.91
N HIS B 55 -34.16 17.92 7.28
CA HIS B 55 -35.35 17.59 6.51
C HIS B 55 -35.60 18.68 5.48
N LEU B 56 -35.49 18.32 4.20
CA LEU B 56 -35.79 19.27 3.14
C LEU B 56 -37.31 19.41 2.99
N GLU B 57 -37.71 20.39 2.21
CA GLU B 57 -39.12 20.64 1.95
C GLU B 57 -39.35 20.75 0.46
N ASN B 58 -40.58 20.43 0.04
CA ASN B 58 -41.11 20.70 -1.29
C ASN B 58 -40.35 19.98 -2.42
N VAL B 59 -39.58 18.94 -2.10
CA VAL B 59 -38.72 18.29 -3.08
C VAL B 59 -39.12 16.83 -3.21
N THR B 60 -39.25 16.37 -4.46
CA THR B 60 -39.59 14.98 -4.77
C THR B 60 -38.47 14.40 -5.62
N GLU B 61 -37.66 13.53 -5.03
CA GLU B 61 -36.50 12.97 -5.70
C GLU B 61 -36.82 11.59 -6.27
N GLU B 62 -36.32 11.33 -7.48
CA GLU B 62 -36.55 10.06 -8.17
C GLU B 62 -35.63 9.01 -7.59
N PHE B 63 -36.15 8.17 -6.72
CA PHE B 63 -35.35 7.12 -6.09
C PHE B 63 -35.44 5.81 -6.84
N ASN B 64 -34.50 4.93 -6.53
CA ASN B 64 -34.46 3.57 -7.05
C ASN B 64 -33.58 2.76 -6.12
N MET B 65 -34.05 1.59 -5.70
CA MET B 65 -33.29 0.73 -4.81
C MET B 65 -32.63 -0.43 -5.52
N TRP B 66 -32.98 -0.68 -6.78
CA TRP B 66 -32.45 -1.84 -7.49
C TRP B 66 -31.24 -1.51 -8.34
N LYS B 67 -31.15 -0.29 -8.88
CA LYS B 67 -29.96 0.17 -9.56
C LYS B 67 -29.07 1.01 -8.66
N ASN B 68 -29.15 0.81 -7.35
CA ASN B 68 -28.32 1.52 -6.40
C ASN B 68 -26.87 1.06 -6.53
N ASN B 69 -25.96 1.94 -6.13
CA ASN B 69 -24.55 1.61 -6.16
C ASN B 69 -23.94 1.46 -4.78
N MET B 70 -24.67 1.78 -3.72
CA MET B 70 -24.13 1.56 -2.39
C MET B 70 -24.12 0.08 -2.01
N VAL B 71 -25.00 -0.73 -2.62
CA VAL B 71 -24.99 -2.15 -2.30
C VAL B 71 -23.92 -2.87 -3.12
N GLU B 72 -23.50 -2.31 -4.24
CA GLU B 72 -22.36 -2.87 -4.95
C GLU B 72 -21.06 -2.49 -4.25
N GLN B 73 -21.07 -1.38 -3.51
CA GLN B 73 -19.87 -0.95 -2.81
C GLN B 73 -19.82 -1.53 -1.40
N MET B 74 -20.97 -1.88 -0.84
CA MET B 74 -20.94 -2.57 0.45
C MET B 74 -20.52 -4.02 0.28
N HIS B 75 -20.95 -4.66 -0.81
CA HIS B 75 -20.62 -6.06 -1.04
C HIS B 75 -19.14 -6.24 -1.35
N THR B 76 -18.49 -5.21 -1.85
CA THR B 76 -17.04 -5.27 -2.04
C THR B 76 -16.30 -5.04 -0.74
N ASP B 77 -16.83 -4.19 0.14
CA ASP B 77 -16.14 -3.90 1.39
C ASP B 77 -16.32 -5.00 2.42
N ILE B 78 -17.43 -5.74 2.36
CA ILE B 78 -17.61 -6.85 3.30
C ILE B 78 -16.68 -8.00 2.93
N ILE B 79 -16.50 -8.25 1.63
CA ILE B 79 -15.55 -9.27 1.18
C ILE B 79 -14.13 -8.87 1.55
N SER B 80 -13.76 -7.62 1.31
CA SER B 80 -12.41 -7.18 1.61
C SER B 80 -12.17 -6.98 3.11
N LEU B 81 -13.21 -7.07 3.94
CA LEU B 81 -12.98 -7.09 5.38
C LEU B 81 -12.91 -8.52 5.89
N TRP B 82 -13.68 -9.41 5.26
CA TRP B 82 -13.65 -10.84 5.60
C TRP B 82 -12.44 -11.54 5.03
N ASP B 83 -11.65 -10.87 4.19
CA ASP B 83 -10.47 -11.45 3.57
C ASP B 83 -9.22 -10.90 4.24
N GLN B 84 -9.20 -9.59 4.49
CA GLN B 84 -8.06 -8.92 5.08
C GLN B 84 -7.88 -9.34 6.53
N SER B 85 -8.96 -9.72 7.19
CA SER B 85 -8.88 -10.18 8.57
C SER B 85 -8.59 -11.68 8.68
N LEU B 86 -8.19 -12.32 7.57
CA LEU B 86 -7.73 -13.70 7.60
C LEU B 86 -6.29 -13.86 7.17
N LYS B 87 -5.64 -12.81 6.70
CA LYS B 87 -4.22 -12.90 6.35
C LYS B 87 -3.28 -13.14 7.53
N PRO B 88 -3.46 -12.54 8.75
CA PRO B 88 -2.53 -12.92 9.84
C PRO B 88 -2.89 -14.20 10.56
N CYS B 89 -3.73 -15.06 9.99
CA CYS B 89 -4.11 -16.31 10.61
C CYS B 89 -3.37 -17.47 9.96
N VAL B 90 -3.44 -18.63 10.60
CA VAL B 90 -2.59 -19.76 10.28
C VAL B 90 -3.21 -20.61 9.17
N LYS B 91 -2.40 -20.94 8.16
CA LYS B 91 -2.83 -21.89 7.15
C LYS B 91 -2.92 -23.28 7.75
N LEU B 92 -3.99 -23.99 7.43
CA LEU B 92 -4.06 -25.40 7.82
C LEU B 92 -3.60 -26.32 6.70
N THR B 93 -2.45 -26.03 6.14
CA THR B 93 -1.86 -26.95 5.17
C THR B 93 -1.17 -28.20 5.71
N PRO B 94 -0.71 -28.32 6.97
CA PRO B 94 -0.34 -29.64 7.47
C PRO B 94 -1.50 -30.51 7.92
N LEU B 95 -2.74 -30.07 7.74
CA LEU B 95 -3.89 -30.88 8.13
C LEU B 95 -4.36 -31.83 7.05
N CYS B 96 -3.96 -31.62 5.80
CA CYS B 96 -4.38 -32.48 4.70
C CYS B 96 -3.61 -33.79 4.77
N VAL B 97 -4.03 -34.64 5.69
CA VAL B 97 -3.39 -35.93 5.92
C VAL B 97 -4.44 -37.00 5.72
N THR B 98 -4.06 -38.27 5.91
CA THR B 98 -5.02 -39.36 5.80
C THR B 98 -5.56 -39.64 7.19
N LEU B 99 -6.79 -39.21 7.43
CA LEU B 99 -7.46 -39.37 8.71
C LEU B 99 -7.93 -40.82 8.84
N GLN B 100 -8.13 -41.27 10.07
CA GLN B 100 -8.62 -42.63 10.33
C GLN B 100 -9.80 -42.52 11.28
N CYS B 101 -10.98 -42.30 10.73
CA CYS B 101 -12.13 -41.94 11.55
C CYS B 101 -12.96 -43.16 11.91
N THR B 102 -13.87 -42.96 12.85
CA THR B 102 -14.82 -43.96 13.30
C THR B 102 -15.99 -43.24 13.96
N ASN B 103 -17.10 -43.96 14.09
CA ASN B 103 -18.32 -43.35 14.60
C ASN B 103 -18.23 -43.15 16.11
N VAL B 104 -18.77 -42.04 16.59
CA VAL B 104 -18.88 -41.80 18.01
C VAL B 104 -20.24 -42.32 18.48
N THR B 105 -20.24 -43.15 19.51
CA THR B 105 -21.45 -43.71 20.12
C THR B 105 -21.38 -43.62 21.63
N ASN B 106 -20.97 -42.46 22.15
CA ASN B 106 -20.96 -42.27 23.59
C ASN B 106 -22.37 -42.08 24.10
N ASN B 107 -23.03 -41.00 23.68
CA ASN B 107 -24.44 -40.77 23.96
C ASN B 107 -25.05 -40.12 22.73
N ILE B 108 -25.62 -40.94 21.86
CA ILE B 108 -26.06 -40.55 20.53
C ILE B 108 -27.53 -40.89 20.35
N THR B 109 -28.33 -39.87 20.06
CA THR B 109 -29.72 -40.08 19.67
C THR B 109 -29.77 -40.40 18.19
N ASP B 110 -30.86 -41.06 17.76
CA ASP B 110 -30.90 -41.69 16.45
C ASP B 110 -31.02 -40.69 15.30
N ASP B 111 -31.37 -39.44 15.60
CA ASP B 111 -31.41 -38.45 14.53
C ASP B 111 -30.03 -37.89 14.23
N MET B 112 -29.22 -37.64 15.26
CA MET B 112 -27.81 -37.29 15.08
C MET B 112 -26.97 -38.57 15.16
N ARG B 113 -27.26 -39.49 14.24
CA ARG B 113 -26.77 -40.86 14.39
C ARG B 113 -25.29 -40.98 14.04
N GLY B 114 -24.90 -40.52 12.86
CA GLY B 114 -23.52 -40.59 12.45
C GLY B 114 -23.06 -39.24 11.92
N GLU B 115 -23.57 -38.18 12.52
CA GLU B 115 -23.34 -36.84 12.02
C GLU B 115 -21.91 -36.37 12.26
N LEU B 116 -21.35 -36.86 13.40
CA LEU B 116 -19.98 -36.47 13.82
C LEU B 116 -19.08 -37.68 13.97
N LYS B 117 -17.86 -37.62 13.42
CA LYS B 117 -16.95 -38.80 13.41
C LYS B 117 -15.73 -38.49 14.27
N ASN B 118 -15.08 -39.47 14.92
CA ASN B 118 -13.90 -39.26 15.84
C ASN B 118 -12.64 -39.54 15.05
N CYS B 119 -12.05 -38.54 14.38
CA CYS B 119 -10.95 -38.72 13.40
C CYS B 119 -9.61 -38.63 14.11
N SER B 120 -8.76 -39.63 13.95
CA SER B 120 -7.49 -39.67 14.66
C SER B 120 -6.35 -39.79 13.67
N PHE B 121 -5.45 -38.82 13.66
CA PHE B 121 -4.50 -38.69 12.57
C PHE B 121 -3.13 -38.33 13.12
N ASN B 122 -2.11 -38.69 12.35
CA ASN B 122 -0.74 -38.27 12.65
C ASN B 122 -0.58 -36.79 12.33
N MET B 123 0.33 -36.13 13.03
CA MET B 123 0.46 -34.70 12.88
C MET B 123 1.87 -34.28 13.26
N THR B 124 2.44 -33.34 12.50
CA THR B 124 3.76 -32.83 12.80
C THR B 124 3.75 -31.99 14.07
N THR B 125 4.78 -32.16 14.88
CA THR B 125 4.88 -31.47 16.16
C THR B 125 5.65 -30.17 15.99
N GLU B 126 6.06 -29.58 17.12
CA GLU B 126 6.83 -28.34 17.09
C GLU B 126 8.20 -28.54 16.48
N LEU B 127 8.80 -29.71 16.64
CA LEU B 127 10.04 -30.05 15.96
C LEU B 127 9.73 -30.65 14.60
N ARG B 128 10.61 -30.39 13.64
CA ARG B 128 10.35 -30.76 12.25
C ARG B 128 10.78 -32.18 11.92
N ASP B 129 10.99 -33.05 12.91
CA ASP B 129 11.29 -34.44 12.61
C ASP B 129 10.53 -35.46 13.44
N LYS B 130 9.91 -35.08 14.54
CA LYS B 130 9.04 -35.97 15.28
C LYS B 130 7.59 -35.77 14.83
N LYS B 131 6.74 -36.72 15.21
CA LYS B 131 5.37 -36.72 14.73
C LYS B 131 4.47 -37.29 15.82
N GLN B 132 3.49 -36.51 16.25
CA GLN B 132 2.58 -36.95 17.29
C GLN B 132 1.35 -37.62 16.68
N LYS B 133 0.58 -38.27 17.52
CA LYS B 133 -0.65 -38.95 17.11
C LYS B 133 -1.80 -38.33 17.89
N VAL B 134 -2.64 -37.56 17.20
CA VAL B 134 -3.71 -36.83 17.88
C VAL B 134 -5.05 -37.39 17.43
N TYR B 135 -6.13 -36.86 17.99
CA TYR B 135 -7.48 -37.22 17.57
C TYR B 135 -8.36 -35.99 17.70
N SER B 136 -9.54 -36.04 17.09
CA SER B 136 -10.40 -34.87 17.02
C SER B 136 -11.83 -35.32 16.86
N LEU B 137 -12.72 -34.38 16.52
CA LEU B 137 -14.13 -34.69 16.27
C LEU B 137 -14.62 -33.80 15.15
N PHE B 138 -14.72 -34.35 13.95
CA PHE B 138 -15.20 -33.62 12.79
C PHE B 138 -16.61 -34.08 12.42
N TYR B 139 -17.41 -33.16 11.92
CA TYR B 139 -18.74 -33.49 11.46
C TYR B 139 -18.66 -34.21 10.11
N ARG B 140 -19.76 -34.84 9.72
CA ARG B 140 -19.76 -35.59 8.46
C ARG B 140 -19.78 -34.67 7.25
N LEU B 141 -20.11 -33.40 7.41
CA LEU B 141 -20.01 -32.44 6.32
C LEU B 141 -18.61 -31.92 6.10
N ASP B 142 -17.60 -32.46 6.80
CA ASP B 142 -16.23 -32.04 6.63
C ASP B 142 -15.29 -33.17 6.25
N VAL B 143 -15.79 -34.39 6.12
CA VAL B 143 -14.93 -35.52 5.79
C VAL B 143 -15.54 -36.30 4.64
N VAL B 144 -14.71 -36.65 3.66
CA VAL B 144 -15.10 -37.55 2.59
C VAL B 144 -14.24 -38.80 2.72
N GLN B 145 -14.64 -39.84 2.02
CA GLN B 145 -13.95 -41.12 2.16
C GLN B 145 -12.91 -41.26 1.04
N ILE B 146 -11.80 -41.90 1.38
CA ILE B 146 -10.68 -42.05 0.47
C ILE B 146 -10.70 -43.41 -0.23
N ASN B 147 -10.81 -44.48 0.52
CA ASN B 147 -10.75 -45.81 -0.06
C ASN B 147 -12.09 -46.53 0.01
N LYS B 159 -12.03 -47.07 8.48
CA LYS B 159 -12.05 -46.52 7.13
C LYS B 159 -11.28 -45.22 7.09
N GLU B 160 -10.42 -45.06 6.09
CA GLU B 160 -9.59 -43.86 5.99
C GLU B 160 -10.37 -42.74 5.33
N TYR B 161 -10.33 -41.56 5.92
CA TYR B 161 -11.02 -40.39 5.41
C TYR B 161 -10.03 -39.32 5.05
N ARG B 162 -10.55 -38.18 4.61
CA ARG B 162 -9.77 -36.97 4.41
C ARG B 162 -10.74 -35.81 4.48
N LEU B 163 -10.18 -34.60 4.62
CA LEU B 163 -11.02 -33.42 4.70
C LEU B 163 -11.66 -33.11 3.36
N ILE B 164 -12.75 -32.33 3.40
CA ILE B 164 -13.51 -32.05 2.19
C ILE B 164 -12.82 -31.04 1.28
N ASN B 165 -11.78 -30.38 1.76
CA ASN B 165 -11.15 -29.29 1.03
C ASN B 165 -9.81 -29.67 0.41
N CYS B 166 -9.23 -30.80 0.78
CA CYS B 166 -7.83 -31.06 0.50
C CYS B 166 -7.53 -31.39 -0.96
N ASN B 167 -8.51 -31.18 -1.80
CA ASN B 167 -8.32 -31.36 -3.24
C ASN B 167 -8.98 -30.17 -3.88
N THR B 168 -8.84 -29.00 -3.27
CA THR B 168 -9.40 -27.79 -3.90
C THR B 168 -8.92 -26.51 -3.24
N SER B 169 -8.28 -26.57 -2.08
CA SER B 169 -7.71 -25.36 -1.46
C SER B 169 -7.28 -25.58 -0.03
N ALA B 170 -6.55 -24.63 0.53
CA ALA B 170 -6.13 -24.75 1.94
C ALA B 170 -7.10 -23.97 2.79
N CYS B 171 -6.82 -23.75 4.07
CA CYS B 171 -7.80 -23.19 4.88
C CYS B 171 -7.27 -22.37 6.02
N THR B 172 -7.26 -21.07 5.92
CA THR B 172 -6.93 -20.28 7.10
C THR B 172 -7.93 -20.60 8.19
N GLN B 173 -7.49 -21.05 9.36
CA GLN B 173 -8.41 -21.08 10.52
C GLN B 173 -8.72 -19.66 10.97
N ALA B 174 -9.98 -19.38 11.28
CA ALA B 174 -10.22 -18.06 11.84
C ALA B 174 -9.53 -17.94 13.18
N CYS B 175 -8.79 -16.86 13.36
CA CYS B 175 -8.15 -16.61 14.64
C CYS B 175 -9.23 -16.34 15.68
N PRO B 176 -9.24 -17.05 16.81
CA PRO B 176 -10.34 -16.89 17.78
C PRO B 176 -10.33 -15.57 18.55
N LYS B 177 -9.35 -14.70 18.32
CA LYS B 177 -9.43 -13.35 18.89
C LYS B 177 -10.53 -12.55 18.21
N VAL B 178 -10.68 -12.69 16.90
CA VAL B 178 -11.70 -11.93 16.18
C VAL B 178 -13.06 -12.59 16.38
N SER B 179 -14.11 -11.82 16.12
CA SER B 179 -15.47 -12.27 16.32
C SER B 179 -16.34 -11.81 15.17
N PHE B 180 -17.24 -12.67 14.72
CA PHE B 180 -18.10 -12.38 13.58
C PHE B 180 -19.40 -11.70 13.98
N GLU B 181 -19.50 -11.17 15.19
CA GLU B 181 -20.72 -10.50 15.60
C GLU B 181 -20.80 -9.14 14.91
N PRO B 182 -21.91 -8.82 14.27
CA PRO B 182 -21.98 -7.60 13.47
C PRO B 182 -22.15 -6.35 14.33
N ILE B 183 -21.11 -5.53 14.38
CA ILE B 183 -21.24 -4.20 14.97
C ILE B 183 -21.83 -3.29 13.89
N PRO B 184 -22.71 -2.36 14.25
CA PRO B 184 -23.34 -1.50 13.22
C PRO B 184 -22.33 -0.51 12.67
N ILE B 185 -22.15 -0.53 11.34
CA ILE B 185 -21.28 0.41 10.67
C ILE B 185 -22.15 1.43 9.95
N HIS B 186 -21.58 2.60 9.72
CA HIS B 186 -22.28 3.69 9.06
C HIS B 186 -21.55 4.07 7.79
N TYR B 187 -22.30 4.60 6.84
CA TYR B 187 -21.73 5.06 5.57
C TYR B 187 -21.91 6.56 5.47
N CYS B 188 -20.82 7.29 5.28
CA CYS B 188 -20.84 8.73 5.15
C CYS B 188 -20.40 9.13 3.75
N ALA B 189 -21.04 10.15 3.21
CA ALA B 189 -20.63 10.70 1.93
C ALA B 189 -19.34 11.51 2.12
N PRO B 190 -18.50 11.61 1.10
CA PRO B 190 -17.32 12.46 1.19
C PRO B 190 -17.71 13.93 1.07
N ALA B 191 -16.70 14.79 1.05
CA ALA B 191 -16.93 16.21 0.89
C ALA B 191 -17.36 16.52 -0.53
N GLY B 192 -18.45 17.25 -0.68
CA GLY B 192 -18.98 17.55 -1.99
C GLY B 192 -20.13 16.65 -2.42
N PHE B 193 -20.38 15.57 -1.71
CA PHE B 193 -21.46 14.65 -2.00
C PHE B 193 -22.52 14.76 -0.92
N ALA B 194 -23.63 14.06 -1.12
CA ALA B 194 -24.74 14.12 -0.19
C ALA B 194 -25.55 12.83 -0.28
N ILE B 195 -26.09 12.39 0.85
CA ILE B 195 -26.89 11.18 0.94
C ILE B 195 -28.32 11.56 1.24
N LEU B 196 -29.26 11.08 0.44
CA LEU B 196 -30.66 11.43 0.57
C LEU B 196 -31.44 10.25 1.13
N LYS B 197 -32.08 10.43 2.27
CA LYS B 197 -32.85 9.38 2.94
C LYS B 197 -34.33 9.62 2.72
N CYS B 198 -35.03 8.62 2.19
CA CYS B 198 -36.47 8.72 1.94
C CYS B 198 -37.21 8.53 3.25
N LYS B 199 -37.86 9.58 3.74
CA LYS B 199 -38.61 9.47 4.98
C LYS B 199 -40.08 9.12 4.75
N ASP B 200 -40.42 8.60 3.58
CA ASP B 200 -41.76 8.12 3.33
C ASP B 200 -41.95 6.75 3.95
N LYS B 201 -43.20 6.36 4.14
CA LYS B 201 -43.54 5.07 4.71
C LYS B 201 -44.16 4.10 3.72
N LYS B 202 -44.76 4.61 2.65
CA LYS B 202 -45.35 3.76 1.62
C LYS B 202 -44.50 3.70 0.35
N PHE B 203 -43.21 3.98 0.46
CA PHE B 203 -42.31 3.88 -0.68
C PHE B 203 -42.04 2.42 -0.98
N ASN B 204 -42.53 1.93 -2.12
CA ASN B 204 -42.40 0.49 -2.38
C ASN B 204 -41.03 0.15 -2.95
N GLY B 205 -40.77 0.50 -4.21
CA GLY B 205 -39.44 0.24 -4.73
C GLY B 205 -38.76 1.36 -5.47
N THR B 206 -39.53 2.22 -6.13
CA THR B 206 -38.99 3.15 -7.13
C THR B 206 -40.01 4.23 -7.45
N GLY B 207 -39.60 5.49 -7.35
CA GLY B 207 -40.44 6.58 -7.79
C GLY B 207 -40.18 7.83 -7.00
N PRO B 208 -41.07 8.81 -7.13
CA PRO B 208 -40.91 10.04 -6.37
C PRO B 208 -41.22 9.82 -4.90
N CYS B 209 -40.19 9.86 -4.06
CA CYS B 209 -40.38 9.88 -2.62
C CYS B 209 -40.55 11.34 -2.20
N PRO B 210 -41.76 11.80 -1.89
CA PRO B 210 -41.99 13.24 -1.73
C PRO B 210 -41.57 13.83 -0.40
N SER B 211 -40.93 13.06 0.47
CA SER B 211 -40.41 13.56 1.74
C SER B 211 -38.95 13.15 1.85
N VAL B 212 -38.08 13.94 1.27
CA VAL B 212 -36.66 13.67 1.26
C VAL B 212 -36.05 14.31 2.50
N SER B 213 -34.92 13.79 2.95
CA SER B 213 -34.19 14.37 4.07
C SER B 213 -32.73 14.01 3.94
N THR B 214 -31.87 15.00 3.69
CA THR B 214 -30.46 14.73 3.51
C THR B 214 -29.82 14.36 4.84
N VAL B 215 -28.76 13.57 4.76
CA VAL B 215 -28.14 12.93 5.91
C VAL B 215 -26.65 12.84 5.63
N GLN B 216 -25.83 13.26 6.59
CA GLN B 216 -24.39 13.18 6.38
C GLN B 216 -23.87 11.76 6.54
N CYS B 217 -24.45 10.98 7.47
CA CYS B 217 -23.97 9.65 7.79
C CYS B 217 -25.16 8.76 8.12
N THR B 218 -25.31 7.66 7.39
CA THR B 218 -26.44 6.76 7.53
C THR B 218 -26.44 6.09 8.91
N HIS B 219 -27.58 5.50 9.26
CA HIS B 219 -27.71 4.91 10.59
C HIS B 219 -26.94 3.58 10.65
N GLY B 220 -27.06 2.91 11.78
CA GLY B 220 -26.33 1.70 12.01
C GLY B 220 -26.78 0.55 11.14
N ILE B 221 -25.97 0.22 10.14
CA ILE B 221 -26.24 -0.90 9.25
C ILE B 221 -25.50 -2.12 9.80
N LYS B 222 -26.24 -3.18 10.07
CA LYS B 222 -25.64 -4.39 10.62
C LYS B 222 -25.21 -5.30 9.48
N PRO B 223 -23.92 -5.55 9.32
CA PRO B 223 -23.47 -6.45 8.23
C PRO B 223 -23.60 -7.92 8.62
N VAL B 224 -24.83 -8.38 8.71
CA VAL B 224 -25.15 -9.77 9.02
C VAL B 224 -25.40 -10.49 7.71
N VAL B 225 -25.02 -11.76 7.64
CA VAL B 225 -25.26 -12.59 6.46
C VAL B 225 -26.25 -13.69 6.83
N SER B 226 -27.21 -13.93 5.95
CA SER B 226 -28.21 -14.96 6.18
C SER B 226 -28.80 -15.38 4.84
N THR B 227 -29.67 -16.38 4.90
CA THR B 227 -30.31 -16.94 3.72
C THR B 227 -31.73 -17.30 4.10
N GLN B 228 -32.69 -16.92 3.24
CA GLN B 228 -34.14 -17.15 3.36
C GLN B 228 -34.81 -16.42 4.51
N LEU B 229 -34.05 -15.77 5.38
CA LEU B 229 -34.60 -15.14 6.58
C LEU B 229 -33.63 -14.05 6.98
N LEU B 230 -33.95 -12.80 6.69
CA LEU B 230 -33.08 -11.71 7.09
C LEU B 230 -33.19 -11.50 8.59
N LEU B 231 -32.05 -11.43 9.25
CA LEU B 231 -32.00 -11.39 10.71
C LEU B 231 -31.52 -10.03 11.17
N ASN B 232 -31.97 -9.65 12.36
CA ASN B 232 -31.68 -8.39 13.07
C ASN B 232 -31.70 -7.23 12.09
N GLY B 233 -32.74 -7.11 11.26
CA GLY B 233 -32.90 -6.03 10.32
C GLY B 233 -33.59 -4.82 10.93
N SER B 234 -33.88 -3.86 10.08
CA SER B 234 -34.64 -2.67 10.46
C SER B 234 -36.05 -2.80 9.92
N LEU B 235 -37.03 -2.62 10.79
CA LEU B 235 -38.39 -3.03 10.50
C LEU B 235 -39.18 -1.88 9.90
N ALA B 236 -39.92 -2.18 8.83
CA ALA B 236 -40.81 -1.18 8.24
C ALA B 236 -42.02 -0.98 9.14
N GLU B 237 -42.26 0.26 9.53
CA GLU B 237 -43.40 0.58 10.39
C GLU B 237 -44.69 0.56 9.59
N GLU B 238 -45.80 0.50 10.34
CA GLU B 238 -47.19 0.72 9.92
C GLU B 238 -47.78 -0.40 9.07
N GLU B 239 -46.95 -1.32 8.58
CA GLU B 239 -47.36 -2.33 7.60
C GLU B 239 -46.24 -3.34 7.43
N VAL B 240 -46.51 -4.37 6.65
CA VAL B 240 -45.49 -5.28 6.14
C VAL B 240 -45.40 -5.09 4.64
N MET B 241 -44.23 -4.70 4.16
CA MET B 241 -44.05 -4.28 2.78
C MET B 241 -43.35 -5.36 1.97
N ILE B 242 -43.61 -5.33 0.67
CA ILE B 242 -43.05 -6.30 -0.28
C ILE B 242 -42.36 -5.52 -1.38
N ARG B 243 -41.07 -5.78 -1.55
CA ARG B 243 -40.26 -5.15 -2.57
C ARG B 243 -39.93 -6.17 -3.65
N SER B 244 -39.90 -5.72 -4.90
CA SER B 244 -39.39 -6.53 -6.00
C SER B 244 -38.99 -5.60 -7.13
N GLU B 245 -37.99 -6.01 -7.90
CA GLU B 245 -37.63 -5.25 -9.09
C GLU B 245 -38.69 -5.37 -10.16
N ASN B 246 -39.39 -6.51 -10.22
CA ASN B 246 -40.58 -6.66 -11.09
C ASN B 246 -41.37 -7.88 -10.61
N ILE B 247 -42.57 -7.67 -10.09
CA ILE B 247 -43.32 -8.72 -9.41
C ILE B 247 -43.79 -9.80 -10.39
N THR B 248 -43.79 -9.53 -11.69
CA THR B 248 -44.20 -10.53 -12.65
C THR B 248 -43.04 -11.39 -13.14
N ASN B 249 -41.80 -10.91 -13.00
CA ASN B 249 -40.64 -11.70 -13.37
C ASN B 249 -40.43 -12.83 -12.37
N ASN B 250 -39.77 -13.90 -12.83
CA ASN B 250 -39.46 -15.03 -11.96
C ASN B 250 -38.03 -15.03 -11.46
N ALA B 251 -37.10 -14.49 -12.24
CA ALA B 251 -35.71 -14.45 -11.81
C ALA B 251 -35.48 -13.43 -10.72
N LYS B 252 -36.40 -12.49 -10.52
CA LYS B 252 -36.25 -11.45 -9.52
C LYS B 252 -36.81 -11.93 -8.19
N ASN B 253 -36.07 -11.67 -7.12
CA ASN B 253 -36.49 -12.07 -5.79
C ASN B 253 -37.63 -11.20 -5.30
N ILE B 254 -38.12 -11.50 -4.10
CA ILE B 254 -39.20 -10.77 -3.47
C ILE B 254 -38.79 -10.57 -2.03
N LEU B 255 -38.55 -9.33 -1.64
CA LEU B 255 -38.05 -9.02 -0.31
C LEU B 255 -39.23 -8.55 0.55
N VAL B 256 -39.55 -9.34 1.56
CA VAL B 256 -40.61 -9.01 2.50
C VAL B 256 -39.96 -8.39 3.72
N GLN B 257 -40.62 -7.39 4.31
CA GLN B 257 -40.10 -6.70 5.50
C GLN B 257 -41.21 -6.54 6.51
N PHE B 258 -41.06 -7.15 7.68
CA PHE B 258 -42.12 -7.22 8.67
C PHE B 258 -42.24 -5.90 9.43
N ASN B 259 -43.29 -5.80 10.24
CA ASN B 259 -43.45 -4.72 11.21
C ASN B 259 -43.27 -5.17 12.64
N THR B 260 -43.67 -6.40 12.95
CA THR B 260 -43.35 -7.01 14.22
C THR B 260 -42.33 -8.12 14.00
N PRO B 261 -41.33 -8.22 14.84
CA PRO B 261 -40.30 -9.24 14.61
C PRO B 261 -40.65 -10.54 15.29
N VAL B 262 -40.69 -11.64 14.55
CA VAL B 262 -40.85 -12.92 15.22
C VAL B 262 -39.51 -13.30 15.82
N GLN B 263 -39.55 -14.01 16.94
CA GLN B 263 -38.35 -14.28 17.71
C GLN B 263 -37.87 -15.68 17.41
N ILE B 264 -36.55 -15.84 17.36
CA ILE B 264 -35.96 -17.14 17.07
C ILE B 264 -34.95 -17.45 18.17
N ASN B 265 -34.93 -18.72 18.61
CA ASN B 265 -34.07 -19.16 19.71
C ASN B 265 -33.19 -20.27 19.18
N CYS B 266 -32.03 -19.92 18.65
CA CYS B 266 -31.16 -20.89 18.02
C CYS B 266 -30.09 -21.31 19.01
N THR B 267 -30.08 -22.59 19.34
CA THR B 267 -29.23 -23.10 20.41
C THR B 267 -28.46 -24.30 19.92
N ARG B 268 -27.48 -24.72 20.72
CA ARG B 268 -26.75 -25.95 20.50
C ARG B 268 -26.53 -26.62 21.84
N PRO B 269 -26.99 -27.87 22.01
CA PRO B 269 -26.99 -28.47 23.35
C PRO B 269 -25.66 -29.09 23.79
N ASN B 270 -24.71 -29.30 22.88
CA ASN B 270 -23.48 -29.97 23.25
C ASN B 270 -22.56 -29.05 24.05
N ASN B 271 -21.61 -29.66 24.75
CA ASN B 271 -20.68 -28.99 25.64
C ASN B 271 -19.25 -29.36 25.27
N ASN B 272 -18.91 -29.18 23.98
CA ASN B 272 -17.64 -29.63 23.45
C ASN B 272 -16.45 -28.85 24.04
N THR B 273 -15.32 -29.52 24.08
CA THR B 273 -14.10 -29.00 24.69
C THR B 273 -13.12 -28.64 23.57
N ARG B 274 -12.82 -27.36 23.44
CA ARG B 274 -11.80 -26.94 22.49
C ARG B 274 -10.42 -27.32 23.02
N LYS B 275 -9.66 -28.04 22.21
CA LYS B 275 -8.36 -28.55 22.61
C LYS B 275 -7.32 -28.10 21.60
N SER B 276 -6.25 -27.47 22.10
CA SER B 276 -5.23 -26.94 21.22
C SER B 276 -4.28 -28.03 20.77
N ILE B 277 -3.75 -27.88 19.56
CA ILE B 277 -2.80 -28.81 18.98
C ILE B 277 -1.68 -27.99 18.35
N ARG B 278 -0.44 -28.29 18.73
CA ARG B 278 0.71 -27.63 18.13
C ARG B 278 0.94 -28.18 16.73
N ILE B 279 0.88 -27.31 15.72
CA ILE B 279 1.28 -27.68 14.37
C ILE B 279 2.41 -26.73 13.97
N GLY B 280 3.61 -27.27 13.89
CA GLY B 280 4.78 -26.44 13.65
C GLY B 280 5.08 -25.54 14.83
N PRO B 281 5.95 -24.57 14.64
CA PRO B 281 6.30 -23.66 15.73
C PRO B 281 5.38 -22.46 15.81
N GLY B 282 4.75 -22.27 16.98
CA GLY B 282 3.97 -21.07 17.22
C GLY B 282 2.65 -20.99 16.49
N GLN B 283 2.17 -22.10 15.94
CA GLN B 283 0.90 -22.15 15.24
C GLN B 283 0.05 -23.23 15.86
N ALA B 284 -1.10 -22.86 16.40
CA ALA B 284 -1.99 -23.81 17.03
C ALA B 284 -3.16 -24.13 16.12
N PHE B 285 -3.75 -25.30 16.35
CA PHE B 285 -4.96 -25.73 15.66
C PHE B 285 -5.92 -26.29 16.69
N TYR B 286 -7.09 -25.68 16.79
CA TYR B 286 -8.05 -25.97 17.85
C TYR B 286 -9.06 -26.99 17.34
N ALA B 287 -9.32 -28.02 18.14
CA ALA B 287 -10.19 -29.10 17.72
C ALA B 287 -11.05 -29.58 18.87
N THR B 288 -12.27 -30.00 18.54
CA THR B 288 -13.19 -30.59 19.50
C THR B 288 -12.61 -31.89 20.05
N GLY B 289 -12.27 -31.90 21.33
CA GLY B 289 -11.72 -33.08 21.95
C GLY B 289 -12.76 -34.09 22.35
N ASP B 290 -13.68 -33.68 23.22
CA ASP B 290 -14.75 -34.56 23.67
C ASP B 290 -15.99 -33.73 23.95
N ILE B 291 -17.13 -34.41 23.94
CA ILE B 291 -18.42 -33.79 24.23
C ILE B 291 -18.77 -34.11 25.67
N ILE B 292 -18.76 -33.09 26.52
CA ILE B 292 -19.09 -33.24 27.93
C ILE B 292 -20.59 -33.48 28.05
N GLY B 293 -20.97 -34.67 28.48
CA GLY B 293 -22.37 -35.00 28.61
C GLY B 293 -22.88 -35.78 27.43
N ASP B 294 -24.14 -35.55 27.06
CA ASP B 294 -24.75 -36.25 25.94
C ASP B 294 -24.77 -35.37 24.70
N ILE B 295 -24.92 -36.01 23.54
CA ILE B 295 -24.85 -35.34 22.25
C ILE B 295 -26.24 -35.33 21.63
N ARG B 296 -26.72 -34.14 21.28
CA ARG B 296 -28.01 -33.97 20.65
C ARG B 296 -27.86 -32.98 19.49
N GLN B 297 -28.94 -32.83 18.72
CA GLN B 297 -28.93 -32.01 17.51
C GLN B 297 -29.28 -30.57 17.83
N ALA B 298 -28.57 -29.64 17.19
CA ALA B 298 -28.82 -28.22 17.39
C ALA B 298 -30.09 -27.81 16.66
N HIS B 299 -31.02 -27.18 17.38
CA HIS B 299 -32.32 -26.87 16.84
C HIS B 299 -32.54 -25.37 16.94
N CYS B 300 -33.68 -24.91 16.40
CA CYS B 300 -34.09 -23.52 16.49
C CYS B 300 -35.59 -23.45 16.69
N ASN B 301 -36.01 -22.56 17.59
CA ASN B 301 -37.40 -22.45 17.99
C ASN B 301 -37.99 -21.18 17.40
N VAL B 302 -39.30 -21.22 17.14
CA VAL B 302 -40.07 -20.03 16.82
C VAL B 302 -41.52 -20.31 17.20
N SER B 303 -42.15 -19.35 17.87
CA SER B 303 -43.50 -19.55 18.34
C SER B 303 -44.49 -19.44 17.19
N LYS B 304 -45.36 -20.44 17.07
CA LYS B 304 -46.24 -20.54 15.91
C LYS B 304 -47.37 -19.52 15.96
N ALA B 305 -47.73 -19.06 17.16
CA ALA B 305 -48.84 -18.11 17.27
C ALA B 305 -48.48 -16.76 16.67
N THR B 306 -47.22 -16.36 16.77
CA THR B 306 -46.82 -15.11 16.14
C THR B 306 -46.21 -15.35 14.76
N TRP B 307 -45.93 -16.60 14.42
CA TRP B 307 -45.43 -16.88 13.06
C TRP B 307 -46.57 -17.01 12.08
N ASN B 308 -47.57 -17.83 12.41
CA ASN B 308 -48.73 -18.01 11.54
C ASN B 308 -49.53 -16.73 11.42
N GLU B 309 -49.47 -15.85 12.41
CA GLU B 309 -50.01 -14.51 12.27
C GLU B 309 -49.20 -13.69 11.28
N THR B 310 -47.88 -13.85 11.29
CA THR B 310 -47.02 -13.06 10.41
C THR B 310 -47.13 -13.52 8.96
N LEU B 311 -47.36 -14.81 8.76
CA LEU B 311 -47.68 -15.27 7.41
C LEU B 311 -49.08 -14.81 6.99
N GLY B 312 -49.96 -14.57 7.95
CA GLY B 312 -51.27 -14.04 7.60
C GLY B 312 -51.23 -12.57 7.22
N LYS B 313 -50.18 -11.87 7.64
CA LYS B 313 -50.03 -10.48 7.24
C LYS B 313 -49.49 -10.38 5.82
N VAL B 314 -48.59 -11.28 5.43
CA VAL B 314 -47.95 -11.17 4.13
C VAL B 314 -48.92 -11.55 3.02
N VAL B 315 -49.75 -12.57 3.24
CA VAL B 315 -50.74 -12.99 2.25
C VAL B 315 -51.75 -11.89 2.01
N LYS B 316 -52.14 -11.16 3.06
CA LYS B 316 -53.03 -10.02 2.89
C LYS B 316 -52.36 -8.90 2.12
N GLN B 317 -51.04 -8.77 2.22
CA GLN B 317 -50.32 -7.78 1.44
C GLN B 317 -49.83 -8.30 0.10
N LEU B 318 -49.74 -9.63 -0.08
CA LEU B 318 -49.36 -10.17 -1.38
C LEU B 318 -50.53 -10.28 -2.32
N ARG B 319 -51.75 -10.16 -1.82
CA ARG B 319 -52.93 -10.20 -2.66
C ARG B 319 -53.28 -8.85 -3.25
N LYS B 320 -52.45 -7.84 -3.05
CA LYS B 320 -52.62 -6.58 -3.76
C LYS B 320 -52.02 -6.66 -5.16
N HIS B 321 -50.91 -7.38 -5.30
CA HIS B 321 -50.25 -7.46 -6.60
C HIS B 321 -50.82 -8.56 -7.48
N PHE B 322 -51.51 -9.55 -6.91
CA PHE B 322 -51.99 -10.69 -7.67
C PHE B 322 -53.50 -10.81 -7.74
N GLY B 323 -54.24 -10.04 -6.96
CA GLY B 323 -55.68 -10.17 -6.88
C GLY B 323 -56.12 -10.71 -5.53
N ASN B 324 -57.36 -10.42 -5.17
CA ASN B 324 -57.88 -10.80 -3.86
C ASN B 324 -58.57 -12.15 -3.85
N ASN B 325 -58.24 -13.04 -4.78
CA ASN B 325 -58.86 -14.36 -4.80
C ASN B 325 -57.90 -15.49 -5.08
N THR B 326 -56.61 -15.23 -5.23
CA THR B 326 -55.66 -16.28 -5.56
C THR B 326 -55.31 -17.10 -4.33
N ILE B 327 -55.13 -18.40 -4.52
CA ILE B 327 -54.75 -19.29 -3.44
C ILE B 327 -53.25 -19.18 -3.22
N ILE B 328 -52.83 -18.28 -2.35
CA ILE B 328 -51.40 -18.10 -2.07
C ILE B 328 -50.91 -19.30 -1.29
N ARG B 329 -49.85 -19.94 -1.78
CA ARG B 329 -49.31 -21.15 -1.21
C ARG B 329 -47.84 -20.94 -0.90
N PHE B 330 -47.34 -21.65 0.10
CA PHE B 330 -45.93 -21.66 0.40
C PHE B 330 -45.41 -23.09 0.30
N ALA B 331 -44.10 -23.22 0.17
CA ALA B 331 -43.47 -24.53 0.10
C ALA B 331 -42.02 -24.39 0.54
N ASN B 332 -41.36 -25.50 0.76
CA ASN B 332 -39.96 -25.42 1.22
C ASN B 332 -39.06 -25.40 0.04
N SER B 333 -37.80 -25.13 0.25
CA SER B 333 -36.86 -24.80 -0.81
C SER B 333 -36.76 -25.92 -1.83
N SER B 334 -36.50 -25.55 -3.08
CA SER B 334 -36.62 -26.52 -4.16
C SER B 334 -35.32 -27.30 -4.33
N GLY B 335 -34.22 -26.61 -4.57
CA GLY B 335 -32.95 -27.29 -4.75
C GLY B 335 -31.81 -26.35 -4.44
N GLY B 336 -30.61 -26.83 -4.70
CA GLY B 336 -29.40 -26.09 -4.43
C GLY B 336 -28.50 -26.86 -3.48
N ASP B 337 -27.39 -26.24 -3.14
CA ASP B 337 -26.51 -26.81 -2.14
C ASP B 337 -26.91 -26.27 -0.77
N LEU B 338 -26.11 -26.55 0.26
CA LEU B 338 -26.54 -26.37 1.63
C LEU B 338 -26.65 -24.92 2.07
N GLU B 339 -26.11 -23.98 1.31
CA GLU B 339 -26.15 -22.58 1.72
C GLU B 339 -27.36 -21.83 1.21
N VAL B 340 -28.20 -22.45 0.38
CA VAL B 340 -29.37 -21.76 -0.17
C VAL B 340 -30.61 -22.59 0.12
N THR B 341 -30.44 -23.90 0.21
CA THR B 341 -31.56 -24.76 0.51
C THR B 341 -31.92 -24.78 1.99
N THR B 342 -31.12 -24.13 2.84
CA THR B 342 -31.35 -24.06 4.27
C THR B 342 -30.97 -22.68 4.79
N HIS B 343 -31.56 -22.30 5.92
CA HIS B 343 -31.21 -21.07 6.61
C HIS B 343 -29.80 -21.17 7.14
N SER B 344 -28.96 -20.19 6.83
CA SER B 344 -27.54 -20.24 7.14
C SER B 344 -27.14 -18.96 7.86
N PHE B 345 -26.53 -19.08 9.03
CA PHE B 345 -26.09 -17.91 9.78
C PHE B 345 -24.92 -18.29 10.67
N ASN B 346 -24.38 -17.31 11.38
CA ASN B 346 -23.27 -17.52 12.32
C ASN B 346 -23.68 -17.02 13.70
N CYS B 347 -24.36 -17.88 14.45
CA CYS B 347 -24.79 -17.50 15.80
C CYS B 347 -23.63 -17.66 16.76
N GLY B 348 -23.04 -16.53 17.16
CA GLY B 348 -22.02 -16.52 18.20
C GLY B 348 -20.71 -17.17 17.83
N GLY B 349 -20.44 -17.35 16.55
CA GLY B 349 -19.18 -17.91 16.12
C GLY B 349 -19.21 -19.35 15.67
N GLU B 350 -20.39 -19.93 15.45
CA GLU B 350 -20.50 -21.24 14.84
C GLU B 350 -21.67 -21.24 13.87
N PHE B 351 -21.49 -21.93 12.75
CA PHE B 351 -22.33 -21.75 11.57
C PHE B 351 -23.43 -22.81 11.56
N PHE B 352 -24.68 -22.36 11.65
CA PHE B 352 -25.83 -23.24 11.66
C PHE B 352 -26.44 -23.28 10.27
N TYR B 353 -26.79 -24.47 9.81
CA TYR B 353 -27.50 -24.66 8.56
C TYR B 353 -28.86 -25.27 8.87
N CYS B 354 -29.85 -24.41 9.09
CA CYS B 354 -31.13 -24.83 9.67
C CYS B 354 -32.17 -25.11 8.60
N ASN B 355 -32.91 -26.20 8.80
CA ASN B 355 -33.87 -26.69 7.84
C ASN B 355 -35.20 -25.99 8.05
N THR B 356 -35.61 -25.16 7.09
CA THR B 356 -36.82 -24.36 7.20
C THR B 356 -37.99 -24.99 6.46
N SER B 357 -38.10 -26.32 6.45
CA SER B 357 -39.27 -26.93 5.83
C SER B 357 -40.47 -26.97 6.77
N GLY B 358 -40.33 -26.49 8.00
CA GLY B 358 -41.46 -26.45 8.91
C GLY B 358 -42.15 -25.11 8.87
N LEU B 359 -41.40 -24.07 8.52
CA LEU B 359 -41.99 -22.73 8.43
C LEU B 359 -42.85 -22.61 7.17
N PHE B 360 -42.24 -22.76 6.01
CA PHE B 360 -42.90 -22.49 4.73
C PHE B 360 -43.68 -23.72 4.31
N ASN B 361 -44.82 -23.92 4.94
CA ASN B 361 -45.73 -25.01 4.54
C ASN B 361 -47.15 -24.58 4.95
N SER B 362 -47.87 -23.97 4.01
CA SER B 362 -49.20 -23.45 4.28
C SER B 362 -49.99 -23.40 2.98
N THR B 363 -51.24 -22.95 3.09
CA THR B 363 -52.13 -22.73 1.95
C THR B 363 -53.26 -21.82 2.41
N TRP B 364 -53.47 -20.71 1.71
CA TRP B 364 -54.45 -19.70 2.12
C TRP B 364 -55.48 -19.58 1.01
N ILE B 365 -56.76 -19.79 1.35
CA ILE B 365 -57.75 -20.16 0.35
C ILE B 365 -58.70 -18.98 0.15
N SER B 366 -58.18 -17.76 0.33
CA SER B 366 -58.84 -16.50 -0.05
C SER B 366 -60.13 -16.26 0.75
N ASN B 367 -59.98 -16.23 2.06
CA ASN B 367 -61.09 -15.88 2.94
C ASN B 367 -60.57 -15.15 4.17
N SER B 378 -50.87 -22.09 23.00
CA SER B 378 -50.28 -21.44 21.83
C SER B 378 -48.77 -21.69 21.77
N ASN B 379 -48.21 -22.08 22.91
CA ASN B 379 -46.76 -22.28 23.04
C ASN B 379 -46.40 -23.70 22.56
N ASP B 380 -46.51 -23.91 21.25
CA ASP B 380 -46.14 -25.20 20.70
C ASP B 380 -44.81 -25.17 19.96
N SER B 381 -44.41 -24.00 19.41
CA SER B 381 -43.03 -23.66 19.13
C SER B 381 -42.38 -24.58 18.09
N ILE B 382 -42.71 -24.32 16.82
CA ILE B 382 -42.11 -24.95 15.64
C ILE B 382 -40.60 -25.05 15.74
N THR B 383 -40.06 -26.26 15.58
CA THR B 383 -38.65 -26.53 15.73
C THR B 383 -38.00 -26.74 14.37
N LEU B 384 -36.79 -26.24 14.21
CA LEU B 384 -36.04 -26.39 12.97
C LEU B 384 -34.74 -27.12 13.28
N PRO B 385 -34.60 -28.38 12.89
CA PRO B 385 -33.32 -29.07 13.15
C PRO B 385 -32.23 -28.56 12.23
N CYS B 386 -31.06 -28.30 12.82
CA CYS B 386 -29.96 -27.71 12.09
C CYS B 386 -28.76 -28.64 12.07
N ARG B 387 -27.90 -28.43 11.08
CA ARG B 387 -26.62 -29.10 10.97
C ARG B 387 -25.53 -28.05 11.04
N ILE B 388 -24.38 -28.42 11.59
CA ILE B 388 -23.29 -27.48 11.82
C ILE B 388 -22.09 -27.93 11.00
N LYS B 389 -21.53 -27.02 10.22
CA LYS B 389 -20.37 -27.27 9.39
C LYS B 389 -19.23 -26.39 9.88
N GLN B 390 -18.01 -26.77 9.52
CA GLN B 390 -16.84 -25.98 9.84
C GLN B 390 -16.05 -25.51 8.62
N ILE B 391 -15.97 -26.31 7.57
CA ILE B 391 -15.25 -25.90 6.35
C ILE B 391 -16.25 -25.10 5.53
N ILE B 392 -16.34 -23.80 5.83
CA ILE B 392 -17.31 -22.94 5.20
C ILE B 392 -16.68 -22.35 3.94
N ASN B 393 -17.50 -21.80 3.06
CA ASN B 393 -16.97 -21.11 1.89
C ASN B 393 -17.41 -19.65 1.86
N MET B 394 -18.71 -19.42 2.05
CA MET B 394 -19.34 -18.14 2.41
C MET B 394 -19.37 -17.11 1.28
N TRP B 395 -18.60 -17.31 0.20
CA TRP B 395 -18.67 -16.40 -0.94
C TRP B 395 -18.61 -17.14 -2.27
N GLN B 396 -18.45 -18.46 -2.24
CA GLN B 396 -18.24 -19.32 -3.40
C GLN B 396 -17.10 -18.81 -4.28
N ARG B 397 -15.92 -18.70 -3.67
CA ARG B 397 -14.71 -18.34 -4.38
C ARG B 397 -13.82 -19.57 -4.42
N ILE B 398 -13.48 -19.99 -5.63
CA ILE B 398 -12.64 -21.22 -5.80
C ILE B 398 -11.27 -20.92 -5.24
N GLY B 399 -10.88 -21.63 -4.20
CA GLY B 399 -9.57 -21.38 -3.58
C GLY B 399 -9.59 -20.74 -2.22
N GLN B 400 -10.76 -20.48 -1.65
CA GLN B 400 -10.80 -19.97 -0.26
C GLN B 400 -11.60 -20.96 0.59
N CYS B 401 -11.34 -20.96 1.89
CA CYS B 401 -12.05 -21.80 2.87
C CYS B 401 -11.61 -21.33 4.25
N MET B 402 -12.46 -21.49 5.27
CA MET B 402 -12.12 -20.86 6.58
C MET B 402 -12.58 -21.77 7.71
N TYR B 403 -11.76 -22.73 8.13
CA TYR B 403 -12.15 -23.64 9.22
C TYR B 403 -12.47 -22.91 10.50
N ALA B 404 -13.73 -22.63 10.79
CA ALA B 404 -14.20 -22.02 12.02
C ALA B 404 -13.70 -22.81 13.22
N PRO B 405 -12.96 -22.20 14.14
CA PRO B 405 -12.52 -22.93 15.32
C PRO B 405 -13.69 -23.23 16.24
N PRO B 406 -13.65 -24.35 16.95
CA PRO B 406 -14.80 -24.73 17.78
C PRO B 406 -14.89 -23.88 19.04
N ILE B 407 -16.07 -23.40 19.32
CA ILE B 407 -16.32 -22.63 20.53
C ILE B 407 -16.83 -23.59 21.59
N GLN B 408 -16.37 -23.41 22.83
CA GLN B 408 -16.70 -24.34 23.90
C GLN B 408 -17.91 -23.85 24.70
N GLY B 409 -18.50 -24.78 25.44
CA GLY B 409 -19.74 -24.51 26.14
C GLY B 409 -20.93 -24.61 25.21
N VAL B 410 -22.13 -24.61 25.82
CA VAL B 410 -23.34 -24.49 25.04
C VAL B 410 -23.40 -23.07 24.47
N ILE B 411 -24.02 -22.94 23.31
CA ILE B 411 -24.10 -21.66 22.63
C ILE B 411 -25.55 -21.45 22.19
N ARG B 412 -26.09 -20.27 22.48
CA ARG B 412 -27.50 -19.99 22.25
C ARG B 412 -27.67 -18.49 22.07
N CYS B 413 -28.34 -18.10 20.99
CA CYS B 413 -28.64 -16.70 20.75
C CYS B 413 -30.13 -16.53 20.48
N VAL B 414 -30.63 -15.34 20.79
CA VAL B 414 -32.02 -14.98 20.60
C VAL B 414 -32.08 -13.76 19.69
N SER B 415 -32.84 -13.86 18.62
CA SER B 415 -32.70 -12.88 17.54
C SER B 415 -34.04 -12.61 16.88
N ASN B 416 -34.11 -11.47 16.21
CA ASN B 416 -35.29 -11.14 15.41
C ASN B 416 -35.30 -11.97 14.14
N ILE B 417 -36.44 -11.95 13.46
CA ILE B 417 -36.54 -12.27 12.04
C ILE B 417 -37.39 -11.15 11.46
N THR B 418 -36.73 -10.17 10.84
CA THR B 418 -37.47 -9.02 10.34
C THR B 418 -37.78 -9.14 8.85
N GLY B 419 -36.84 -9.64 8.07
CA GLY B 419 -37.02 -9.78 6.64
C GLY B 419 -37.12 -11.24 6.24
N LEU B 420 -37.51 -11.44 4.99
CA LEU B 420 -37.79 -12.78 4.47
C LEU B 420 -37.77 -12.70 2.96
N ILE B 421 -37.01 -13.58 2.32
CA ILE B 421 -36.81 -13.55 0.87
C ILE B 421 -37.63 -14.67 0.24
N LEU B 422 -38.31 -14.35 -0.86
CA LEU B 422 -39.14 -15.31 -1.57
C LEU B 422 -38.83 -15.24 -3.05
N THR B 423 -38.96 -16.38 -3.73
CA THR B 423 -38.98 -16.43 -5.18
C THR B 423 -40.20 -17.23 -5.60
N ARG B 424 -41.03 -16.68 -6.48
CA ARG B 424 -42.15 -17.46 -6.98
C ARG B 424 -41.67 -18.42 -8.05
N ASP B 425 -42.59 -19.19 -8.63
CA ASP B 425 -42.12 -20.21 -9.56
C ASP B 425 -43.08 -20.40 -10.72
N GLY B 426 -42.49 -20.63 -11.89
CA GLY B 426 -43.09 -21.27 -13.04
C GLY B 426 -44.31 -20.61 -13.65
N GLY B 427 -44.84 -21.31 -14.64
CA GLY B 427 -46.04 -20.85 -15.31
C GLY B 427 -47.05 -21.96 -15.46
N SER B 428 -48.31 -21.66 -15.19
CA SER B 428 -49.35 -22.68 -15.21
C SER B 428 -50.54 -22.34 -16.08
N THR B 429 -50.56 -21.17 -16.73
CA THR B 429 -51.71 -20.61 -17.45
C THR B 429 -52.97 -20.55 -16.58
N ASN B 430 -52.77 -20.37 -15.27
CA ASN B 430 -53.88 -20.42 -14.32
C ASN B 430 -53.40 -19.63 -13.09
N SER B 431 -53.89 -18.39 -12.96
CA SER B 431 -53.41 -17.48 -11.93
C SER B 431 -54.17 -17.61 -10.63
N THR B 432 -54.77 -18.77 -10.36
CA THR B 432 -55.50 -18.96 -9.12
C THR B 432 -54.59 -19.40 -7.97
N THR B 433 -53.32 -19.72 -8.24
CA THR B 433 -52.43 -20.15 -7.18
C THR B 433 -50.99 -19.79 -7.53
N GLU B 434 -50.25 -19.34 -6.52
CA GLU B 434 -48.83 -19.01 -6.65
C GLU B 434 -48.11 -19.60 -5.46
N THR B 435 -47.12 -20.45 -5.69
CA THR B 435 -46.45 -21.18 -4.62
C THR B 435 -45.09 -20.54 -4.36
N PHE B 436 -45.03 -19.68 -3.37
CA PHE B 436 -43.79 -18.97 -3.06
C PHE B 436 -42.83 -19.85 -2.29
N ARG B 437 -41.57 -19.84 -2.70
CA ARG B 437 -40.53 -20.62 -2.08
C ARG B 437 -39.39 -19.71 -1.66
N PRO B 438 -38.76 -19.97 -0.52
CA PRO B 438 -37.62 -19.15 -0.12
C PRO B 438 -36.38 -19.48 -0.92
N GLY B 439 -35.47 -18.53 -0.95
CA GLY B 439 -34.21 -18.73 -1.64
C GLY B 439 -33.33 -17.51 -1.56
N GLY B 440 -32.06 -17.71 -1.23
CA GLY B 440 -31.14 -16.61 -1.00
C GLY B 440 -29.97 -16.61 -1.94
N GLY B 441 -30.23 -16.81 -3.23
CA GLY B 441 -29.21 -17.05 -4.25
C GLY B 441 -28.13 -15.98 -4.38
N ASP B 442 -28.36 -14.79 -3.86
CA ASP B 442 -27.34 -13.75 -3.78
C ASP B 442 -27.12 -13.38 -2.32
N MET B 443 -25.96 -12.78 -2.05
CA MET B 443 -25.62 -12.36 -0.71
C MET B 443 -25.78 -10.86 -0.52
N ARG B 444 -26.16 -10.12 -1.55
CA ARG B 444 -26.37 -8.69 -1.44
C ARG B 444 -27.84 -8.33 -1.32
N ASP B 445 -28.74 -9.31 -1.38
CA ASP B 445 -30.15 -9.02 -1.15
C ASP B 445 -30.43 -8.74 0.32
N ASN B 446 -29.56 -9.16 1.22
CA ASN B 446 -29.73 -8.81 2.63
C ASN B 446 -29.48 -7.33 2.85
N TRP B 447 -28.39 -6.81 2.28
CA TRP B 447 -28.02 -5.42 2.49
C TRP B 447 -28.85 -4.46 1.66
N ARG B 448 -29.46 -4.92 0.58
CA ARG B 448 -30.36 -4.06 -0.17
C ARG B 448 -31.68 -3.86 0.56
N SER B 449 -31.97 -4.68 1.56
CA SER B 449 -33.09 -4.45 2.45
C SER B 449 -32.79 -3.46 3.56
N GLU B 450 -31.60 -2.85 3.54
CA GLU B 450 -31.25 -1.81 4.51
C GLU B 450 -30.70 -0.55 3.87
N LEU B 451 -30.31 -0.58 2.60
CA LEU B 451 -29.85 0.59 1.87
C LEU B 451 -30.81 0.94 0.74
N TYR B 452 -32.11 0.82 1.01
CA TYR B 452 -33.10 1.20 0.02
C TYR B 452 -33.56 2.63 0.18
N LYS B 453 -33.43 3.19 1.39
CA LYS B 453 -33.81 4.57 1.62
C LYS B 453 -32.80 5.55 1.04
N TYR B 454 -31.59 5.10 0.74
CA TYR B 454 -30.47 5.99 0.50
C TYR B 454 -30.13 6.09 -0.98
N LYS B 455 -29.56 7.24 -1.33
CA LYS B 455 -29.00 7.50 -2.66
C LYS B 455 -27.98 8.60 -2.51
N VAL B 456 -26.85 8.46 -3.19
CA VAL B 456 -25.75 9.39 -3.08
C VAL B 456 -25.74 10.31 -4.30
N VAL B 457 -25.71 11.62 -4.05
CA VAL B 457 -25.72 12.62 -5.11
C VAL B 457 -24.55 13.57 -4.88
N LYS B 458 -24.05 14.14 -5.98
CA LYS B 458 -22.96 15.10 -5.91
C LYS B 458 -23.49 16.50 -6.14
N ILE B 459 -22.97 17.44 -5.38
CA ILE B 459 -23.43 18.82 -5.47
C ILE B 459 -22.77 19.48 -6.67
N GLU B 460 -23.56 20.20 -7.47
CA GLU B 460 -23.04 20.98 -8.59
C GLU B 460 -23.25 22.45 -8.25
N PRO B 461 -22.27 23.09 -7.61
CA PRO B 461 -22.55 24.38 -6.97
C PRO B 461 -22.65 25.56 -7.92
N LEU B 462 -22.02 25.53 -9.09
CA LEU B 462 -22.16 26.64 -10.02
C LEU B 462 -23.56 26.68 -10.62
N GLY B 463 -23.96 27.86 -11.02
CA GLY B 463 -25.23 28.04 -11.67
C GLY B 463 -25.40 29.47 -12.15
N VAL B 464 -25.80 29.64 -13.40
CA VAL B 464 -26.01 30.96 -13.94
C VAL B 464 -27.51 31.22 -13.96
N ALA B 465 -27.88 32.50 -14.02
CA ALA B 465 -29.28 32.90 -14.03
C ALA B 465 -29.36 34.33 -14.54
N PRO B 466 -30.40 34.69 -15.27
CA PRO B 466 -30.54 36.08 -15.72
C PRO B 466 -31.12 36.98 -14.64
N THR B 467 -30.46 38.11 -14.42
CA THR B 467 -31.00 39.20 -13.63
C THR B 467 -30.49 40.51 -14.23
N ARG B 468 -30.73 41.60 -13.53
CA ARG B 468 -30.35 42.92 -14.04
C ARG B 468 -29.09 43.43 -13.33
N CYS B 469 -27.96 42.99 -13.86
CA CYS B 469 -26.65 43.55 -13.54
C CYS B 469 -26.01 44.13 -14.79
N LYS B 470 -25.47 45.32 -14.68
CA LYS B 470 -24.59 45.88 -15.70
C LYS B 470 -23.31 46.30 -15.01
N ARG B 471 -22.19 45.67 -15.39
CA ARG B 471 -20.92 45.90 -14.73
C ARG B 471 -20.43 47.34 -14.94
N ARG B 472 -19.68 47.83 -13.96
CA ARG B 472 -19.32 49.25 -13.96
C ARG B 472 -18.22 49.56 -14.96
N VAL B 473 -17.05 48.93 -14.78
CA VAL B 473 -15.91 49.19 -15.64
C VAL B 473 -16.11 48.56 -17.01
N LEU C 1 -50.05 -15.99 -24.32
CA LEU C 1 -49.87 -15.36 -25.62
C LEU C 1 -50.65 -16.14 -26.66
N THR C 2 -50.94 -15.48 -27.78
CA THR C 2 -51.69 -16.11 -28.85
C THR C 2 -51.25 -15.52 -30.18
N GLN C 3 -50.75 -16.38 -31.06
CA GLN C 3 -50.38 -15.98 -32.41
C GLN C 3 -51.52 -16.32 -33.37
N SER C 4 -51.90 -15.35 -34.19
CA SER C 4 -53.16 -15.45 -34.93
C SER C 4 -53.13 -16.44 -36.11
N PRO C 5 -52.30 -16.26 -37.15
CA PRO C 5 -52.65 -16.90 -38.43
C PRO C 5 -52.37 -18.39 -38.52
N GLY C 6 -51.35 -18.91 -37.84
CA GLY C 6 -51.08 -20.32 -37.87
C GLY C 6 -50.18 -20.76 -39.01
N THR C 7 -50.66 -20.62 -40.24
CA THR C 7 -49.84 -20.94 -41.41
C THR C 7 -49.89 -19.77 -42.37
N LEU C 8 -48.76 -19.50 -43.03
CA LEU C 8 -48.65 -18.45 -44.04
C LEU C 8 -47.95 -19.04 -45.25
N SER C 9 -48.70 -19.25 -46.34
CA SER C 9 -48.17 -19.85 -47.56
C SER C 9 -48.00 -18.75 -48.60
N LEU C 10 -46.79 -18.20 -48.68
CA LEU C 10 -46.50 -17.10 -49.58
C LEU C 10 -45.30 -17.44 -50.45
N SER C 11 -45.22 -16.77 -51.60
CA SER C 11 -44.18 -16.74 -52.62
C SER C 11 -43.12 -15.72 -52.22
N PRO C 12 -41.83 -16.02 -52.49
CA PRO C 12 -40.74 -15.20 -51.92
C PRO C 12 -40.71 -13.80 -52.53
N GLY C 13 -40.91 -12.80 -51.68
CA GLY C 13 -40.94 -11.42 -52.12
C GLY C 13 -42.08 -10.65 -51.50
N GLU C 14 -43.14 -11.36 -51.11
CA GLU C 14 -44.30 -10.71 -50.51
C GLU C 14 -44.02 -10.34 -49.05
N THR C 15 -44.99 -9.68 -48.44
CA THR C 15 -44.91 -9.30 -47.05
C THR C 15 -45.78 -10.21 -46.20
N ALA C 16 -45.37 -10.41 -44.95
CA ALA C 16 -46.05 -11.35 -44.06
C ALA C 16 -46.17 -10.75 -42.67
N ILE C 17 -47.37 -10.79 -42.11
CA ILE C 17 -47.66 -10.24 -40.80
C ILE C 17 -47.98 -11.38 -39.84
N ILE C 18 -47.49 -11.27 -38.61
CA ILE C 18 -47.77 -12.22 -37.54
C ILE C 18 -48.05 -11.41 -36.28
N SER C 19 -49.20 -11.65 -35.65
CA SER C 19 -49.64 -10.86 -34.50
C SER C 19 -49.71 -11.73 -33.25
N CYS C 20 -49.01 -11.31 -32.20
CA CYS C 20 -48.95 -12.04 -30.93
C CYS C 20 -49.72 -11.26 -29.87
N ARG C 21 -50.97 -11.65 -29.65
CA ARG C 21 -51.86 -11.00 -28.68
C ARG C 21 -51.41 -11.35 -27.27
N THR C 22 -50.75 -10.42 -26.59
CA THR C 22 -50.27 -10.68 -25.25
C THR C 22 -51.37 -10.44 -24.23
N SER C 23 -51.10 -10.77 -22.96
CA SER C 23 -52.07 -10.61 -21.89
C SER C 23 -51.61 -9.66 -20.80
N GLN C 24 -50.44 -9.88 -20.21
CA GLN C 24 -49.93 -9.02 -19.15
C GLN C 24 -48.74 -8.22 -19.67
N TYR C 25 -48.35 -7.22 -18.88
CA TYR C 25 -47.33 -6.25 -19.30
C TYR C 25 -45.95 -6.90 -19.26
N GLY C 26 -45.51 -7.43 -20.39
CA GLY C 26 -44.19 -8.01 -20.49
C GLY C 26 -43.51 -7.59 -21.77
N SER C 27 -42.18 -7.64 -21.74
CA SER C 27 -41.39 -7.31 -22.91
C SER C 27 -41.36 -8.53 -23.82
N LEU C 28 -42.07 -8.45 -24.94
CA LEU C 28 -42.14 -9.55 -25.90
C LEU C 28 -40.81 -9.69 -26.64
N ALA C 29 -40.60 -10.88 -27.20
CA ALA C 29 -39.44 -11.13 -28.03
C ALA C 29 -39.81 -12.23 -29.02
N TRP C 30 -39.25 -12.15 -30.22
CA TRP C 30 -39.64 -13.05 -31.29
C TRP C 30 -38.51 -14.03 -31.60
N TYR C 31 -38.90 -15.25 -31.98
CA TYR C 31 -37.96 -16.31 -32.28
C TYR C 31 -38.30 -16.93 -33.61
N GLN C 32 -37.27 -17.43 -34.29
CA GLN C 32 -37.42 -18.04 -35.61
C GLN C 32 -36.67 -19.35 -35.65
N GLN C 33 -37.38 -20.44 -35.88
CA GLN C 33 -36.79 -21.77 -35.95
C GLN C 33 -36.93 -22.31 -37.37
N ARG C 34 -35.83 -22.36 -38.09
CA ARG C 34 -35.81 -23.14 -39.31
C ARG C 34 -35.75 -24.61 -38.96
N PRO C 35 -36.30 -25.49 -39.80
CA PRO C 35 -36.30 -26.92 -39.48
C PRO C 35 -34.89 -27.50 -39.54
N GLY C 36 -34.54 -28.25 -38.50
CA GLY C 36 -33.23 -28.85 -38.41
C GLY C 36 -32.20 -28.05 -37.66
N GLN C 37 -32.61 -27.04 -36.88
CA GLN C 37 -31.68 -26.19 -36.16
C GLN C 37 -32.33 -25.75 -34.85
N ALA C 38 -31.57 -24.98 -34.08
CA ALA C 38 -31.99 -24.27 -32.88
C ALA C 38 -32.61 -22.94 -33.27
N PRO C 39 -33.62 -22.47 -32.54
CA PRO C 39 -34.17 -21.14 -32.81
C PRO C 39 -33.18 -20.05 -32.44
N ARG C 40 -33.46 -18.85 -32.93
CA ARG C 40 -32.59 -17.71 -32.66
C ARG C 40 -33.43 -16.47 -32.48
N LEU C 41 -32.84 -15.49 -31.81
CA LEU C 41 -33.51 -14.24 -31.51
C LEU C 41 -33.47 -13.34 -32.74
N VAL C 42 -34.61 -12.71 -33.05
CA VAL C 42 -34.70 -11.77 -34.15
C VAL C 42 -35.13 -10.38 -33.67
N ILE C 43 -36.15 -10.32 -32.83
CA ILE C 43 -36.66 -9.08 -32.24
C ILE C 43 -36.70 -9.27 -30.74
N TYR C 44 -36.22 -8.28 -29.99
CA TYR C 44 -36.43 -8.29 -28.56
C TYR C 44 -36.89 -6.91 -28.09
N SER C 45 -37.52 -6.91 -26.91
CA SER C 45 -38.20 -5.76 -26.31
C SER C 45 -39.29 -5.18 -27.23
N GLY C 46 -39.88 -6.01 -28.06
CA GLY C 46 -40.97 -5.59 -28.92
C GLY C 46 -40.59 -5.05 -30.27
N SER C 47 -39.63 -4.13 -30.30
CA SER C 47 -39.29 -3.38 -31.51
C SER C 47 -37.84 -3.52 -31.92
N THR C 48 -36.92 -3.60 -30.96
CA THR C 48 -35.50 -3.65 -31.27
C THR C 48 -35.12 -4.96 -31.95
N ARG C 49 -34.50 -4.86 -33.13
CA ARG C 49 -34.02 -6.07 -33.79
C ARG C 49 -32.79 -6.61 -33.06
N ALA C 50 -32.57 -7.91 -33.20
CA ALA C 50 -31.43 -8.56 -32.57
C ALA C 50 -30.15 -8.22 -33.32
N ALA C 51 -29.02 -8.66 -32.76
CA ALA C 51 -27.73 -8.42 -33.40
C ALA C 51 -27.57 -9.37 -34.58
N GLY C 52 -27.26 -8.80 -35.75
CA GLY C 52 -27.12 -9.59 -36.95
C GLY C 52 -28.45 -9.88 -37.61
N ILE C 53 -29.20 -8.83 -37.92
CA ILE C 53 -30.52 -8.96 -38.52
C ILE C 53 -30.55 -8.10 -39.78
N PRO C 54 -31.03 -8.62 -40.92
CA PRO C 54 -30.96 -7.88 -42.18
C PRO C 54 -32.00 -6.78 -42.35
N ASP C 55 -32.68 -6.38 -41.27
CA ASP C 55 -33.68 -5.30 -41.23
C ASP C 55 -34.87 -5.53 -42.15
N ARG C 56 -35.08 -6.76 -42.61
CA ARG C 56 -36.32 -7.13 -43.27
C ARG C 56 -37.42 -7.49 -42.28
N PHE C 57 -37.10 -7.44 -40.99
CA PHE C 57 -38.00 -7.74 -39.89
C PHE C 57 -38.35 -6.45 -39.16
N SER C 58 -39.55 -6.41 -38.57
CA SER C 58 -40.03 -5.19 -37.94
C SER C 58 -41.04 -5.52 -36.86
N GLY C 59 -40.92 -4.84 -35.73
CA GLY C 59 -41.84 -5.02 -34.61
C GLY C 59 -42.57 -3.72 -34.31
N SER C 60 -43.84 -3.83 -33.97
CA SER C 60 -44.67 -2.67 -33.69
C SER C 60 -45.71 -3.04 -32.65
N ARG C 61 -45.84 -2.21 -31.61
CA ARG C 61 -46.74 -2.49 -30.50
C ARG C 61 -47.84 -1.45 -30.46
N TRP C 62 -49.09 -1.90 -30.38
CA TRP C 62 -50.22 -1.04 -30.05
C TRP C 62 -50.92 -1.65 -28.85
N GLY C 63 -50.45 -1.28 -27.66
CA GLY C 63 -51.06 -1.71 -26.43
C GLY C 63 -50.84 -3.17 -26.13
N PRO C 64 -51.93 -3.93 -25.97
CA PRO C 64 -51.84 -5.38 -25.80
C PRO C 64 -51.85 -6.11 -27.14
N ASP C 65 -51.00 -5.67 -28.06
CA ASP C 65 -50.90 -6.27 -29.38
C ASP C 65 -49.51 -5.98 -29.91
N TYR C 66 -48.93 -6.95 -30.60
CA TYR C 66 -47.65 -6.78 -31.25
C TYR C 66 -47.76 -7.34 -32.65
N ASN C 67 -46.89 -6.88 -33.54
CA ASN C 67 -46.84 -7.39 -34.89
C ASN C 67 -45.42 -7.80 -35.23
N LEU C 68 -45.30 -8.70 -36.19
CA LEU C 68 -44.03 -8.97 -36.86
C LEU C 68 -44.32 -8.92 -38.34
N THR C 69 -43.94 -7.82 -38.99
CA THR C 69 -44.12 -7.68 -40.43
C THR C 69 -42.76 -7.93 -41.08
N ILE C 70 -42.65 -9.06 -41.78
CA ILE C 70 -41.48 -9.35 -42.60
C ILE C 70 -41.70 -8.73 -43.97
N SER C 71 -40.72 -7.96 -44.43
CA SER C 71 -40.91 -7.15 -45.63
C SER C 71 -40.87 -8.00 -46.90
N ASN C 72 -39.73 -8.63 -47.17
CA ASN C 72 -39.54 -9.43 -48.37
C ASN C 72 -39.07 -10.83 -47.99
N LEU C 73 -39.88 -11.83 -48.29
CA LEU C 73 -39.57 -13.19 -47.88
C LEU C 73 -38.47 -13.78 -48.75
N GLU C 74 -37.55 -14.48 -48.12
CA GLU C 74 -36.37 -15.02 -48.77
C GLU C 74 -36.39 -16.55 -48.69
N SER C 75 -35.28 -17.16 -49.08
CA SER C 75 -35.21 -18.62 -49.15
C SER C 75 -35.13 -19.23 -47.76
N GLY C 76 -34.20 -18.77 -46.94
CA GLY C 76 -34.00 -19.34 -45.62
C GLY C 76 -34.80 -18.67 -44.53
N ASP C 77 -36.04 -18.28 -44.83
CA ASP C 77 -36.92 -17.65 -43.85
C ASP C 77 -38.23 -18.40 -43.66
N PHE C 78 -38.44 -19.53 -44.35
CA PHE C 78 -39.71 -20.23 -44.31
C PHE C 78 -39.70 -21.27 -43.20
N GLY C 79 -39.65 -20.77 -41.96
CA GLY C 79 -39.61 -21.64 -40.81
C GLY C 79 -40.84 -21.54 -39.94
N VAL C 80 -40.66 -21.43 -38.62
CA VAL C 80 -41.76 -21.24 -37.70
C VAL C 80 -41.38 -20.11 -36.75
N TYR C 81 -42.39 -19.41 -36.23
CA TYR C 81 -42.17 -18.17 -35.50
C TYR C 81 -42.90 -18.19 -34.15
N TYR C 82 -42.17 -17.94 -33.08
CA TYR C 82 -42.68 -17.92 -31.72
C TYR C 82 -42.48 -16.55 -31.10
N CYS C 83 -43.44 -16.12 -30.29
CA CYS C 83 -43.31 -14.91 -29.49
C CYS C 83 -43.18 -15.32 -28.03
N GLN C 84 -42.36 -14.60 -27.28
CA GLN C 84 -41.94 -15.06 -25.96
C GLN C 84 -41.96 -13.90 -24.95
N GLN C 85 -42.92 -13.95 -24.02
CA GLN C 85 -42.91 -13.10 -22.84
C GLN C 85 -42.00 -13.70 -21.78
N TYR C 86 -42.19 -13.28 -20.52
CA TYR C 86 -41.62 -14.05 -19.42
C TYR C 86 -42.11 -15.48 -19.49
N GLU C 87 -41.20 -16.40 -19.84
CA GLU C 87 -41.32 -17.87 -19.81
C GLU C 87 -42.48 -18.46 -20.61
N PHE C 88 -43.28 -17.66 -21.31
CA PHE C 88 -44.43 -18.16 -22.03
C PHE C 88 -44.21 -18.00 -23.53
N PHE C 89 -44.37 -19.08 -24.27
CA PHE C 89 -44.13 -19.05 -25.70
C PHE C 89 -45.44 -19.12 -26.46
N GLY C 90 -45.41 -18.68 -27.71
CA GLY C 90 -46.61 -18.63 -28.51
C GLY C 90 -46.99 -19.97 -29.08
N GLN C 91 -48.09 -19.97 -29.83
CA GLN C 91 -48.56 -21.20 -30.46
C GLN C 91 -47.65 -21.60 -31.61
N GLY C 92 -46.98 -20.62 -32.23
CA GLY C 92 -46.13 -20.90 -33.37
C GLY C 92 -46.84 -20.72 -34.69
N THR C 93 -46.28 -19.90 -35.56
CA THR C 93 -46.81 -19.71 -36.90
C THR C 93 -45.77 -20.15 -37.93
N LYS C 94 -46.13 -21.15 -38.73
CA LYS C 94 -45.24 -21.71 -39.74
C LYS C 94 -45.46 -20.97 -41.05
N VAL C 95 -44.49 -20.15 -41.43
CA VAL C 95 -44.55 -19.46 -42.71
C VAL C 95 -43.90 -20.33 -43.77
N GLN C 96 -44.53 -20.40 -44.94
CA GLN C 96 -44.05 -21.24 -46.05
C GLN C 96 -44.60 -20.76 -47.38
N GLN D 1 -16.62 -15.21 -26.97
CA GLN D 1 -17.70 -16.04 -27.46
C GLN D 1 -18.36 -16.83 -26.34
N VAL D 2 -19.56 -17.35 -26.61
CA VAL D 2 -20.31 -18.13 -25.64
C VAL D 2 -20.70 -19.43 -26.32
N GLN D 3 -20.21 -20.55 -25.77
CA GLN D 3 -20.44 -21.87 -26.35
C GLN D 3 -21.22 -22.71 -25.37
N LEU D 4 -22.31 -23.31 -25.83
CA LEU D 4 -23.11 -24.23 -25.04
C LEU D 4 -23.02 -25.61 -25.70
N VAL D 5 -21.96 -26.34 -25.36
CA VAL D 5 -21.71 -27.66 -25.93
C VAL D 5 -22.60 -28.67 -25.23
N GLN D 6 -23.64 -29.11 -25.90
CA GLN D 6 -24.66 -29.94 -25.28
C GLN D 6 -24.29 -31.41 -25.42
N SER D 7 -25.21 -32.29 -25.02
CA SER D 7 -24.98 -33.72 -25.06
C SER D 7 -25.48 -34.31 -26.37
N GLY D 8 -25.56 -35.64 -26.42
CA GLY D 8 -26.04 -36.33 -27.60
C GLY D 8 -27.42 -36.91 -27.41
N GLY D 9 -28.10 -37.23 -28.51
CA GLY D 9 -29.48 -37.66 -28.43
C GLY D 9 -29.61 -39.07 -27.88
N GLN D 10 -30.67 -39.28 -27.10
CA GLN D 10 -30.93 -40.56 -26.44
C GLN D 10 -32.25 -41.11 -26.92
N MET D 11 -32.49 -42.39 -26.61
CA MET D 11 -33.73 -43.07 -27.02
C MET D 11 -34.19 -43.92 -25.83
N LYS D 12 -35.01 -43.33 -24.97
CA LYS D 12 -35.39 -43.95 -23.71
C LYS D 12 -36.59 -44.87 -23.90
N LYS D 13 -37.17 -45.29 -22.79
CA LYS D 13 -38.35 -46.14 -22.72
C LYS D 13 -39.24 -45.58 -21.62
N PRO D 14 -40.56 -45.80 -21.67
CA PRO D 14 -41.46 -45.21 -20.67
C PRO D 14 -41.22 -45.78 -19.29
N GLY D 15 -40.86 -44.89 -18.36
CA GLY D 15 -40.59 -45.29 -16.99
C GLY D 15 -39.20 -44.92 -16.54
N GLU D 16 -38.23 -45.01 -17.43
CA GLU D 16 -36.86 -44.70 -17.09
C GLU D 16 -36.66 -43.19 -17.04
N SER D 17 -35.59 -42.78 -16.38
CA SER D 17 -35.23 -41.38 -16.30
C SER D 17 -34.32 -41.02 -17.47
N MET D 18 -33.74 -39.82 -17.44
CA MET D 18 -32.71 -39.45 -18.39
C MET D 18 -31.72 -38.57 -17.66
N ARG D 19 -30.60 -38.29 -18.33
CA ARG D 19 -29.65 -37.30 -17.81
C ARG D 19 -28.92 -36.69 -18.99
N ILE D 20 -29.25 -35.45 -19.31
CA ILE D 20 -28.62 -34.74 -20.40
C ILE D 20 -27.73 -33.65 -19.80
N SER D 21 -26.74 -33.23 -20.58
CA SER D 21 -25.73 -32.31 -20.11
C SER D 21 -25.80 -31.00 -20.88
N CYS D 22 -25.03 -30.02 -20.39
CA CYS D 22 -24.86 -28.74 -21.07
C CYS D 22 -23.63 -28.08 -20.49
N ARG D 23 -22.61 -27.89 -21.31
CA ARG D 23 -21.33 -27.37 -20.85
C ARG D 23 -21.18 -25.93 -21.31
N ALA D 24 -21.28 -24.98 -20.38
CA ALA D 24 -21.17 -23.57 -20.70
C ALA D 24 -19.72 -23.14 -20.54
N SER D 25 -19.19 -22.48 -21.57
CA SER D 25 -17.80 -22.07 -21.56
C SER D 25 -17.63 -20.84 -22.43
N GLY D 26 -16.81 -19.91 -21.96
CA GLY D 26 -16.54 -18.70 -22.71
C GLY D 26 -16.81 -17.45 -21.91
N TYR D 27 -17.85 -17.49 -21.08
CA TYR D 27 -18.20 -16.40 -20.20
C TYR D 27 -17.99 -16.85 -18.76
N GLU D 28 -18.16 -15.91 -17.84
CA GLU D 28 -18.03 -16.22 -16.42
C GLU D 28 -19.27 -17.00 -15.97
N PHE D 29 -19.09 -18.28 -15.67
CA PHE D 29 -20.21 -19.18 -15.50
C PHE D 29 -20.98 -18.93 -14.21
N ILE D 30 -20.31 -18.46 -13.16
CA ILE D 30 -20.91 -18.47 -11.84
C ILE D 30 -21.72 -17.20 -11.57
N ASP D 31 -21.97 -16.40 -12.60
CA ASP D 31 -22.81 -15.23 -12.43
C ASP D 31 -24.12 -15.31 -13.18
N CYS D 32 -24.10 -15.52 -14.48
CA CYS D 32 -25.31 -15.46 -15.28
C CYS D 32 -26.06 -16.78 -15.24
N THR D 33 -27.39 -16.70 -15.25
CA THR D 33 -28.23 -17.87 -15.07
C THR D 33 -28.23 -18.73 -16.33
N LEU D 34 -28.96 -19.84 -16.26
CA LEU D 34 -29.22 -20.67 -17.43
C LEU D 34 -30.72 -20.85 -17.57
N ASN D 35 -31.13 -21.74 -18.46
CA ASN D 35 -32.53 -22.10 -18.64
C ASN D 35 -32.55 -23.48 -19.25
N TRP D 36 -33.74 -24.03 -19.43
CA TRP D 36 -33.88 -25.35 -20.02
C TRP D 36 -35.22 -25.40 -20.73
N ILE D 37 -35.23 -25.37 -22.06
CA ILE D 37 -36.46 -25.33 -22.83
C ILE D 37 -36.51 -26.55 -23.71
N ARG D 38 -37.68 -27.15 -23.83
CA ARG D 38 -37.90 -28.25 -24.77
C ARG D 38 -38.87 -27.84 -25.84
N LEU D 39 -38.66 -28.32 -27.06
CA LEU D 39 -39.49 -27.99 -28.20
C LEU D 39 -40.13 -29.26 -28.73
N ALA D 40 -41.41 -29.45 -28.43
CA ALA D 40 -42.15 -30.55 -29.00
C ALA D 40 -42.34 -30.34 -30.49
N PRO D 41 -42.54 -31.42 -31.27
CA PRO D 41 -42.73 -31.22 -32.71
C PRO D 41 -44.03 -30.55 -33.07
N GLY D 42 -45.10 -30.82 -32.34
CA GLY D 42 -46.40 -30.26 -32.66
C GLY D 42 -47.12 -29.60 -31.49
N LYS D 43 -46.36 -28.95 -30.61
CA LYS D 43 -46.95 -28.27 -29.47
C LYS D 43 -46.24 -26.94 -29.28
N ARG D 44 -46.61 -26.23 -28.21
CA ARG D 44 -45.89 -25.04 -27.82
C ARG D 44 -44.49 -25.41 -27.32
N PRO D 45 -43.54 -24.50 -27.44
CA PRO D 45 -42.35 -24.59 -26.60
C PRO D 45 -42.72 -24.50 -25.14
N GLU D 46 -41.98 -25.22 -24.30
CA GLU D 46 -42.28 -25.27 -22.88
C GLU D 46 -41.01 -24.98 -22.11
N TRP D 47 -41.03 -23.91 -21.34
CA TRP D 47 -39.94 -23.62 -20.43
C TRP D 47 -40.00 -24.58 -19.25
N MET D 48 -38.84 -24.92 -18.69
CA MET D 48 -38.80 -25.91 -17.61
C MET D 48 -38.12 -25.45 -16.34
N GLY D 49 -37.11 -24.58 -16.41
CA GLY D 49 -36.63 -23.98 -15.18
C GLY D 49 -35.21 -23.43 -15.21
N TRP D 50 -34.94 -22.32 -14.53
CA TRP D 50 -33.60 -21.75 -14.58
C TRP D 50 -32.70 -22.38 -13.53
N LEU D 51 -31.46 -21.90 -13.50
CA LEU D 51 -30.46 -22.39 -12.57
C LEU D 51 -29.42 -21.31 -12.40
N LYS D 52 -29.44 -20.58 -11.30
CA LYS D 52 -28.37 -19.64 -11.02
C LYS D 52 -27.17 -20.41 -10.50
N PRO D 53 -26.07 -20.50 -11.27
CA PRO D 53 -25.06 -21.53 -10.99
C PRO D 53 -24.24 -21.29 -9.74
N ARG D 54 -24.15 -20.07 -9.24
CA ARG D 54 -23.65 -19.85 -7.89
C ARG D 54 -24.71 -20.33 -6.92
N TRP D 55 -24.37 -21.38 -6.15
CA TRP D 55 -25.19 -22.16 -5.22
C TRP D 55 -26.27 -23.00 -5.89
N GLY D 56 -26.46 -22.91 -7.20
CA GLY D 56 -27.38 -23.81 -7.88
C GLY D 56 -28.85 -23.63 -7.53
N ALA D 57 -29.28 -22.39 -7.32
CA ALA D 57 -30.66 -22.13 -6.93
C ALA D 57 -31.58 -22.32 -8.12
N VAL D 58 -32.45 -23.32 -8.05
CA VAL D 58 -33.26 -23.72 -9.18
C VAL D 58 -34.68 -23.22 -8.98
N ASN D 59 -35.48 -23.30 -10.04
CA ASN D 59 -36.88 -22.90 -9.99
C ASN D 59 -37.62 -23.60 -11.12
N TYR D 60 -38.29 -24.71 -10.83
CA TYR D 60 -38.86 -25.54 -11.88
C TYR D 60 -40.24 -25.03 -12.27
N ALA D 61 -40.64 -25.38 -13.48
CA ALA D 61 -41.98 -25.03 -13.96
C ALA D 61 -43.02 -25.90 -13.27
N ARG D 62 -44.13 -25.28 -12.90
CA ARG D 62 -45.18 -25.93 -12.12
C ARG D 62 -45.89 -27.14 -12.75
N PRO D 63 -45.97 -27.32 -14.07
CA PRO D 63 -46.38 -28.65 -14.56
C PRO D 63 -45.34 -29.75 -14.38
N LEU D 64 -44.09 -29.42 -14.07
CA LEU D 64 -43.05 -30.41 -13.83
C LEU D 64 -42.55 -30.33 -12.40
N GLN D 65 -43.45 -30.12 -11.46
CA GLN D 65 -43.05 -30.06 -10.07
C GLN D 65 -42.83 -31.47 -9.54
N GLY D 66 -41.65 -31.70 -8.96
CA GLY D 66 -41.33 -33.00 -8.42
C GLY D 66 -40.94 -34.04 -9.43
N ARG D 67 -40.71 -33.65 -10.69
CA ARG D 67 -40.17 -34.58 -11.68
C ARG D 67 -38.79 -34.16 -12.15
N VAL D 68 -38.64 -32.94 -12.69
CA VAL D 68 -37.36 -32.49 -13.19
C VAL D 68 -36.46 -32.11 -12.01
N THR D 69 -35.17 -32.36 -12.16
CA THR D 69 -34.19 -31.84 -11.22
C THR D 69 -32.96 -31.36 -12.00
N MET D 70 -32.38 -30.26 -11.52
CA MET D 70 -31.31 -29.59 -12.25
C MET D 70 -30.13 -29.38 -11.32
N THR D 71 -28.99 -29.95 -11.67
CA THR D 71 -27.78 -29.77 -10.90
C THR D 71 -26.80 -28.94 -11.70
N ARG D 72 -25.69 -28.58 -11.07
CA ARG D 72 -24.57 -27.96 -11.77
C ARG D 72 -23.28 -28.55 -11.22
N GLN D 73 -22.19 -28.27 -11.90
CA GLN D 73 -20.89 -28.74 -11.43
C GLN D 73 -19.86 -27.70 -11.85
N LEU D 74 -19.36 -26.93 -10.89
CA LEU D 74 -18.47 -25.83 -11.20
C LEU D 74 -17.08 -26.35 -11.58
N SER D 75 -16.21 -25.42 -11.94
CA SER D 75 -14.83 -25.74 -12.27
C SER D 75 -13.97 -25.38 -11.07
N GLN D 76 -13.43 -26.40 -10.41
CA GLN D 76 -12.56 -26.17 -9.26
C GLN D 76 -11.10 -25.98 -9.66
N ASP D 77 -10.84 -25.76 -10.93
CA ASP D 77 -9.51 -25.39 -11.39
C ASP D 77 -9.32 -23.89 -11.24
N PRO D 78 -8.36 -23.42 -10.43
CA PRO D 78 -8.14 -21.98 -10.32
C PRO D 78 -7.56 -21.34 -11.58
N ASP D 79 -7.03 -22.14 -12.50
CA ASP D 79 -6.56 -21.60 -13.78
C ASP D 79 -7.70 -21.25 -14.70
N ASP D 80 -8.71 -22.13 -14.80
CA ASP D 80 -9.82 -21.97 -15.74
C ASP D 80 -11.11 -21.91 -14.96
N PRO D 81 -11.47 -20.74 -14.43
CA PRO D 81 -12.70 -20.65 -13.62
C PRO D 81 -13.95 -20.41 -14.43
N ASP D 82 -13.85 -19.88 -15.64
CA ASP D 82 -15.02 -19.46 -16.40
C ASP D 82 -15.55 -20.56 -17.31
N TRP D 83 -15.78 -21.74 -16.75
CA TRP D 83 -16.48 -22.80 -17.45
C TRP D 83 -17.17 -23.69 -16.42
N GLY D 84 -18.10 -24.50 -16.89
CA GLY D 84 -18.79 -25.42 -16.00
C GLY D 84 -19.94 -26.06 -16.74
N THR D 85 -20.39 -27.19 -16.21
CA THR D 85 -21.45 -27.96 -16.83
C THR D 85 -22.76 -27.66 -16.12
N ALA D 86 -23.84 -28.24 -16.65
CA ALA D 86 -25.15 -28.17 -16.02
C ALA D 86 -25.96 -29.37 -16.48
N PHE D 87 -26.50 -30.13 -15.54
CA PHE D 87 -27.20 -31.35 -15.85
C PHE D 87 -28.69 -31.19 -15.62
N LEU D 88 -29.47 -32.04 -16.26
CA LEU D 88 -30.90 -32.13 -16.08
C LEU D 88 -31.26 -33.59 -15.93
N GLU D 89 -32.33 -33.89 -15.22
CA GLU D 89 -32.78 -35.26 -15.06
C GLU D 89 -34.28 -35.26 -14.91
N LEU D 90 -34.98 -35.90 -15.83
CA LEU D 90 -36.43 -35.91 -15.85
C LEU D 90 -36.90 -37.33 -15.55
N ARG D 91 -37.30 -37.57 -14.31
CA ARG D 91 -37.77 -38.89 -13.93
C ARG D 91 -39.14 -39.17 -14.51
N SER D 92 -39.47 -40.46 -14.58
CA SER D 92 -40.80 -40.98 -14.93
C SER D 92 -41.26 -40.48 -16.31
N LEU D 93 -40.50 -40.89 -17.33
CA LEU D 93 -40.76 -40.43 -18.68
C LEU D 93 -42.05 -41.00 -19.23
N THR D 94 -42.63 -40.29 -20.20
CA THR D 94 -43.87 -40.69 -20.83
C THR D 94 -43.70 -40.45 -22.32
N VAL D 95 -44.68 -40.88 -23.11
CA VAL D 95 -44.68 -40.67 -24.55
C VAL D 95 -44.76 -39.19 -24.90
N ASP D 96 -45.37 -38.38 -24.03
CA ASP D 96 -45.54 -36.95 -24.29
C ASP D 96 -44.23 -36.16 -24.15
N ASP D 97 -43.17 -36.76 -23.64
CA ASP D 97 -41.90 -36.04 -23.47
C ASP D 97 -40.97 -36.19 -24.67
N THR D 98 -41.50 -36.62 -25.80
CA THR D 98 -40.72 -36.72 -27.03
C THR D 98 -40.48 -35.32 -27.56
N ALA D 99 -39.29 -34.77 -27.34
CA ALA D 99 -39.00 -33.43 -27.77
C ALA D 99 -37.52 -33.29 -28.05
N VAL D 100 -37.06 -32.06 -28.16
CA VAL D 100 -35.65 -31.73 -28.27
C VAL D 100 -35.34 -30.65 -27.24
N TYR D 101 -34.30 -30.87 -26.43
CA TYR D 101 -34.12 -30.14 -25.19
C TYR D 101 -32.95 -29.19 -25.31
N PHE D 102 -33.20 -27.91 -25.07
CA PHE D 102 -32.23 -26.85 -25.27
C PHE D 102 -31.86 -26.23 -23.94
N CYS D 103 -30.61 -25.78 -23.83
CA CYS D 103 -30.12 -25.12 -22.62
C CYS D 103 -29.71 -23.70 -22.97
N THR D 104 -30.67 -22.79 -22.89
CA THR D 104 -30.46 -21.45 -23.40
C THR D 104 -29.77 -20.59 -22.36
N ARG D 105 -29.71 -19.28 -22.62
CA ARG D 105 -29.03 -18.30 -21.79
C ARG D 105 -29.50 -16.93 -22.23
N GLY D 106 -29.49 -15.97 -21.32
CA GLY D 106 -29.95 -14.64 -21.65
C GLY D 106 -28.99 -13.89 -22.57
N LYS D 107 -29.43 -12.71 -23.00
CA LYS D 107 -28.56 -11.89 -23.85
C LYS D 107 -27.47 -11.24 -23.01
N ASN D 108 -27.86 -10.39 -22.07
CA ASN D 108 -27.00 -9.91 -21.01
C ASN D 108 -27.62 -10.30 -19.69
N CYS D 109 -26.81 -10.75 -18.74
CA CYS D 109 -27.38 -11.38 -17.55
C CYS D 109 -27.73 -10.37 -16.47
N ASP D 110 -28.51 -9.37 -16.86
CA ASP D 110 -29.32 -8.57 -15.96
C ASP D 110 -30.80 -8.70 -16.29
N TYR D 111 -31.12 -9.28 -17.44
CA TYR D 111 -32.47 -9.67 -17.81
C TYR D 111 -32.37 -11.05 -18.44
N ASN D 112 -33.18 -11.99 -17.95
CA ASN D 112 -32.98 -13.39 -18.32
C ASN D 112 -33.67 -13.75 -19.62
N TRP D 113 -34.83 -13.18 -19.90
CA TRP D 113 -35.77 -13.79 -20.83
C TRP D 113 -35.54 -13.40 -22.28
N ASP D 114 -34.31 -13.05 -22.65
CA ASP D 114 -33.93 -12.86 -24.05
C ASP D 114 -32.96 -13.99 -24.40
N PHE D 115 -33.51 -15.14 -24.79
CA PHE D 115 -32.70 -16.34 -24.98
C PHE D 115 -31.95 -16.21 -26.30
N GLU D 116 -30.78 -15.56 -26.23
CA GLU D 116 -29.96 -15.39 -27.41
C GLU D 116 -29.18 -16.65 -27.73
N HIS D 117 -28.29 -17.05 -26.82
CA HIS D 117 -27.49 -18.24 -27.04
C HIS D 117 -28.29 -19.49 -26.70
N TRP D 118 -28.32 -20.43 -27.63
CA TRP D 118 -29.03 -21.68 -27.44
C TRP D 118 -28.04 -22.83 -27.56
N GLY D 119 -28.55 -24.05 -27.44
CA GLY D 119 -27.75 -25.24 -27.59
C GLY D 119 -28.09 -25.94 -28.90
N ARG D 120 -27.29 -26.95 -29.22
CA ARG D 120 -27.50 -27.66 -30.47
C ARG D 120 -28.71 -28.58 -30.43
N GLY D 121 -29.25 -28.87 -29.26
CA GLY D 121 -30.37 -29.77 -29.17
C GLY D 121 -29.96 -31.15 -28.72
N THR D 122 -30.84 -31.79 -27.94
CA THR D 122 -30.62 -33.14 -27.43
C THR D 122 -31.88 -33.94 -27.67
N PRO D 123 -32.07 -34.44 -28.90
CA PRO D 123 -33.38 -35.01 -29.27
C PRO D 123 -33.68 -36.33 -28.59
N VAL D 124 -34.57 -36.29 -27.60
CA VAL D 124 -34.94 -37.46 -26.83
C VAL D 124 -36.23 -38.02 -27.41
N ILE D 125 -36.20 -39.30 -27.78
CA ILE D 125 -37.37 -39.98 -28.33
C ILE D 125 -37.76 -41.07 -27.35
N VAL D 126 -38.98 -41.00 -26.84
CA VAL D 126 -39.52 -41.98 -25.91
C VAL D 126 -40.67 -42.68 -26.60
N SER D 127 -40.49 -43.96 -26.94
CA SER D 127 -41.52 -44.72 -27.63
C SER D 127 -41.85 -45.97 -26.82
N SER D 128 -43.11 -46.39 -26.89
CA SER D 128 -43.55 -47.54 -26.10
C SER D 128 -43.09 -48.88 -26.67
N PRO D 129 -43.22 -49.17 -27.99
CA PRO D 129 -42.61 -50.45 -28.36
C PRO D 129 -41.10 -50.34 -28.60
N VAL E 7 15.71 43.81 6.98
CA VAL E 7 14.60 43.65 7.93
C VAL E 7 13.87 42.34 7.69
N PHE E 8 14.62 41.32 7.29
CA PHE E 8 14.06 39.98 7.04
C PHE E 8 14.31 39.14 8.30
N LEU E 9 13.25 38.95 9.09
CA LEU E 9 13.36 38.19 10.32
C LEU E 9 13.46 36.70 10.05
N GLY E 10 12.49 36.16 9.33
CA GLY E 10 12.42 34.74 9.05
C GLY E 10 11.07 34.20 9.43
N PHE E 11 10.95 32.88 9.38
CA PHE E 11 9.69 32.23 9.75
C PHE E 11 9.46 32.36 11.24
N LEU E 12 8.29 32.88 11.60
CA LEU E 12 7.84 33.14 12.98
C LEU E 12 8.75 34.09 13.73
N GLY E 13 9.56 34.88 13.03
CA GLY E 13 10.62 35.64 13.66
C GLY E 13 10.14 36.79 14.52
N ALA E 14 8.90 37.22 14.34
CA ALA E 14 8.31 38.27 15.15
C ALA E 14 7.23 37.72 16.06
N ALA E 15 7.47 36.53 16.62
CA ALA E 15 6.46 35.89 17.47
C ALA E 15 6.32 36.61 18.80
N GLY E 16 7.42 37.09 19.37
CA GLY E 16 7.37 37.87 20.58
C GLY E 16 7.50 39.36 20.35
N SER E 17 7.48 39.82 19.11
CA SER E 17 7.59 41.24 18.82
C SER E 17 6.28 41.95 19.11
N THR E 18 6.26 43.24 18.81
CA THR E 18 5.06 44.04 19.03
C THR E 18 4.02 43.71 17.96
N MET E 19 2.74 43.86 18.33
CA MET E 19 1.66 43.62 17.38
C MET E 19 1.67 44.64 16.26
N GLY E 20 2.13 45.86 16.56
CA GLY E 20 2.28 46.87 15.52
C GLY E 20 3.45 46.64 14.59
N ALA E 21 4.36 45.72 14.93
CA ALA E 21 5.46 45.37 14.06
C ALA E 21 5.38 43.93 13.56
N ALA E 22 4.60 43.07 14.21
CA ALA E 22 4.32 41.76 13.65
C ALA E 22 3.26 41.83 12.57
N SER E 23 2.50 42.92 12.51
CA SER E 23 1.54 43.18 11.45
C SER E 23 2.19 43.74 10.19
N MET E 24 3.52 43.82 10.15
CA MET E 24 4.24 44.20 8.95
C MET E 24 5.06 43.07 8.38
N THR E 25 4.99 41.88 8.96
CA THR E 25 5.76 40.74 8.48
C THR E 25 4.85 39.54 8.21
N LEU E 26 3.63 39.81 7.75
CA LEU E 26 2.67 38.74 7.50
C LEU E 26 3.00 37.93 6.25
N THR E 27 3.92 38.40 5.42
CA THR E 27 4.21 37.73 4.15
C THR E 27 4.93 36.42 4.38
N VAL E 28 5.85 36.38 5.33
CA VAL E 28 6.70 35.20 5.48
C VAL E 28 5.96 34.05 6.15
N GLN E 29 5.04 34.34 7.08
CA GLN E 29 4.22 33.28 7.66
C GLN E 29 3.08 32.88 6.74
N ALA E 30 2.80 33.66 5.70
CA ALA E 30 1.83 33.24 4.71
C ALA E 30 2.44 32.38 3.61
N ARG E 31 3.74 32.52 3.39
CA ARG E 31 4.43 31.78 2.35
C ARG E 31 4.95 30.43 2.81
N ASN E 32 4.86 30.14 4.10
CA ASN E 32 5.38 28.89 4.66
C ASN E 32 4.25 28.01 5.19
N LEU E 33 3.07 28.12 4.59
CA LEU E 33 1.95 27.27 4.93
C LEU E 33 1.73 26.15 3.95
N LEU E 34 2.48 26.14 2.85
CA LEU E 34 2.55 24.99 1.95
C LEU E 34 3.90 25.05 1.24
N SER E 35 4.62 23.93 1.24
CA SER E 35 5.96 23.88 0.68
C SER E 35 6.18 22.53 0.03
N GLY E 36 7.37 22.32 -0.49
CA GLY E 36 7.72 21.07 -1.16
C GLY E 36 8.97 21.18 -2.02
N HIS E 53 12.99 -3.43 -0.68
CA HIS E 53 13.34 -2.33 -1.55
C HIS E 53 12.10 -1.74 -2.23
N LEU E 54 10.93 -2.27 -1.87
CA LEU E 54 9.67 -1.79 -2.44
C LEU E 54 8.75 -1.18 -1.40
N LEU E 55 8.49 -1.89 -0.30
CA LEU E 55 7.61 -1.36 0.73
C LEU E 55 8.30 -0.36 1.65
N LYS E 56 9.62 -0.22 1.58
CA LYS E 56 10.29 0.86 2.31
C LYS E 56 9.99 2.22 1.67
N LEU E 57 9.60 2.22 0.40
CA LEU E 57 9.04 3.43 -0.20
C LEU E 57 7.64 3.69 0.33
N THR E 58 6.94 2.64 0.76
CA THR E 58 5.57 2.79 1.23
C THR E 58 5.52 3.15 2.71
N VAL E 59 6.60 2.86 3.44
CA VAL E 59 6.66 3.26 4.86
C VAL E 59 6.81 4.77 4.98
N TRP E 60 7.82 5.34 4.31
CA TRP E 60 7.97 6.79 4.33
C TRP E 60 6.97 7.48 3.40
N GLY E 61 6.43 6.75 2.43
CA GLY E 61 5.52 7.37 1.47
C GLY E 61 4.17 7.73 2.03
N ILE E 62 3.57 6.83 2.82
CA ILE E 62 2.24 7.11 3.36
C ILE E 62 2.34 8.07 4.54
N LYS E 63 3.55 8.28 5.06
CA LYS E 63 3.77 9.33 6.05
C LYS E 63 3.98 10.67 5.36
N GLN E 64 4.49 10.65 4.13
CA GLN E 64 4.68 11.89 3.39
C GLN E 64 3.42 12.28 2.62
N LEU E 65 2.70 11.29 2.09
CA LEU E 65 1.50 11.61 1.30
C LEU E 65 0.35 12.04 2.20
N GLN E 66 0.28 11.52 3.42
CA GLN E 66 -0.76 11.97 4.33
C GLN E 66 -0.44 13.34 4.91
N ALA E 67 0.82 13.77 4.79
CA ALA E 67 1.18 15.09 5.28
C ALA E 67 0.96 16.16 4.22
N ARG E 68 1.13 15.81 2.95
CA ARG E 68 0.99 16.81 1.90
C ARG E 68 -0.47 17.11 1.59
N VAL E 69 -1.34 16.11 1.70
CA VAL E 69 -2.75 16.34 1.43
C VAL E 69 -3.40 17.07 2.60
N LEU E 70 -2.96 16.78 3.81
CA LEU E 70 -3.47 17.48 4.99
C LEU E 70 -3.00 18.93 5.00
N ALA E 71 -1.79 19.20 4.50
CA ALA E 71 -1.30 20.57 4.48
C ALA E 71 -2.02 21.42 3.45
N VAL E 72 -2.52 20.79 2.38
CA VAL E 72 -3.24 21.54 1.36
C VAL E 72 -4.64 21.90 1.84
N GLU E 73 -5.41 20.90 2.28
CA GLU E 73 -6.80 21.16 2.62
C GLU E 73 -6.94 21.89 3.94
N ARG E 74 -5.88 21.97 4.74
CA ARG E 74 -5.90 22.89 5.86
C ARG E 74 -5.69 24.32 5.37
N TYR E 75 -4.86 24.50 4.34
CA TYR E 75 -4.64 25.82 3.80
C TYR E 75 -5.84 26.31 3.01
N LEU E 76 -6.49 25.40 2.29
CA LEU E 76 -7.67 25.79 1.51
C LEU E 76 -8.86 26.09 2.40
N ARG E 77 -8.87 25.56 3.62
CA ARG E 77 -9.94 25.88 4.55
C ARG E 77 -9.82 27.31 5.07
N ASP E 78 -8.61 27.72 5.43
CA ASP E 78 -8.43 29.08 5.93
C ASP E 78 -8.44 30.10 4.79
N GLN E 79 -8.30 29.65 3.54
CA GLN E 79 -8.44 30.59 2.43
C GLN E 79 -9.89 30.71 1.98
N GLN E 80 -10.67 29.63 2.09
CA GLN E 80 -12.09 29.72 1.78
C GLN E 80 -12.83 30.48 2.88
N LEU E 81 -12.48 30.22 4.14
CA LEU E 81 -13.08 30.94 5.25
C LEU E 81 -12.74 32.42 5.21
N LEU E 82 -11.59 32.77 4.65
CA LEU E 82 -11.25 34.15 4.40
C LEU E 82 -11.91 34.66 3.13
N GLY E 83 -12.44 33.77 2.30
CA GLY E 83 -13.01 34.20 1.04
C GLY E 83 -14.41 34.77 1.16
N ILE E 84 -15.15 34.37 2.18
CA ILE E 84 -16.55 34.75 2.30
C ILE E 84 -16.74 35.92 3.27
N TRP E 85 -15.69 36.68 3.56
CA TRP E 85 -15.81 37.86 4.39
C TRP E 85 -15.53 39.14 3.62
N GLY E 86 -15.19 39.05 2.34
CA GLY E 86 -14.75 40.21 1.59
C GLY E 86 -13.25 40.39 1.58
N CYS E 87 -12.50 39.34 1.86
CA CYS E 87 -11.06 39.33 2.00
C CYS E 87 -10.47 38.25 1.11
N SER E 88 -10.82 38.31 -0.17
CA SER E 88 -10.56 37.21 -1.11
C SER E 88 -9.07 36.97 -1.28
N GLY E 89 -8.33 38.00 -1.65
CA GLY E 89 -6.91 37.85 -1.91
C GLY E 89 -6.05 38.84 -1.16
N LYS E 90 -6.42 39.16 0.07
CA LYS E 90 -5.71 40.14 0.87
C LYS E 90 -5.14 39.49 2.12
N LEU E 91 -4.29 40.25 2.81
CA LEU E 91 -3.75 39.90 4.11
C LEU E 91 -4.27 40.82 5.21
N ILE E 92 -4.10 42.12 5.05
CA ILE E 92 -4.71 43.10 5.94
C ILE E 92 -5.99 43.55 5.26
N CYS E 93 -7.06 42.84 5.57
CA CYS E 93 -8.41 43.15 5.09
C CYS E 93 -9.23 43.67 6.25
N CYS E 94 -9.99 44.73 6.03
CA CYS E 94 -10.82 45.28 7.08
C CYS E 94 -12.27 45.41 6.65
N THR E 95 -13.16 45.16 7.60
CA THR E 95 -14.53 44.74 7.34
C THR E 95 -15.49 45.80 7.90
N ASN E 96 -16.79 45.51 7.91
CA ASN E 96 -17.84 46.44 8.26
C ASN E 96 -18.22 46.38 9.73
N VAL E 97 -18.14 45.21 10.34
CA VAL E 97 -18.73 45.03 11.69
C VAL E 97 -17.85 45.72 12.73
N PRO E 98 -18.40 46.50 13.63
CA PRO E 98 -17.58 47.19 14.62
C PRO E 98 -17.16 46.28 15.77
N TRP E 99 -16.15 46.73 16.49
CA TRP E 99 -15.61 45.97 17.62
C TRP E 99 -16.57 46.09 18.80
N ASN E 100 -17.21 44.97 19.14
CA ASN E 100 -18.05 44.92 20.31
C ASN E 100 -17.19 44.99 21.55
N SER E 101 -17.43 46.01 22.39
CA SER E 101 -16.56 46.29 23.52
C SER E 101 -16.69 45.27 24.65
N SER E 102 -17.68 44.37 24.60
CA SER E 102 -17.77 43.32 25.60
C SER E 102 -16.66 42.30 25.43
N TRP E 103 -16.14 42.15 24.21
CA TRP E 103 -15.00 41.25 24.01
C TRP E 103 -13.74 41.79 24.66
N SER E 104 -13.51 43.10 24.51
CA SER E 104 -12.40 43.78 25.17
C SER E 104 -12.70 45.27 25.21
N ASN E 105 -12.25 45.91 26.27
CA ASN E 105 -12.35 47.37 26.42
C ASN E 105 -10.96 47.90 26.74
N ARG E 106 -10.19 48.14 25.69
CA ARG E 106 -8.81 48.59 25.83
C ARG E 106 -8.56 49.73 24.86
N ASN E 107 -7.49 50.48 25.12
CA ASN E 107 -7.08 51.51 24.19
C ASN E 107 -6.45 50.88 22.96
N LEU E 108 -6.40 51.65 21.87
CA LEU E 108 -5.71 51.18 20.67
C LEU E 108 -4.21 51.13 20.87
N SER E 109 -3.69 51.96 21.78
CA SER E 109 -2.28 51.87 22.13
C SER E 109 -2.02 50.67 23.04
N GLU E 110 -3.02 50.28 23.82
CA GLU E 110 -2.82 49.13 24.70
C GLU E 110 -3.14 47.82 23.99
N ILE E 111 -3.54 47.88 22.72
CA ILE E 111 -3.77 46.67 21.94
C ILE E 111 -2.66 46.51 20.90
N TRP E 112 -2.29 47.59 20.22
CA TRP E 112 -1.43 47.46 19.06
C TRP E 112 0.06 47.59 19.35
N ASP E 113 0.52 48.70 19.91
CA ASP E 113 1.97 48.90 20.02
C ASP E 113 2.50 48.65 21.43
N ASN E 114 1.93 47.71 22.17
CA ASN E 114 2.62 47.19 23.36
C ASN E 114 2.55 45.68 23.54
N MET E 115 1.55 44.98 22.99
CA MET E 115 1.36 43.58 23.29
C MET E 115 2.03 42.71 22.24
N THR E 116 1.75 41.41 22.27
CA THR E 116 2.19 40.51 21.22
C THR E 116 1.00 39.63 20.82
N TRP E 117 1.11 38.97 19.67
CA TRP E 117 -0.04 38.27 19.11
C TRP E 117 -0.38 37.02 19.90
N LEU E 118 0.59 36.45 20.60
CA LEU E 118 0.31 35.25 21.39
C LEU E 118 -0.45 35.60 22.66
N GLN E 119 -0.14 36.73 23.29
CA GLN E 119 -0.94 37.19 24.41
C GLN E 119 -2.31 37.66 23.97
N TRP E 120 -2.43 38.10 22.72
CA TRP E 120 -3.72 38.60 22.25
C TRP E 120 -4.68 37.45 21.95
N ASP E 121 -4.15 36.32 21.47
CA ASP E 121 -5.02 35.21 21.10
C ASP E 121 -5.62 34.54 22.32
N LYS E 122 -4.90 34.53 23.44
CA LYS E 122 -5.47 34.02 24.69
C LYS E 122 -6.51 34.98 25.27
N GLU E 123 -6.48 36.25 24.85
CA GLU E 123 -7.39 37.23 25.41
C GLU E 123 -8.79 37.12 24.82
N ILE E 124 -8.89 36.80 23.52
CA ILE E 124 -10.19 36.72 22.88
C ILE E 124 -10.41 35.34 22.28
N SER E 125 -9.86 34.31 22.91
CA SER E 125 -10.09 32.94 22.45
C SER E 125 -11.54 32.49 22.64
N ASN E 126 -12.27 33.13 23.56
CA ASN E 126 -13.67 32.81 23.75
C ASN E 126 -14.58 33.49 22.74
N TYR E 127 -14.11 34.55 22.09
CA TYR E 127 -14.92 35.36 21.21
C TYR E 127 -14.42 35.26 19.77
N THR E 128 -14.08 34.05 19.34
CA THR E 128 -13.72 33.84 17.94
C THR E 128 -14.93 33.49 17.09
N GLN E 129 -15.70 32.47 17.51
CA GLN E 129 -16.84 32.03 16.72
C GLN E 129 -17.99 33.02 16.77
N ILE E 130 -18.02 33.91 17.76
CA ILE E 130 -18.95 35.02 17.74
C ILE E 130 -18.59 35.97 16.60
N ILE E 131 -17.29 36.21 16.41
CA ILE E 131 -16.85 37.11 15.36
C ILE E 131 -16.97 36.45 14.00
N TYR E 132 -16.63 35.16 13.90
CA TYR E 132 -16.61 34.47 12.61
C TYR E 132 -18.00 34.22 12.05
N GLY E 133 -19.06 34.48 12.81
CA GLY E 133 -20.39 34.46 12.28
C GLY E 133 -20.85 35.87 11.98
N LEU E 134 -20.22 36.85 12.62
CA LEU E 134 -20.56 38.24 12.36
C LEU E 134 -20.02 38.70 11.03
N LEU E 135 -18.94 38.07 10.54
CA LEU E 135 -18.35 38.50 9.29
C LEU E 135 -19.12 37.95 8.10
N GLU E 136 -19.61 36.71 8.19
CA GLU E 136 -20.29 36.08 7.06
C GLU E 136 -21.64 36.73 6.80
N GLU E 137 -22.32 37.20 7.84
CA GLU E 137 -23.62 37.82 7.63
C GLU E 137 -23.48 39.24 7.11
N SER E 138 -22.36 39.91 7.42
CA SER E 138 -22.15 41.25 6.90
C SER E 138 -21.68 41.23 5.46
N GLN E 139 -21.28 40.07 4.96
CA GLN E 139 -20.90 39.96 3.56
C GLN E 139 -22.10 39.62 2.68
N ASN E 140 -22.95 38.69 3.14
CA ASN E 140 -24.11 38.32 2.33
C ASN E 140 -25.16 39.43 2.33
N GLN E 141 -25.15 40.28 3.36
CA GLN E 141 -25.91 41.51 3.29
C GLN E 141 -25.29 42.48 2.29
N GLN E 142 -23.96 42.43 2.16
CA GLN E 142 -23.27 43.41 1.32
C GLN E 142 -23.41 43.07 -0.16
N GLU E 143 -23.32 41.79 -0.51
CA GLU E 143 -23.37 41.42 -1.92
C GLU E 143 -24.80 41.47 -2.45
N LYS E 144 -25.79 41.35 -1.57
CA LYS E 144 -27.17 41.50 -2.02
C LYS E 144 -27.56 42.97 -2.12
N ASN E 145 -26.80 43.85 -1.47
CA ASN E 145 -27.06 45.28 -1.61
C ASN E 145 -26.22 45.90 -2.71
N GLU E 146 -25.05 45.32 -2.99
CA GLU E 146 -24.26 45.76 -4.14
C GLU E 146 -24.94 45.38 -5.45
N GLN E 147 -25.54 44.19 -5.49
CA GLN E 147 -26.17 43.72 -6.71
C GLN E 147 -27.49 44.44 -7.00
N ASP E 148 -28.01 45.21 -6.06
CA ASP E 148 -29.19 46.05 -6.42
C ASP E 148 -28.66 47.39 -6.95
N LEU E 149 -27.48 47.83 -6.48
CA LEU E 149 -26.89 49.13 -6.89
C LEU E 149 -26.44 49.14 -8.36
N LEU E 150 -25.87 48.05 -8.87
CA LEU E 150 -25.56 48.02 -10.33
C LEU E 150 -26.84 47.62 -11.10
N ALA E 151 -27.87 47.12 -10.41
CA ALA E 151 -29.14 46.69 -11.04
C ALA E 151 -29.94 47.88 -11.55
N LEU E 152 -30.05 48.92 -10.73
CA LEU E 152 -30.87 50.08 -11.14
C LEU E 152 -30.23 50.62 -12.41
N ASP E 153 -28.91 50.63 -12.43
CA ASP E 153 -28.16 50.58 -13.71
C ASP E 153 -28.83 49.53 -14.59
N ASN F 3 -16.82 51.85 18.63
CA ASN F 3 -16.40 52.70 17.51
C ASN F 3 -15.26 52.04 16.74
N LEU F 4 -14.53 51.16 17.40
CA LEU F 4 -13.47 50.43 16.70
C LEU F 4 -14.08 49.33 15.85
N TRP F 5 -13.31 48.85 14.87
CA TRP F 5 -13.83 48.00 13.82
C TRP F 5 -13.02 46.72 13.68
N VAL F 6 -13.71 45.61 13.46
CA VAL F 6 -13.08 44.31 13.29
C VAL F 6 -12.25 44.32 12.00
N THR F 7 -11.10 43.65 12.03
CA THR F 7 -10.17 43.66 10.91
C THR F 7 -9.39 42.37 10.94
N VAL F 8 -9.51 41.55 9.90
CA VAL F 8 -8.79 40.29 9.90
C VAL F 8 -7.32 40.52 9.59
N TYR F 9 -6.50 39.53 9.90
CA TYR F 9 -5.06 39.60 9.64
C TYR F 9 -4.60 38.18 9.35
N TYR F 10 -4.27 37.91 8.09
CA TYR F 10 -3.87 36.57 7.71
C TYR F 10 -2.38 36.37 7.91
N GLY F 11 -2.01 35.36 8.68
CA GLY F 11 -0.62 35.01 8.84
C GLY F 11 0.07 35.59 10.05
N VAL F 12 -0.65 35.76 11.17
CA VAL F 12 -0.02 36.26 12.38
C VAL F 12 0.74 35.12 13.03
N PRO F 13 1.86 35.39 13.72
CA PRO F 13 2.55 34.31 14.42
C PRO F 13 1.81 33.86 15.67
N VAL F 14 0.79 33.02 15.50
CA VAL F 14 0.00 32.51 16.61
C VAL F 14 -0.08 31.00 16.43
N TRP F 15 0.33 30.24 17.43
CA TRP F 15 0.36 28.80 17.34
C TRP F 15 -0.43 28.17 18.48
N LYS F 16 -0.55 26.84 18.41
CA LYS F 16 -1.23 26.03 19.40
C LYS F 16 -0.48 24.72 19.55
N ASP F 17 -0.58 24.12 20.73
CA ASP F 17 0.01 22.81 20.95
C ASP F 17 -0.78 21.76 20.20
N ALA F 18 -0.10 20.99 19.34
CA ALA F 18 -0.78 19.97 18.56
C ALA F 18 0.17 18.80 18.36
N GLU F 19 -0.29 17.82 17.59
CA GLU F 19 0.50 16.64 17.27
C GLU F 19 0.14 16.19 15.87
N THR F 20 1.11 15.61 15.18
CA THR F 20 0.92 15.20 13.80
C THR F 20 1.92 14.11 13.47
N THR F 21 2.06 13.82 12.18
CA THR F 21 2.99 12.80 11.70
C THR F 21 4.20 13.52 11.12
N LEU F 22 5.23 13.67 11.94
CA LEU F 22 6.50 14.21 11.48
C LEU F 22 7.20 13.19 10.61
N PHE F 23 7.90 13.67 9.59
CA PHE F 23 8.56 12.74 8.67
C PHE F 23 10.06 12.79 8.83
N CYS F 24 10.70 11.81 8.19
CA CYS F 24 12.13 11.58 8.29
C CYS F 24 12.95 12.61 7.51
N ALA F 25 14.24 12.65 7.82
CA ALA F 25 15.24 13.37 7.05
C ALA F 25 16.61 12.80 7.38
N SER F 26 17.49 12.82 6.38
CA SER F 26 18.84 12.30 6.56
C SER F 26 19.79 13.06 5.65
N ASP F 27 21.08 12.98 5.96
CA ASP F 27 22.07 13.73 5.21
C ASP F 27 22.40 13.02 3.90
N ALA F 28 23.45 13.50 3.23
CA ALA F 28 23.69 13.12 1.85
C ALA F 28 24.38 11.76 1.73
N LYS F 29 25.60 11.65 2.25
CA LYS F 29 26.44 10.49 1.93
C LYS F 29 26.02 9.26 2.71
N ALA F 30 25.21 9.41 3.76
CA ALA F 30 24.58 8.26 4.40
C ALA F 30 23.52 7.60 3.53
N TYR F 31 23.10 8.27 2.44
CA TYR F 31 22.15 7.71 1.48
C TYR F 31 22.82 7.24 0.20
N GLU F 32 23.84 7.95 -0.30
CA GLU F 32 24.43 7.58 -1.58
C GLU F 32 25.39 6.41 -1.48
N THR F 33 25.79 6.01 -0.26
CA THR F 33 26.68 4.88 -0.11
C THR F 33 25.97 3.55 -0.37
N GLU F 34 24.65 3.51 -0.16
CA GLU F 34 23.77 2.38 -0.50
C GLU F 34 24.17 1.11 0.25
N LYS F 35 24.37 1.24 1.55
CA LYS F 35 24.72 0.11 2.40
C LYS F 35 23.49 -0.64 2.91
N HIS F 36 22.30 -0.19 2.54
CA HIS F 36 21.01 -0.77 2.93
C HIS F 36 20.87 -0.80 4.46
N ASN F 37 20.84 0.38 5.05
CA ASN F 37 20.71 0.49 6.49
C ASN F 37 19.32 0.07 6.93
N VAL F 38 19.25 -0.53 8.13
CA VAL F 38 17.98 -1.06 8.64
C VAL F 38 17.01 0.08 8.97
N TRP F 39 17.53 1.24 9.32
CA TRP F 39 16.73 2.47 9.34
C TRP F 39 16.84 3.06 7.96
N ALA F 40 15.91 2.67 7.08
CA ALA F 40 16.03 2.85 5.64
C ALA F 40 15.84 4.33 5.31
N THR F 41 16.93 5.07 5.42
CA THR F 41 16.95 6.46 4.99
C THR F 41 17.25 6.62 3.50
N HIS F 42 17.47 5.51 2.79
CA HIS F 42 17.64 5.57 1.34
C HIS F 42 16.32 5.79 0.63
N ALA F 43 15.19 5.47 1.27
CA ALA F 43 13.87 5.82 0.78
C ALA F 43 13.32 7.07 1.46
N CYS F 44 14.09 7.72 2.30
CA CYS F 44 13.70 8.90 3.05
C CYS F 44 14.18 10.18 2.36
N VAL F 45 13.66 11.30 2.85
CA VAL F 45 13.92 12.60 2.23
C VAL F 45 15.34 13.06 2.59
N PRO F 46 16.14 13.50 1.63
CA PRO F 46 17.42 14.13 1.99
C PRO F 46 17.20 15.51 2.58
N THR F 47 18.04 15.85 3.56
CA THR F 47 17.80 17.06 4.35
C THR F 47 18.31 18.30 3.63
N ASP F 48 18.16 19.44 4.30
CA ASP F 48 18.65 20.71 3.82
C ASP F 48 20.17 20.78 3.95
N PRO F 49 20.82 21.71 3.23
CA PRO F 49 22.25 21.94 3.49
C PRO F 49 22.53 22.50 4.87
N ASN F 50 21.61 23.29 5.43
CA ASN F 50 21.76 23.81 6.77
C ASN F 50 20.39 24.09 7.38
N PRO F 51 20.18 23.74 8.65
CA PRO F 51 18.91 24.09 9.30
C PRO F 51 18.84 25.59 9.57
N GLN F 52 17.70 26.18 9.22
CA GLN F 52 17.46 27.61 9.44
C GLN F 52 16.97 27.79 10.87
N GLU F 53 17.91 27.72 11.81
CA GLU F 53 17.60 27.84 13.23
C GLU F 53 17.31 29.30 13.54
N ILE F 54 16.06 29.70 13.34
CA ILE F 54 15.63 31.05 13.67
C ILE F 54 15.50 31.15 15.19
N HIS F 55 16.24 32.08 15.78
CA HIS F 55 16.13 32.35 17.21
C HIS F 55 15.07 33.41 17.44
N LEU F 56 13.98 33.03 18.09
CA LEU F 56 12.96 34.00 18.44
C LEU F 56 13.40 34.83 19.63
N GLU F 57 12.64 35.88 19.91
CA GLU F 57 12.94 36.76 21.03
C GLU F 57 11.69 36.95 21.86
N ASN F 58 11.90 37.25 23.15
CA ASN F 58 10.88 37.72 24.09
C ASN F 58 9.75 36.72 24.31
N VAL F 59 9.95 35.44 24.01
CA VAL F 59 8.89 34.44 24.06
C VAL F 59 9.27 33.35 25.04
N THR F 60 8.33 32.99 25.92
CA THR F 60 8.52 31.93 26.91
C THR F 60 7.44 30.88 26.67
N GLU F 61 7.84 29.73 26.12
CA GLU F 61 6.90 28.67 25.76
C GLU F 61 6.85 27.61 26.85
N GLU F 62 5.65 27.13 27.14
CA GLU F 62 5.42 26.12 28.16
C GLU F 62 5.79 24.75 27.62
N PHE F 63 6.98 24.27 27.95
CA PHE F 63 7.44 22.99 27.47
C PHE F 63 7.13 21.86 28.44
N ASN F 64 7.23 20.64 27.93
CA ASN F 64 7.06 19.42 28.70
C ASN F 64 7.71 18.30 27.91
N MET F 65 8.54 17.50 28.57
CA MET F 65 9.21 16.39 27.90
C MET F 65 8.58 15.04 28.21
N TRP F 66 7.67 14.97 29.17
CA TRP F 66 7.10 13.71 29.57
C TRP F 66 5.78 13.41 28.88
N LYS F 67 4.99 14.44 28.58
CA LYS F 67 3.78 14.27 27.78
C LYS F 67 4.02 14.59 26.31
N ASN F 68 5.26 14.46 25.85
CA ASN F 68 5.59 14.71 24.45
C ASN F 68 5.00 13.63 23.58
N ASN F 69 4.77 13.97 22.31
CA ASN F 69 4.23 13.00 21.36
C ASN F 69 5.24 12.60 20.30
N MET F 70 6.40 13.24 20.24
CA MET F 70 7.41 12.81 19.29
C MET F 70 8.07 11.51 19.71
N VAL F 71 8.09 11.20 21.01
CA VAL F 71 8.69 9.95 21.45
C VAL F 71 7.70 8.80 21.30
N GLU F 72 6.41 9.09 21.26
CA GLU F 72 5.45 8.03 20.93
C GLU F 72 5.45 7.76 19.44
N GLN F 73 5.84 8.76 18.65
CA GLN F 73 5.87 8.58 17.20
C GLN F 73 7.22 8.05 16.74
N MET F 74 8.28 8.30 17.51
CA MET F 74 9.57 7.69 17.17
C MET F 74 9.58 6.21 17.51
N HIS F 75 8.94 5.85 18.63
CA HIS F 75 8.93 4.45 19.07
C HIS F 75 8.09 3.59 18.12
N THR F 76 7.14 4.19 17.42
CA THR F 76 6.39 3.43 16.42
C THR F 76 7.19 3.30 15.13
N ASP F 77 7.98 4.32 14.79
CA ASP F 77 8.72 4.26 13.54
C ASP F 77 9.97 3.38 13.64
N ILE F 78 10.54 3.26 14.83
CA ILE F 78 11.70 2.38 14.99
C ILE F 78 11.27 0.92 14.93
N ILE F 79 10.10 0.60 15.49
CA ILE F 79 9.55 -0.74 15.40
C ILE F 79 9.21 -1.07 13.95
N SER F 80 8.54 -0.15 13.25
CA SER F 80 8.16 -0.39 11.87
C SER F 80 9.34 -0.32 10.90
N LEU F 81 10.52 0.10 11.35
CA LEU F 81 11.70 -0.01 10.51
C LEU F 81 12.45 -1.30 10.81
N TRP F 82 12.42 -1.72 12.06
CA TRP F 82 13.03 -2.98 12.47
C TRP F 82 12.20 -4.19 12.09
N ASP F 83 10.98 -3.97 11.60
CA ASP F 83 10.09 -5.06 11.21
C ASP F 83 10.03 -5.15 9.69
N GLN F 84 9.95 -4.01 9.02
CA GLN F 84 9.84 -3.95 7.57
C GLN F 84 11.14 -4.39 6.92
N SER F 85 12.27 -4.21 7.61
CA SER F 85 13.55 -4.63 7.09
C SER F 85 13.87 -6.08 7.43
N LEU F 86 12.89 -6.85 7.90
CA LEU F 86 13.04 -8.28 8.11
C LEU F 86 12.11 -9.13 7.25
N LYS F 87 11.18 -8.50 6.53
CA LYS F 87 10.32 -9.27 5.63
C LYS F 87 11.04 -9.90 4.44
N PRO F 88 12.03 -9.28 3.75
CA PRO F 88 12.71 -10.03 2.68
C PRO F 88 13.79 -10.99 3.14
N CYS F 89 13.83 -11.35 4.42
CA CYS F 89 14.82 -12.27 4.95
C CYS F 89 14.20 -13.65 5.16
N VAL F 90 15.08 -14.62 5.39
CA VAL F 90 14.71 -16.03 5.35
C VAL F 90 14.18 -16.49 6.70
N LYS F 91 13.04 -17.18 6.69
CA LYS F 91 12.53 -17.83 7.89
C LYS F 91 13.42 -19.00 8.25
N LEU F 92 13.76 -19.13 9.53
CA LEU F 92 14.45 -20.33 9.98
C LEU F 92 13.49 -21.37 10.53
N THR F 93 12.44 -21.66 9.77
CA THR F 93 11.56 -22.76 10.15
C THR F 93 12.06 -24.18 9.88
N PRO F 94 13.01 -24.49 8.98
CA PRO F 94 13.59 -25.83 9.00
C PRO F 94 14.68 -26.03 10.05
N LEU F 95 14.93 -25.07 10.92
CA LEU F 95 15.92 -25.23 11.97
C LEU F 95 15.38 -25.85 13.24
N CYS F 96 14.06 -25.87 13.42
CA CYS F 96 13.48 -26.43 14.63
C CYS F 96 13.51 -27.96 14.53
N VAL F 97 14.72 -28.50 14.79
CA VAL F 97 14.95 -29.93 14.71
C VAL F 97 15.45 -30.38 16.06
N THR F 98 15.76 -31.67 16.20
CA THR F 98 16.31 -32.18 17.45
C THR F 98 17.82 -32.16 17.33
N LEU F 99 18.44 -31.20 18.00
CA LEU F 99 19.87 -31.01 17.99
C LEU F 99 20.52 -32.06 18.90
N GLN F 100 21.79 -32.34 18.64
CA GLN F 100 22.52 -33.29 19.48
C GLN F 100 23.83 -32.64 19.90
N CYS F 101 23.78 -31.88 20.99
CA CYS F 101 24.89 -31.02 21.35
C CYS F 101 25.83 -31.70 22.33
N THR F 102 26.99 -31.07 22.52
CA THR F 102 28.00 -31.50 23.45
C THR F 102 28.90 -30.30 23.76
N ASN F 103 29.63 -30.41 24.86
CA ASN F 103 30.45 -29.29 25.32
C ASN F 103 31.70 -29.14 24.46
N VAL F 104 32.07 -27.91 24.20
CA VAL F 104 33.32 -27.61 23.51
C VAL F 104 34.42 -27.42 24.56
N THR F 105 35.53 -28.15 24.42
CA THR F 105 36.68 -28.05 25.31
C THR F 105 37.97 -27.99 24.51
N ASN F 106 37.98 -27.17 23.47
CA ASN F 106 39.21 -26.98 22.69
C ASN F 106 40.20 -26.14 23.48
N ASN F 107 39.84 -24.88 23.75
CA ASN F 107 40.61 -24.01 24.62
C ASN F 107 39.63 -23.16 25.41
N ILE F 108 39.29 -23.62 26.61
CA ILE F 108 38.19 -23.08 27.40
C ILE F 108 38.72 -22.68 28.77
N THR F 109 38.55 -21.41 29.11
CA THR F 109 38.82 -20.95 30.46
C THR F 109 37.62 -21.22 31.34
N ASP F 110 37.84 -21.29 32.65
CA ASP F 110 36.85 -21.85 33.56
C ASP F 110 35.65 -20.91 33.78
N ASP F 111 35.76 -19.64 33.41
CA ASP F 111 34.60 -18.77 33.54
C ASP F 111 33.65 -18.93 32.36
N MET F 112 34.16 -19.08 31.15
CA MET F 112 33.34 -19.45 29.99
C MET F 112 33.38 -20.98 29.82
N ARG F 113 32.89 -21.66 30.86
CA ARG F 113 33.14 -23.09 30.98
C ARG F 113 32.26 -23.90 30.04
N GLY F 114 30.95 -23.70 30.10
CA GLY F 114 30.03 -24.41 29.24
C GLY F 114 29.07 -23.46 28.58
N GLU F 115 29.56 -22.27 28.25
CA GLU F 115 28.70 -21.20 27.76
C GLU F 115 28.23 -21.46 26.34
N LEU F 116 29.11 -22.15 25.57
CA LEU F 116 28.85 -22.44 24.14
C LEU F 116 28.88 -23.95 23.87
N LYS F 117 27.88 -24.47 23.15
CA LYS F 117 27.78 -25.94 22.93
C LYS F 117 27.97 -26.24 21.44
N ASN F 118 28.49 -27.41 21.04
CA ASN F 118 28.78 -27.76 19.61
C ASN F 118 27.63 -28.62 19.10
N CYS F 119 26.57 -28.03 18.55
CA CYS F 119 25.29 -28.72 18.23
C CYS F 119 25.35 -29.27 16.81
N SER F 120 25.09 -30.56 16.64
CA SER F 120 25.21 -31.19 15.33
C SER F 120 23.89 -31.84 14.97
N PHE F 121 23.29 -31.40 13.85
CA PHE F 121 21.91 -31.76 13.58
C PHE F 121 21.75 -32.10 12.11
N ASN F 122 20.73 -32.90 11.81
CA ASN F 122 20.34 -33.17 10.44
C ASN F 122 19.65 -31.95 9.85
N MET F 123 19.74 -31.81 8.54
CA MET F 123 19.22 -30.59 7.92
C MET F 123 18.89 -30.89 6.47
N THR F 124 17.76 -30.34 6.00
CA THR F 124 17.36 -30.51 4.61
C THR F 124 18.30 -29.76 3.67
N THR F 125 18.63 -30.39 2.55
CA THR F 125 19.56 -29.81 1.60
C THR F 125 18.80 -29.03 0.54
N GLU F 126 19.48 -28.69 -0.55
CA GLU F 126 18.85 -27.96 -1.65
C GLU F 126 17.78 -28.80 -2.35
N LEU F 127 17.96 -30.12 -2.41
CA LEU F 127 16.94 -31.01 -2.92
C LEU F 127 16.00 -31.40 -1.80
N ARG F 128 14.73 -31.61 -2.13
CA ARG F 128 13.71 -31.82 -1.13
C ARG F 128 13.56 -33.28 -0.70
N ASP F 129 14.55 -34.13 -0.98
CA ASP F 129 14.48 -35.50 -0.50
C ASP F 129 15.77 -36.04 0.13
N LYS F 130 16.90 -35.38 -0.07
CA LYS F 130 18.12 -35.76 0.63
C LYS F 130 18.27 -34.90 1.89
N LYS F 131 19.17 -35.33 2.76
CA LYS F 131 19.31 -34.67 4.06
C LYS F 131 20.77 -34.74 4.48
N GLN F 132 21.37 -33.59 4.72
CA GLN F 132 22.76 -33.53 5.13
C GLN F 132 22.88 -33.54 6.64
N LYS F 133 24.10 -33.74 7.12
CA LYS F 133 24.40 -33.76 8.56
C LYS F 133 25.41 -32.66 8.82
N VAL F 134 24.97 -31.59 9.48
CA VAL F 134 25.83 -30.44 9.70
C VAL F 134 26.12 -30.30 11.18
N TYR F 135 26.93 -29.31 11.55
CA TYR F 135 27.19 -28.99 12.94
C TYR F 135 27.39 -27.50 13.06
N SER F 136 27.34 -26.99 14.28
CA SER F 136 27.35 -25.54 14.50
C SER F 136 27.92 -25.26 15.88
N LEU F 137 27.76 -24.03 16.35
CA LEU F 137 28.18 -23.64 17.69
C LEU F 137 27.18 -22.63 18.23
N PHE F 138 26.30 -23.08 19.10
CA PHE F 138 25.30 -22.22 19.73
C PHE F 138 25.67 -21.97 21.18
N TYR F 139 25.34 -20.77 21.66
CA TYR F 139 25.56 -20.45 23.06
C TYR F 139 24.51 -21.13 23.92
N ARG F 140 24.75 -21.18 25.23
CA ARG F 140 23.82 -21.84 26.12
C ARG F 140 22.54 -21.04 26.33
N LEU F 141 22.52 -19.76 25.99
CA LEU F 141 21.30 -18.97 26.03
C LEU F 141 20.41 -19.19 24.81
N ASP F 142 20.74 -20.13 23.94
CA ASP F 142 19.93 -20.41 22.76
C ASP F 142 19.47 -21.86 22.68
N VAL F 143 19.85 -22.71 23.63
CA VAL F 143 19.47 -24.10 23.59
C VAL F 143 18.88 -24.50 24.94
N VAL F 144 17.76 -25.23 24.90
CA VAL F 144 17.18 -25.85 26.07
C VAL F 144 17.22 -27.36 25.86
N GLN F 145 17.02 -28.10 26.92
CA GLN F 145 17.16 -29.54 26.85
C GLN F 145 15.79 -30.17 26.63
N ILE F 146 15.77 -31.26 25.86
CA ILE F 146 14.53 -31.93 25.48
C ILE F 146 14.25 -33.12 26.39
N ASN F 147 15.22 -34.01 26.57
CA ASN F 147 14.98 -35.22 27.35
C ASN F 147 15.75 -35.21 28.65
N LYS F 159 23.33 -35.62 24.84
CA LYS F 159 22.03 -35.13 25.26
C LYS F 159 21.37 -34.36 24.14
N GLU F 160 20.10 -34.64 23.88
CA GLU F 160 19.39 -33.98 22.79
C GLU F 160 18.86 -32.63 23.24
N TYR F 161 19.10 -31.60 22.44
CA TYR F 161 18.66 -30.25 22.75
C TYR F 161 17.68 -29.78 21.69
N ARG F 162 17.25 -28.54 21.83
CA ARG F 162 16.47 -27.84 20.81
C ARG F 162 16.66 -26.36 21.05
N LEU F 163 16.28 -25.56 20.06
CA LEU F 163 16.41 -24.12 20.19
C LEU F 163 15.42 -23.56 21.19
N ILE F 164 15.72 -22.36 21.69
CA ILE F 164 14.90 -21.76 22.75
C ILE F 164 13.59 -21.20 22.22
N ASN F 165 13.42 -21.12 20.90
CA ASN F 165 12.27 -20.47 20.31
C ASN F 165 11.26 -21.44 19.72
N CYS F 166 11.62 -22.70 19.55
CA CYS F 166 10.84 -23.63 18.71
C CYS F 166 9.53 -24.04 19.29
N ASN F 167 9.17 -23.58 20.47
CA ASN F 167 7.78 -23.77 20.98
C ASN F 167 7.11 -22.40 21.15
N THR F 168 7.60 -21.36 20.52
CA THR F 168 6.88 -20.08 20.62
C THR F 168 6.80 -19.39 19.27
N SER F 169 7.88 -19.37 18.49
CA SER F 169 7.84 -18.63 17.20
C SER F 169 8.98 -19.02 16.27
N ALA F 170 8.93 -18.55 15.04
CA ALA F 170 10.01 -18.83 14.09
C ALA F 170 11.01 -17.70 14.15
N CYS F 171 11.90 -17.53 13.17
CA CYS F 171 12.90 -16.56 13.36
C CYS F 171 13.50 -16.05 12.07
N THR F 172 13.14 -14.89 11.62
CA THR F 172 13.77 -14.32 10.40
C THR F 172 15.21 -13.98 10.74
N GLN F 173 16.15 -14.79 10.26
CA GLN F 173 17.58 -14.45 10.46
C GLN F 173 17.81 -13.09 9.81
N ALA F 174 18.53 -12.17 10.47
CA ALA F 174 18.82 -10.89 9.86
C ALA F 174 19.69 -11.10 8.63
N CYS F 175 19.29 -10.50 7.53
CA CYS F 175 20.11 -10.56 6.32
C CYS F 175 21.40 -9.80 6.56
N PRO F 176 22.57 -10.41 6.33
CA PRO F 176 23.84 -9.74 6.66
C PRO F 176 24.20 -8.57 5.75
N LYS F 177 23.40 -8.27 4.73
CA LYS F 177 23.62 -7.04 3.97
C LYS F 177 23.28 -5.82 4.80
N VAL F 178 22.21 -5.89 5.61
CA VAL F 178 21.83 -4.74 6.43
C VAL F 178 22.71 -4.67 7.67
N SER F 179 22.73 -3.50 8.29
CA SER F 179 23.57 -3.26 9.45
C SER F 179 22.81 -2.44 10.47
N PHE F 180 22.98 -2.79 11.74
CA PHE F 180 22.26 -2.14 12.82
C PHE F 180 22.98 -0.92 13.37
N GLU F 181 23.97 -0.40 12.65
CA GLU F 181 24.67 0.78 13.14
C GLU F 181 23.79 2.01 12.97
N PRO F 182 23.59 2.80 14.00
CA PRO F 182 22.65 3.91 13.92
C PRO F 182 23.17 5.10 13.14
N ILE F 183 22.61 5.33 11.97
CA ILE F 183 22.87 6.58 11.23
C ILE F 183 21.95 7.64 11.82
N PRO F 184 22.40 8.89 11.96
CA PRO F 184 21.56 9.92 12.57
C PRO F 184 20.43 10.32 11.65
N ILE F 185 19.20 10.19 12.13
CA ILE F 185 18.02 10.59 11.39
C ILE F 185 17.51 11.90 11.98
N HIS F 186 16.80 12.65 11.16
CA HIS F 186 16.26 13.94 11.57
C HIS F 186 14.75 13.91 11.44
N TYR F 187 14.08 14.72 12.25
CA TYR F 187 12.63 14.84 12.22
C TYR F 187 12.27 16.25 11.78
N CYS F 188 11.48 16.36 10.72
CA CYS F 188 11.04 17.65 10.21
C CYS F 188 9.53 17.78 10.34
N ALA F 189 9.08 18.98 10.69
CA ALA F 189 7.66 19.25 10.74
C ALA F 189 7.12 19.35 9.31
N PRO F 190 5.84 19.03 9.10
CA PRO F 190 5.23 19.23 7.78
C PRO F 190 4.95 20.70 7.53
N ALA F 191 4.32 20.97 6.40
CA ALA F 191 3.95 22.34 6.07
C ALA F 191 2.78 22.78 6.95
N GLY F 192 2.93 23.94 7.56
CA GLY F 192 1.94 24.45 8.48
C GLY F 192 2.23 24.20 9.93
N PHE F 193 3.20 23.36 10.25
CA PHE F 193 3.61 23.07 11.61
C PHE F 193 4.98 23.68 11.88
N ALA F 194 5.42 23.59 13.13
CA ALA F 194 6.68 24.18 13.53
C ALA F 194 7.23 23.42 14.74
N ILE F 195 8.54 23.31 14.80
CA ILE F 195 9.23 22.61 15.89
C ILE F 195 10.00 23.64 16.70
N LEU F 196 9.78 23.66 18.01
CA LEU F 196 10.41 24.63 18.90
C LEU F 196 11.49 23.96 19.73
N LYS F 197 12.71 24.44 19.61
CA LYS F 197 13.85 23.89 20.34
C LYS F 197 14.22 24.80 21.50
N CYS F 198 14.27 24.24 22.70
CA CYS F 198 14.61 25.01 23.90
C CYS F 198 16.12 25.21 23.95
N LYS F 199 16.57 26.44 23.77
CA LYS F 199 18.00 26.73 23.82
C LYS F 199 18.48 27.11 25.22
N ASP F 200 17.70 26.79 26.25
CA ASP F 200 18.14 27.01 27.62
C ASP F 200 19.08 25.90 28.04
N LYS F 201 19.86 26.15 29.09
CA LYS F 201 20.80 25.18 29.61
C LYS F 201 20.41 24.62 30.96
N LYS F 202 19.59 25.32 31.73
CA LYS F 202 19.12 24.86 33.03
C LYS F 202 17.68 24.38 32.98
N PHE F 203 17.18 24.01 31.81
CA PHE F 203 15.82 23.50 31.69
C PHE F 203 15.79 22.07 32.21
N ASN F 204 15.10 21.86 33.34
CA ASN F 204 15.14 20.54 33.96
C ASN F 204 14.16 19.57 33.30
N GLY F 205 12.87 19.75 33.54
CA GLY F 205 11.92 18.87 32.86
C GLY F 205 10.72 19.53 32.20
N THR F 206 10.26 20.64 32.77
CA THR F 206 8.95 21.20 32.44
C THR F 206 8.84 22.63 32.93
N GLY F 207 8.45 23.55 32.06
CA GLY F 207 8.16 24.89 32.46
C GLY F 207 8.45 25.89 31.37
N PRO F 208 8.47 27.16 31.71
CA PRO F 208 8.80 28.19 30.73
C PRO F 208 10.27 28.16 30.36
N CYS F 209 10.59 27.72 29.14
CA CYS F 209 11.93 27.84 28.61
C CYS F 209 12.02 29.20 27.94
N PRO F 210 12.69 30.18 28.54
CA PRO F 210 12.58 31.56 28.06
C PRO F 210 13.46 31.90 26.86
N SER F 211 14.14 30.93 26.27
CA SER F 211 14.94 31.14 25.06
C SER F 211 14.52 30.09 24.05
N VAL F 212 13.46 30.38 23.31
CA VAL F 212 12.94 29.45 22.31
C VAL F 212 13.63 29.75 20.99
N SER F 213 13.69 28.75 20.12
CA SER F 213 14.25 28.93 18.79
C SER F 213 13.62 27.92 17.85
N THR F 214 12.82 28.39 16.90
CA THR F 214 12.15 27.47 15.99
C THR F 214 13.14 26.86 15.02
N VAL F 215 12.81 25.66 14.56
CA VAL F 215 13.72 24.81 13.80
C VAL F 215 12.88 24.02 12.81
N GLN F 216 13.30 24.02 11.54
CA GLN F 216 12.54 23.26 10.56
C GLN F 216 12.81 21.76 10.66
N CYS F 217 14.04 21.37 11.00
CA CYS F 217 14.44 19.97 11.02
C CYS F 217 15.43 19.76 12.15
N THR F 218 15.10 18.85 13.07
CA THR F 218 15.89 18.60 14.27
C THR F 218 17.26 18.03 13.89
N HIS F 219 18.18 18.05 14.86
CA HIS F 219 19.53 17.60 14.57
C HIS F 219 19.58 16.07 14.50
N GLY F 220 20.80 15.56 14.34
CA GLY F 220 20.97 14.14 14.16
C GLY F 220 20.65 13.33 15.39
N ILE F 221 19.52 12.65 15.37
CA ILE F 221 19.11 11.78 16.46
C ILE F 221 19.57 10.36 16.13
N LYS F 222 20.36 9.78 17.01
CA LYS F 222 20.87 8.44 16.79
C LYS F 222 19.91 7.42 17.36
N PRO F 223 19.30 6.57 16.55
CA PRO F 223 18.37 5.57 17.08
C PRO F 223 19.10 4.34 17.61
N VAL F 224 19.79 4.52 18.72
CA VAL F 224 20.52 3.45 19.38
C VAL F 224 19.62 2.92 20.50
N VAL F 225 19.71 1.62 20.76
CA VAL F 225 18.96 0.99 21.84
C VAL F 225 19.95 0.49 22.90
N SER F 226 19.62 0.73 24.16
CA SER F 226 20.47 0.30 25.26
C SER F 226 19.63 0.20 26.52
N THR F 227 20.26 -0.27 27.59
CA THR F 227 19.62 -0.47 28.87
C THR F 227 20.62 -0.12 29.95
N GLN F 228 20.17 0.67 30.94
CA GLN F 228 20.91 1.14 32.11
C GLN F 228 22.04 2.13 31.79
N LEU F 229 22.34 2.34 30.51
CA LEU F 229 23.49 3.17 30.12
C LEU F 229 23.18 3.67 28.73
N LEU F 230 22.78 4.92 28.59
CA LEU F 230 22.51 5.48 27.28
C LEU F 230 23.83 5.73 26.57
N LEU F 231 23.93 5.27 25.34
CA LEU F 231 25.19 5.29 24.60
C LEU F 231 25.08 6.26 23.43
N ASN F 232 26.24 6.82 23.08
CA ASN F 232 26.44 7.80 22.00
C ASN F 232 25.32 8.83 22.00
N GLY F 233 24.99 9.41 23.15
CA GLY F 233 23.97 10.44 23.27
C GLY F 233 24.52 11.82 23.02
N SER F 234 23.66 12.80 23.25
CA SER F 234 24.02 14.22 23.17
C SER F 234 24.15 14.76 24.57
N LEU F 235 25.28 15.39 24.86
CA LEU F 235 25.68 15.67 26.22
C LEU F 235 25.21 17.06 26.65
N ALA F 236 24.64 17.14 27.85
CA ALA F 236 24.25 18.43 28.40
C ALA F 236 25.49 19.19 28.85
N GLU F 237 25.64 20.40 28.34
CA GLU F 237 26.80 21.22 28.69
C GLU F 237 26.63 21.82 30.08
N GLU F 238 27.76 22.29 30.62
CA GLU F 238 27.90 23.15 31.80
C GLU F 238 27.65 22.43 33.13
N GLU F 239 27.10 21.21 33.09
CA GLU F 239 26.64 20.52 34.29
C GLU F 239 26.27 19.09 33.91
N VAL F 240 25.93 18.30 34.92
CA VAL F 240 25.27 17.01 34.74
C VAL F 240 23.86 17.13 35.30
N MET F 241 22.87 16.90 34.45
CA MET F 241 21.48 17.17 34.78
C MET F 241 20.73 15.88 35.06
N ILE F 242 19.67 16.01 35.87
CA ILE F 242 18.84 14.89 36.29
C ILE F 242 17.40 15.22 35.94
N ARG F 243 16.79 14.38 35.12
CA ARG F 243 15.41 14.55 34.71
C ARG F 243 14.55 13.48 35.39
N SER F 244 13.33 13.85 35.76
CA SER F 244 12.35 12.88 36.23
C SER F 244 10.98 13.50 36.06
N GLU F 245 9.98 12.64 35.80
CA GLU F 245 8.61 13.13 35.77
C GLU F 245 8.13 13.52 37.15
N ASN F 246 8.63 12.84 38.20
CA ASN F 246 8.38 13.27 39.59
C ASN F 246 9.39 12.58 40.49
N ILE F 247 10.31 13.33 41.10
CA ILE F 247 11.46 12.77 41.80
C ILE F 247 11.04 12.04 43.07
N THR F 248 9.83 12.25 43.56
CA THR F 248 9.38 11.55 44.75
C THR F 248 8.68 10.24 44.43
N ASN F 249 8.18 10.08 43.21
CA ASN F 249 7.56 8.83 42.80
C ASN F 249 8.62 7.74 42.64
N ASN F 250 8.19 6.50 42.78
CA ASN F 250 9.09 5.37 42.60
C ASN F 250 8.95 4.70 41.25
N ALA F 251 7.76 4.70 40.66
CA ALA F 251 7.55 4.09 39.36
C ALA F 251 8.19 4.90 38.24
N LYS F 252 8.53 6.15 38.48
CA LYS F 252 9.11 7.01 37.46
C LYS F 252 10.61 6.88 37.47
N ASN F 253 11.20 6.77 36.28
CA ASN F 253 12.63 6.63 36.15
C ASN F 253 13.33 7.94 36.44
N ILE F 254 14.66 7.91 36.39
CA ILE F 254 15.50 9.08 36.64
C ILE F 254 16.55 9.09 35.55
N LEU F 255 16.50 10.07 34.67
CA LEU F 255 17.40 10.13 33.53
C LEU F 255 18.53 11.09 33.85
N VAL F 256 19.74 10.57 33.95
CA VAL F 256 20.93 11.37 34.19
C VAL F 256 21.60 11.63 32.86
N GLN F 257 22.16 12.83 32.68
CA GLN F 257 22.82 13.19 31.43
C GLN F 257 24.14 13.89 31.75
N PHE F 258 25.24 13.28 31.33
CA PHE F 258 26.57 13.74 31.72
C PHE F 258 26.99 14.96 30.91
N ASN F 259 28.11 15.57 31.31
CA ASN F 259 28.77 16.60 30.52
C ASN F 259 30.07 16.14 29.90
N THR F 260 30.78 15.25 30.57
CA THR F 260 31.91 14.57 29.98
C THR F 260 31.56 13.11 29.74
N PRO F 261 31.92 12.55 28.61
CA PRO F 261 31.53 11.17 28.35
C PRO F 261 32.58 10.18 28.83
N VAL F 262 32.20 9.24 29.67
CA VAL F 262 33.15 8.18 30.01
C VAL F 262 33.22 7.23 28.84
N GLN F 263 34.39 6.64 28.63
CA GLN F 263 34.64 5.84 27.46
C GLN F 263 34.50 4.37 27.79
N ILE F 264 33.95 3.61 26.87
CA ILE F 264 33.76 2.18 27.07
C ILE F 264 34.39 1.44 25.89
N ASN F 265 35.05 0.33 26.19
CA ASN F 265 35.78 -0.47 25.19
C ASN F 265 35.22 -1.87 25.21
N CYS F 266 34.19 -2.11 24.41
CA CYS F 266 33.51 -3.39 24.43
C CYS F 266 34.03 -4.25 23.31
N THR F 267 34.62 -5.39 23.66
CA THR F 267 35.34 -6.22 22.72
C THR F 267 34.86 -7.65 22.84
N ARG F 268 35.27 -8.47 21.88
CA ARG F 268 35.06 -9.90 21.91
C ARG F 268 36.30 -10.58 21.39
N PRO F 269 36.94 -11.45 22.18
CA PRO F 269 38.25 -11.98 21.80
C PRO F 269 38.24 -13.14 20.83
N ASN F 270 37.11 -13.79 20.60
CA ASN F 270 37.08 -14.96 19.74
C ASN F 270 37.19 -14.57 18.26
N ASN F 271 37.56 -15.56 17.45
CA ASN F 271 37.81 -15.40 16.02
C ASN F 271 36.98 -16.40 15.24
N ASN F 272 35.67 -16.42 15.50
CA ASN F 272 34.78 -17.43 14.94
C ASN F 272 34.64 -17.30 13.43
N THR F 273 34.36 -18.43 12.80
CA THR F 273 34.27 -18.54 11.35
C THR F 273 32.81 -18.70 10.97
N ARG F 274 32.27 -17.71 10.25
CA ARG F 274 30.92 -17.83 9.74
C ARG F 274 30.91 -18.82 8.59
N LYS F 275 30.04 -19.82 8.66
CA LYS F 275 29.99 -20.88 7.67
C LYS F 275 28.57 -21.00 7.14
N SER F 276 28.43 -20.94 5.82
CA SER F 276 27.11 -20.97 5.22
C SER F 276 26.58 -22.39 5.13
N ILE F 277 25.25 -22.51 5.24
CA ILE F 277 24.57 -23.80 5.15
C ILE F 277 23.37 -23.62 4.24
N ARG F 278 23.26 -24.45 3.22
CA ARG F 278 22.11 -24.42 2.33
C ARG F 278 20.90 -25.03 3.04
N ILE F 279 19.84 -24.26 3.19
CA ILE F 279 18.57 -24.78 3.67
C ILE F 279 17.54 -24.49 2.59
N GLY F 280 17.09 -25.53 1.91
CA GLY F 280 16.22 -25.36 0.78
C GLY F 280 16.93 -24.71 -0.39
N PRO F 281 16.17 -24.26 -1.37
CA PRO F 281 16.78 -23.61 -2.54
C PRO F 281 16.95 -22.11 -2.36
N GLY F 282 18.19 -21.64 -2.49
CA GLY F 282 18.44 -20.21 -2.49
C GLY F 282 18.33 -19.52 -1.16
N GLN F 283 18.29 -20.27 -0.06
CA GLN F 283 18.20 -19.72 1.28
C GLN F 283 19.35 -20.27 2.10
N ALA F 284 20.22 -19.39 2.58
CA ALA F 284 21.36 -19.80 3.37
C ALA F 284 21.11 -19.53 4.84
N PHE F 285 21.83 -20.28 5.67
CA PHE F 285 21.80 -20.10 7.13
C PHE F 285 23.24 -20.12 7.61
N TYR F 286 23.67 -19.03 8.24
CA TYR F 286 25.06 -18.82 8.61
C TYR F 286 25.27 -19.24 10.06
N ALA F 287 26.32 -20.01 10.29
CA ALA F 287 26.55 -20.56 11.62
C ALA F 287 28.03 -20.56 11.95
N THR F 288 28.34 -20.35 13.23
CA THR F 288 29.71 -20.43 13.74
C THR F 288 30.26 -21.84 13.57
N GLY F 289 31.25 -21.99 12.71
CA GLY F 289 31.83 -23.29 12.47
C GLY F 289 32.86 -23.69 13.51
N ASP F 290 33.90 -22.88 13.66
CA ASP F 290 34.93 -23.13 14.64
C ASP F 290 35.51 -21.81 15.13
N ILE F 291 36.13 -21.87 16.30
CA ILE F 291 36.76 -20.71 16.92
C ILE F 291 38.25 -20.81 16.63
N ILE F 292 38.76 -19.90 15.81
CA ILE F 292 40.17 -19.87 15.46
C ILE F 292 40.94 -19.36 16.66
N GLY F 293 41.77 -20.22 17.26
CA GLY F 293 42.53 -19.84 18.42
C GLY F 293 41.87 -20.31 19.70
N ASP F 294 42.00 -19.52 20.76
CA ASP F 294 41.43 -19.86 22.05
C ASP F 294 40.14 -19.08 22.29
N ILE F 295 39.33 -19.59 23.23
CA ILE F 295 38.01 -19.05 23.50
C ILE F 295 38.03 -18.39 24.87
N ARG F 296 37.64 -17.12 24.90
CA ARG F 296 37.56 -16.35 26.14
C ARG F 296 36.26 -15.57 26.17
N GLN F 297 35.99 -14.94 27.31
CA GLN F 297 34.72 -14.24 27.53
C GLN F 297 34.81 -12.80 27.05
N ALA F 298 33.74 -12.33 26.42
CA ALA F 298 33.69 -10.95 25.93
C ALA F 298 33.47 -10.01 27.10
N HIS F 299 34.34 -9.00 27.22
CA HIS F 299 34.33 -8.11 28.36
C HIS F 299 34.15 -6.69 27.87
N CYS F 300 34.04 -5.75 28.82
CA CYS F 300 33.97 -4.33 28.52
C CYS F 300 34.74 -3.56 29.56
N ASN F 301 35.49 -2.56 29.11
CA ASN F 301 36.40 -1.80 29.95
C ASN F 301 35.83 -0.42 30.17
N VAL F 302 36.14 0.18 31.32
CA VAL F 302 35.89 1.58 31.59
C VAL F 302 36.89 2.03 32.66
N SER F 303 37.52 3.17 32.42
CA SER F 303 38.53 3.65 33.34
C SER F 303 37.89 4.21 34.61
N LYS F 304 38.38 3.74 35.75
CA LYS F 304 37.74 4.05 37.03
C LYS F 304 38.01 5.48 37.46
N ALA F 305 39.10 6.08 36.99
CA ALA F 305 39.45 7.44 37.41
C ALA F 305 38.45 8.45 36.86
N THR F 306 37.92 8.21 35.66
CA THR F 306 36.90 9.11 35.13
C THR F 306 35.51 8.60 35.41
N TRP F 307 35.37 7.35 35.87
CA TRP F 307 34.05 6.86 36.22
C TRP F 307 33.67 7.26 37.64
N ASN F 308 34.58 7.03 38.59
CA ASN F 308 34.32 7.40 39.98
C ASN F 308 34.24 8.91 40.14
N GLU F 309 34.89 9.66 39.25
CA GLU F 309 34.67 11.10 39.20
C GLU F 309 33.28 11.43 38.68
N THR F 310 32.78 10.66 37.72
CA THR F 310 31.47 10.94 37.14
C THR F 310 30.35 10.56 38.10
N LEU F 311 30.56 9.54 38.92
CA LEU F 311 29.60 9.27 39.98
C LEU F 311 29.70 10.33 41.08
N GLY F 312 30.85 10.98 41.21
CA GLY F 312 30.96 12.06 42.17
C GLY F 312 30.27 13.32 41.72
N LYS F 313 30.03 13.45 40.41
CA LYS F 313 29.30 14.59 39.90
C LYS F 313 27.80 14.42 40.12
N VAL F 314 27.32 13.19 39.97
CA VAL F 314 25.87 12.96 40.04
C VAL F 314 25.37 13.08 41.47
N VAL F 315 26.15 12.58 42.43
CA VAL F 315 25.77 12.67 43.84
C VAL F 315 25.72 14.12 44.30
N LYS F 316 26.65 14.94 43.81
CA LYS F 316 26.60 16.38 44.10
C LYS F 316 25.37 17.04 43.48
N GLN F 317 24.90 16.52 42.36
CA GLN F 317 23.69 17.04 41.75
C GLN F 317 22.42 16.34 42.21
N LEU F 318 22.52 15.13 42.77
CA LEU F 318 21.36 14.46 43.32
C LEU F 318 21.03 14.90 44.72
N ARG F 319 21.95 15.60 45.38
CA ARG F 319 21.71 16.10 46.72
C ARG F 319 21.00 17.45 46.71
N LYS F 320 20.60 17.95 45.54
CA LYS F 320 19.75 19.13 45.49
C LYS F 320 18.30 18.76 45.72
N HIS F 321 17.87 17.60 45.22
CA HIS F 321 16.48 17.20 45.35
C HIS F 321 16.19 16.49 46.66
N PHE F 322 17.21 15.96 47.35
CA PHE F 322 17.00 15.17 48.55
C PHE F 322 17.60 15.78 49.81
N GLY F 323 18.41 16.82 49.70
CA GLY F 323 19.10 17.39 50.83
C GLY F 323 20.59 17.13 50.77
N ASN F 324 21.35 17.98 51.45
CA ASN F 324 22.81 17.92 51.38
C ASN F 324 23.41 17.06 52.48
N ASN F 325 22.66 16.10 53.03
CA ASN F 325 23.20 15.24 54.06
C ASN F 325 22.82 13.78 53.92
N THR F 326 22.11 13.39 52.86
CA THR F 326 21.67 12.01 52.73
C THR F 326 22.80 11.14 52.21
N ILE F 327 22.86 9.91 52.69
CA ILE F 327 23.88 8.96 52.26
C ILE F 327 23.42 8.34 50.94
N ILE F 328 23.82 8.95 49.82
CA ILE F 328 23.43 8.44 48.52
C ILE F 328 24.20 7.15 48.25
N ARG F 329 23.47 6.09 47.93
CA ARG F 329 24.03 4.76 47.74
C ARG F 329 23.66 4.26 46.35
N PHE F 330 24.50 3.41 45.79
CA PHE F 330 24.19 2.73 44.55
C PHE F 330 24.22 1.23 44.79
N ALA F 331 23.60 0.49 43.89
CA ALA F 331 23.59 -0.97 43.96
C ALA F 331 23.35 -1.52 42.57
N ASN F 332 23.53 -2.81 42.41
CA ASN F 332 23.35 -3.40 41.08
C ASN F 332 21.92 -3.83 40.93
N SER F 333 21.53 -4.18 39.73
CA SER F 333 20.13 -4.34 39.35
C SER F 333 19.45 -5.39 40.21
N SER F 334 18.17 -5.20 40.45
CA SER F 334 17.48 -6.00 41.46
C SER F 334 16.98 -7.31 40.85
N GLY F 335 16.15 -7.23 39.81
CA GLY F 335 15.64 -8.43 39.19
C GLY F 335 15.22 -8.14 37.78
N GLY F 336 14.61 -9.14 37.16
CA GLY F 336 14.19 -9.06 35.78
C GLY F 336 14.84 -10.15 34.95
N ASP F 337 14.53 -10.14 33.67
CA ASP F 337 15.19 -11.04 32.75
C ASP F 337 16.43 -10.36 32.19
N LEU F 338 17.08 -10.97 31.20
CA LEU F 338 18.43 -10.60 30.82
C LEU F 338 18.53 -9.26 30.09
N GLU F 339 17.42 -8.69 29.64
CA GLU F 339 17.46 -7.44 28.90
C GLU F 339 17.34 -6.20 29.77
N VAL F 340 17.09 -6.36 31.08
CA VAL F 340 16.92 -5.22 31.96
C VAL F 340 17.88 -5.35 33.14
N THR F 341 18.19 -6.59 33.50
CA THR F 341 19.12 -6.80 34.59
C THR F 341 20.58 -6.64 34.17
N THR F 342 20.85 -6.43 32.88
CA THR F 342 22.19 -6.25 32.36
C THR F 342 22.17 -5.21 31.26
N HIS F 343 23.32 -4.58 31.03
CA HIS F 343 23.50 -3.65 29.92
C HIS F 343 23.41 -4.41 28.61
N SER F 344 22.56 -3.95 27.70
CA SER F 344 22.28 -4.65 26.46
C SER F 344 22.44 -3.70 25.29
N PHE F 345 23.25 -4.09 24.30
CA PHE F 345 23.47 -3.25 23.13
C PHE F 345 23.86 -4.14 21.96
N ASN F 346 24.04 -3.52 20.79
CA ASN F 346 24.46 -4.23 19.58
C ASN F 346 25.73 -3.57 19.04
N CYS F 347 26.87 -4.01 19.56
CA CYS F 347 28.14 -3.45 19.12
C CYS F 347 28.56 -4.12 17.82
N GLY F 348 28.40 -3.41 16.71
CA GLY F 348 28.90 -3.87 15.43
C GLY F 348 28.19 -5.07 14.84
N GLY F 349 26.99 -5.37 15.30
CA GLY F 349 26.22 -6.47 14.76
C GLY F 349 26.18 -7.73 15.59
N GLU F 350 26.60 -7.67 16.85
CA GLU F 350 26.41 -8.79 17.76
C GLU F 350 26.03 -8.25 19.13
N PHE F 351 25.13 -8.94 19.80
CA PHE F 351 24.40 -8.40 20.94
C PHE F 351 25.09 -8.81 22.24
N PHE F 352 25.57 -7.82 22.98
CA PHE F 352 26.25 -8.05 24.24
C PHE F 352 25.29 -7.82 25.39
N TYR F 353 25.31 -8.71 26.37
CA TYR F 353 24.53 -8.56 27.60
C TYR F 353 25.51 -8.44 28.75
N CYS F 354 25.91 -7.21 29.08
CA CYS F 354 27.04 -6.96 29.96
C CYS F 354 26.59 -6.73 31.40
N ASN F 355 27.31 -7.34 32.33
CA ASN F 355 26.98 -7.33 33.74
C ASN F 355 27.55 -6.07 34.39
N THR F 356 26.68 -5.16 34.80
CA THR F 356 27.09 -3.89 35.38
C THR F 356 27.06 -3.90 36.89
N SER F 357 27.40 -5.00 37.53
CA SER F 357 27.48 -4.99 38.98
C SER F 357 28.81 -4.46 39.50
N GLY F 358 29.72 -4.07 38.61
CA GLY F 358 30.97 -3.50 39.04
C GLY F 358 30.92 -1.99 39.05
N LEU F 359 30.06 -1.43 38.19
CA LEU F 359 29.90 0.01 38.15
C LEU F 359 29.13 0.51 39.36
N PHE F 360 27.88 0.08 39.50
CA PHE F 360 26.96 0.61 40.50
C PHE F 360 27.20 -0.10 41.82
N ASN F 361 28.27 0.27 42.49
CA ASN F 361 28.54 -0.26 43.83
C ASN F 361 29.38 0.79 44.57
N SER F 362 28.70 1.66 45.33
CA SER F 362 29.36 2.75 46.02
C SER F 362 28.53 3.15 47.23
N THR F 363 29.03 4.15 47.96
CA THR F 363 28.34 4.75 49.09
C THR F 363 29.00 6.09 49.39
N TRP F 364 28.22 7.16 49.43
CA TRP F 364 28.74 8.51 49.58
C TRP F 364 28.16 9.10 50.86
N ILE F 365 29.03 9.52 51.77
CA ILE F 365 28.64 9.66 53.17
C ILE F 365 28.58 11.15 53.52
N SER F 366 28.25 11.97 52.52
CA SER F 366 27.89 13.40 52.69
C SER F 366 29.06 14.23 53.22
N ASN F 367 30.15 14.21 52.48
CA ASN F 367 31.30 15.04 52.79
C ASN F 367 32.01 15.45 51.51
N SER F 378 46.24 4.96 37.93
CA SER F 378 44.82 5.24 37.76
C SER F 378 44.21 4.31 36.72
N ASN F 379 45.08 3.71 35.90
CA ASN F 379 44.64 2.84 34.81
C ASN F 379 44.40 1.43 35.33
N ASP F 380 43.35 1.28 36.12
CA ASP F 380 43.01 -0.04 36.62
C ASP F 380 41.80 -0.65 35.92
N SER F 381 40.89 0.17 35.40
CA SER F 381 39.99 -0.19 34.30
C SER F 381 39.02 -1.32 34.66
N ILE F 382 37.98 -0.95 35.42
CA ILE F 382 36.84 -1.79 35.77
C ILE F 382 36.33 -2.60 34.58
N THR F 383 36.25 -3.93 34.74
CA THR F 383 35.87 -4.84 33.68
C THR F 383 34.45 -5.34 33.90
N LEU F 384 33.70 -5.47 32.81
CA LEU F 384 32.33 -5.97 32.88
C LEU F 384 32.23 -7.23 32.03
N PRO F 385 32.13 -8.41 32.61
CA PRO F 385 31.99 -9.62 31.79
C PRO F 385 30.62 -9.70 31.16
N CYS F 386 30.60 -10.02 29.87
CA CYS F 386 29.37 -10.03 29.10
C CYS F 386 29.07 -11.42 28.57
N ARG F 387 27.80 -11.65 28.27
CA ARG F 387 27.33 -12.85 27.60
C ARG F 387 26.69 -12.43 26.29
N ILE F 388 26.79 -13.30 25.30
CA ILE F 388 26.35 -13.00 23.94
C ILE F 388 25.23 -13.96 23.58
N LYS F 389 24.11 -13.43 23.14
CA LYS F 389 22.96 -14.21 22.72
C LYS F 389 22.70 -13.98 21.24
N GLN F 390 21.98 -14.90 20.62
CA GLN F 390 21.60 -14.75 19.23
C GLN F 390 20.10 -14.73 19.00
N ILE F 391 19.32 -15.48 19.76
CA ILE F 391 17.86 -15.47 19.60
C ILE F 391 17.35 -14.30 20.43
N ILE F 392 17.35 -13.12 19.83
CA ILE F 392 16.99 -11.90 20.52
C ILE F 392 15.48 -11.71 20.38
N ASN F 393 14.91 -10.84 21.22
CA ASN F 393 13.50 -10.50 21.06
C ASN F 393 13.32 -9.00 20.82
N MET F 394 13.97 -8.18 21.64
CA MET F 394 14.25 -6.75 21.43
C MET F 394 13.02 -5.85 21.56
N TRP F 395 11.81 -6.40 21.56
CA TRP F 395 10.63 -5.57 21.77
C TRP F 395 9.59 -6.27 22.66
N GLN F 396 9.87 -7.51 23.06
CA GLN F 396 8.94 -8.38 23.81
C GLN F 396 7.59 -8.48 23.11
N ARG F 397 7.62 -8.93 21.87
CA ARG F 397 6.41 -9.20 21.10
C ARG F 397 6.30 -10.71 20.94
N ILE F 398 5.18 -11.26 21.41
CA ILE F 398 4.98 -12.73 21.36
C ILE F 398 4.84 -13.11 19.90
N GLY F 399 5.77 -13.91 19.40
CA GLY F 399 5.71 -14.31 17.98
C GLY F 399 6.77 -13.72 17.09
N GLN F 400 7.70 -12.92 17.63
CA GLN F 400 8.81 -12.42 16.80
C GLN F 400 10.12 -12.92 17.42
N CYS F 401 11.17 -12.98 16.61
CA CYS F 401 12.51 -13.42 17.05
C CYS F 401 13.44 -13.18 15.86
N MET F 402 14.73 -12.93 16.12
CA MET F 402 15.61 -12.52 14.98
C MET F 402 17.00 -13.10 15.21
N TYR F 403 17.26 -14.33 14.73
CA TYR F 403 18.59 -14.93 14.90
C TYR F 403 19.69 -14.12 14.25
N ALA F 404 20.39 -13.26 14.96
CA ALA F 404 21.53 -12.49 14.51
C ALA F 404 22.56 -13.41 13.88
N PRO F 405 22.94 -13.21 12.61
CA PRO F 405 23.95 -14.06 12.01
C PRO F 405 25.31 -13.76 12.62
N PRO F 406 26.19 -14.75 12.72
CA PRO F 406 27.48 -14.53 13.38
C PRO F 406 28.42 -13.73 12.51
N ILE F 407 29.04 -12.73 13.10
CA ILE F 407 30.04 -11.92 12.41
C ILE F 407 31.41 -12.52 12.70
N GLN F 408 32.27 -12.56 11.69
CA GLN F 408 33.57 -13.21 11.82
C GLN F 408 34.65 -12.20 12.18
N GLY F 409 35.76 -12.72 12.68
CA GLY F 409 36.82 -11.89 13.20
C GLY F 409 36.52 -11.42 14.61
N VAL F 410 37.55 -10.87 15.26
CA VAL F 410 37.32 -10.18 16.52
C VAL F 410 36.52 -8.92 16.24
N ILE F 411 35.72 -8.51 17.23
CA ILE F 411 34.86 -7.35 17.08
C ILE F 411 35.01 -6.49 18.33
N ARG F 412 35.22 -5.20 18.12
CA ARG F 412 35.52 -4.28 19.21
C ARG F 412 35.08 -2.89 18.82
N CYS F 413 34.32 -2.23 19.68
CA CYS F 413 33.90 -0.86 19.45
C CYS F 413 34.24 -0.01 20.66
N VAL F 414 34.43 1.29 20.41
CA VAL F 414 34.76 2.25 21.44
C VAL F 414 33.70 3.34 21.41
N SER F 415 33.08 3.61 22.56
CA SER F 415 31.85 4.39 22.54
C SER F 415 31.75 5.25 23.79
N ASN F 416 30.92 6.30 23.69
CA ASN F 416 30.63 7.12 24.84
C ASN F 416 29.71 6.39 25.80
N ILE F 417 29.57 6.93 27.00
CA ILE F 417 28.43 6.69 27.88
C ILE F 417 28.00 8.06 28.34
N THR F 418 26.97 8.61 27.72
CA THR F 418 26.55 9.96 28.06
C THR F 418 25.40 9.99 29.04
N GLY F 419 24.43 9.09 28.89
CA GLY F 419 23.28 9.04 29.76
C GLY F 419 23.31 7.80 30.63
N LEU F 420 22.41 7.79 31.61
CA LEU F 420 22.39 6.75 32.62
C LEU F 420 21.02 6.79 33.30
N ILE F 421 20.35 5.64 33.36
CA ILE F 421 18.99 5.56 33.87
C ILE F 421 19.02 4.96 35.27
N LEU F 422 18.26 5.54 36.19
CA LEU F 422 18.21 5.08 37.56
C LEU F 422 16.75 4.98 37.99
N THR F 423 16.46 4.03 38.89
CA THR F 423 15.19 3.98 39.61
C THR F 423 15.52 3.84 41.09
N ARG F 424 14.95 4.72 41.92
CA ARG F 424 15.17 4.55 43.35
C ARG F 424 14.24 3.47 43.88
N ASP F 425 14.28 3.22 45.19
CA ASP F 425 13.51 2.09 45.67
C ASP F 425 12.92 2.36 47.05
N GLY F 426 11.71 1.87 47.25
CA GLY F 426 11.08 1.57 48.52
C GLY F 426 10.88 2.72 49.47
N GLY F 427 10.40 2.35 50.65
CA GLY F 427 10.19 3.32 51.71
C GLY F 427 10.73 2.81 53.03
N SER F 428 11.40 3.68 53.76
CA SER F 428 12.06 3.28 54.99
C SER F 428 11.70 4.12 56.20
N THR F 429 10.87 5.15 56.03
CA THR F 429 10.57 6.20 57.04
C THR F 429 11.84 6.85 57.58
N ASN F 430 12.87 6.94 56.74
CA ASN F 430 14.18 7.43 57.17
C ASN F 430 14.88 7.91 55.89
N SER F 431 14.90 9.23 55.70
CA SER F 431 15.40 9.81 54.46
C SER F 431 16.90 10.07 54.49
N THR F 432 17.65 9.34 55.32
CA THR F 432 19.08 9.53 55.37
C THR F 432 19.83 8.73 54.31
N THR F 433 19.15 7.85 53.58
CA THR F 433 19.81 7.05 52.57
C THR F 433 18.84 6.68 51.46
N GLU F 434 19.32 6.73 50.22
CA GLU F 434 18.54 6.36 49.05
C GLU F 434 19.44 5.52 48.16
N THR F 435 19.02 4.29 47.85
CA THR F 435 19.86 3.35 47.13
C THR F 435 19.39 3.26 45.68
N PHE F 436 20.04 4.00 44.81
CA PHE F 436 19.63 4.05 43.41
C PHE F 436 20.13 2.82 42.66
N ARG F 437 19.24 2.24 41.87
CA ARG F 437 19.54 1.05 41.09
C ARG F 437 19.24 1.32 39.63
N PRO F 438 20.04 0.81 38.71
CA PRO F 438 19.76 1.00 37.29
C PRO F 438 18.61 0.12 36.84
N GLY F 439 17.99 0.52 35.74
CA GLY F 439 16.91 -0.27 35.17
C GLY F 439 16.32 0.39 33.94
N GLY F 440 16.15 -0.38 32.88
CA GLY F 440 15.72 0.15 31.60
C GLY F 440 14.41 -0.41 31.13
N GLY F 441 13.43 -0.48 32.03
CA GLY F 441 12.17 -1.19 31.81
C GLY F 441 11.35 -0.77 30.59
N ASP F 442 11.63 0.41 30.03
CA ASP F 442 11.05 0.83 28.77
C ASP F 442 12.16 1.07 27.76
N MET F 443 11.78 1.05 26.48
CA MET F 443 12.73 1.28 25.39
C MET F 443 12.62 2.68 24.82
N ARG F 444 11.69 3.49 25.30
CA ARG F 444 11.54 4.85 24.82
C ARG F 444 12.16 5.88 25.75
N ASP F 445 12.70 5.44 26.89
CA ASP F 445 13.42 6.36 27.75
C ASP F 445 14.77 6.76 27.17
N ASN F 446 15.31 5.98 26.23
CA ASN F 446 16.53 6.39 25.57
C ASN F 446 16.28 7.57 24.65
N TRP F 447 15.21 7.51 23.86
CA TRP F 447 14.93 8.57 22.89
C TRP F 447 14.31 9.79 23.53
N ARG F 448 13.71 9.66 24.71
CA ARG F 448 13.22 10.84 25.41
C ARG F 448 14.35 11.65 26.01
N SER F 449 15.55 11.07 26.11
CA SER F 449 16.74 11.82 26.48
C SER F 449 17.36 12.56 25.30
N GLU F 450 16.73 12.53 24.12
CA GLU F 450 17.18 13.30 22.98
C GLU F 450 16.11 14.15 22.33
N LEU F 451 14.84 13.91 22.63
CA LEU F 451 13.73 14.72 22.13
C LEU F 451 13.05 15.47 23.27
N TYR F 452 13.84 15.97 24.20
CA TYR F 452 13.30 16.77 25.29
C TYR F 452 13.28 18.25 24.97
N LYS F 453 14.17 18.70 24.08
CA LYS F 453 14.20 20.09 23.70
C LYS F 453 13.05 20.46 22.77
N TYR F 454 12.41 19.49 22.16
CA TYR F 454 11.52 19.76 21.03
C TYR F 454 10.05 19.66 21.42
N LYS F 455 9.23 20.40 20.67
CA LYS F 455 7.79 20.34 20.75
C LYS F 455 7.24 20.83 19.43
N VAL F 456 6.22 20.15 18.92
CA VAL F 456 5.64 20.46 17.62
C VAL F 456 4.35 21.25 17.81
N VAL F 457 4.24 22.39 17.14
CA VAL F 457 3.09 23.26 17.22
C VAL F 457 2.59 23.56 15.82
N LYS F 458 1.28 23.80 15.70
CA LYS F 458 0.67 24.12 14.42
C LYS F 458 0.37 25.61 14.38
N ILE F 459 0.61 26.21 13.22
CA ILE F 459 0.39 27.64 13.04
C ILE F 459 -1.09 27.89 12.83
N GLU F 460 -1.64 28.88 13.52
CA GLU F 460 -3.02 29.31 13.33
C GLU F 460 -2.98 30.71 12.72
N PRO F 461 -2.96 30.82 11.39
CA PRO F 461 -2.59 32.10 10.76
C PRO F 461 -3.66 33.16 10.81
N LEU F 462 -4.94 32.83 10.89
CA LEU F 462 -5.95 33.86 10.97
C LEU F 462 -5.93 34.55 12.33
N GLY F 463 -6.39 35.79 12.34
CA GLY F 463 -6.49 36.54 13.57
C GLY F 463 -7.16 37.87 13.33
N VAL F 464 -8.14 38.19 14.15
CA VAL F 464 -8.84 39.45 14.04
C VAL F 464 -8.30 40.39 15.10
N ALA F 465 -8.50 41.69 14.89
CA ALA F 465 -8.04 42.71 15.82
C ALA F 465 -8.79 43.99 15.53
N PRO F 466 -9.09 44.78 16.54
CA PRO F 466 -9.74 46.08 16.27
C PRO F 466 -8.78 47.16 15.84
N THR F 467 -9.11 47.84 14.76
CA THR F 467 -8.45 49.07 14.36
C THR F 467 -9.49 49.97 13.71
N ARG F 468 -9.02 51.06 13.11
CA ARG F 468 -9.94 52.03 12.52
C ARG F 468 -9.94 51.89 11.00
N CYS F 469 -10.77 50.96 10.53
CA CYS F 469 -11.16 50.85 9.14
C CYS F 469 -12.66 51.02 8.98
N LYS F 470 -13.06 51.83 8.02
CA LYS F 470 -14.45 51.90 7.58
C LYS F 470 -14.47 51.66 6.08
N ARG F 471 -15.10 50.57 5.66
CA ARG F 471 -15.10 50.18 4.26
C ARG F 471 -15.81 51.20 3.39
N ARG F 472 -15.39 51.30 2.13
CA ARG F 472 -15.85 52.38 1.27
C ARG F 472 -17.26 52.12 0.74
N VAL F 473 -17.43 51.01 0.02
CA VAL F 473 -18.72 50.69 -0.58
C VAL F 473 -19.70 50.21 0.49
N LEU G 1 2.76 9.39 57.06
CA LEU G 1 1.39 9.85 57.27
C LEU G 1 0.97 9.52 58.69
N THR G 2 -0.05 10.22 59.18
CA THR G 2 -0.55 10.02 60.53
C THR G 2 -2.03 10.30 60.56
N GLN G 3 -2.81 9.30 60.94
CA GLN G 3 -4.25 9.47 61.13
C GLN G 3 -4.54 9.69 62.60
N SER G 4 -5.35 10.73 62.88
CA SER G 4 -5.46 11.21 64.26
C SER G 4 -6.28 10.32 65.19
N PRO G 5 -7.58 10.06 64.97
CA PRO G 5 -8.42 9.66 66.11
C PRO G 5 -8.26 8.21 66.55
N GLY G 6 -7.96 7.29 65.65
CA GLY G 6 -7.76 5.91 66.03
C GLY G 6 -9.04 5.08 66.05
N THR G 7 -9.97 5.41 66.94
CA THR G 7 -11.26 4.74 67.00
C THR G 7 -12.35 5.79 67.00
N LEU G 8 -13.46 5.48 66.32
CA LEU G 8 -14.65 6.34 66.28
C LEU G 8 -15.86 5.46 66.55
N SER G 9 -16.46 5.62 67.73
CA SER G 9 -17.61 4.84 68.14
C SER G 9 -18.85 5.71 68.04
N LEU G 10 -19.55 5.61 66.91
CA LEU G 10 -20.73 6.43 66.65
C LEU G 10 -21.91 5.56 66.27
N SER G 11 -23.10 6.10 66.47
CA SER G 11 -24.43 5.61 66.12
C SER G 11 -24.76 6.01 64.68
N PRO G 12 -25.45 5.14 63.93
CA PRO G 12 -25.59 5.36 62.48
C PRO G 12 -26.46 6.57 62.16
N GLY G 13 -25.86 7.55 61.51
CA GLY G 13 -26.55 8.77 61.16
C GLY G 13 -25.72 10.00 61.45
N GLU G 14 -24.78 9.89 62.38
CA GLU G 14 -23.93 11.00 62.74
C GLU G 14 -22.85 11.22 61.68
N THR G 15 -22.07 12.27 61.87
CA THR G 15 -20.95 12.58 60.99
C THR G 15 -19.63 12.20 61.66
N ALA G 16 -18.65 11.84 60.83
CA ALA G 16 -17.37 11.35 61.32
C ALA G 16 -16.24 11.96 60.51
N ILE G 17 -15.24 12.49 61.20
CA ILE G 17 -14.08 13.14 60.59
C ILE G 17 -12.85 12.28 60.85
N ILE G 18 -11.99 12.16 59.85
CA ILE G 18 -10.71 11.48 59.96
C ILE G 18 -9.68 12.34 59.25
N SER G 19 -8.58 12.68 59.94
CA SER G 19 -7.58 13.60 59.41
C SER G 19 -6.25 12.88 59.24
N CYS G 20 -5.71 12.92 58.02
CA CYS G 20 -4.45 12.27 57.68
C CYS G 20 -3.37 13.34 57.47
N ARG G 21 -2.58 13.58 58.50
CA ARG G 21 -1.51 14.60 58.46
C ARG G 21 -0.37 14.08 57.60
N THR G 22 -0.26 14.59 56.38
CA THR G 22 0.80 14.16 55.47
C THR G 22 2.10 14.91 55.76
N SER G 23 3.17 14.49 55.09
CA SER G 23 4.47 15.11 55.27
C SER G 23 5.03 15.75 54.01
N GLN G 24 5.12 15.01 52.91
CA GLN G 24 5.64 15.53 51.65
C GLN G 24 4.51 15.67 50.63
N TYR G 25 4.82 16.37 49.55
CA TYR G 25 3.81 16.74 48.55
C TYR G 25 3.43 15.51 47.73
N GLY G 26 2.38 14.82 48.14
CA GLY G 26 1.89 13.68 47.39
C GLY G 26 0.38 13.71 47.29
N SER G 27 -0.12 13.05 46.26
CA SER G 27 -1.56 12.94 46.07
C SER G 27 -2.10 11.84 46.98
N LEU G 28 -2.81 12.23 48.03
CA LEU G 28 -3.38 11.29 48.97
C LEU G 28 -4.54 10.52 48.35
N ALA G 29 -4.85 9.38 48.94
CA ALA G 29 -6.00 8.59 48.54
C ALA G 29 -6.45 7.79 49.74
N TRP G 30 -7.76 7.58 49.84
CA TRP G 30 -8.34 6.96 51.01
C TRP G 30 -8.86 5.57 50.69
N TYR G 31 -8.74 4.68 51.68
CA TYR G 31 -9.14 3.28 51.52
C TYR G 31 -10.04 2.88 52.67
N GLN G 32 -10.95 1.95 52.40
CA GLN G 32 -11.91 1.48 53.39
C GLN G 32 -11.94 -0.04 53.36
N GLN G 33 -11.60 -0.67 54.48
CA GLN G 33 -11.60 -2.11 54.60
C GLN G 33 -12.66 -2.54 55.59
N ARG G 34 -13.74 -3.12 55.09
CA ARG G 34 -14.64 -3.82 55.97
C ARG G 34 -14.01 -5.15 56.38
N PRO G 35 -14.32 -5.66 57.57
CA PRO G 35 -13.72 -6.93 58.01
C PRO G 35 -14.21 -8.11 57.17
N GLY G 36 -13.26 -8.92 56.72
CA GLY G 36 -13.57 -10.07 55.90
C GLY G 36 -13.52 -9.84 54.41
N GLN G 37 -12.90 -8.75 53.96
CA GLN G 37 -12.85 -8.44 52.55
C GLN G 37 -11.53 -7.73 52.24
N ALA G 38 -11.33 -7.39 50.98
CA ALA G 38 -10.27 -6.57 50.45
C ALA G 38 -10.67 -5.10 50.56
N PRO G 39 -9.72 -4.20 50.81
CA PRO G 39 -10.04 -2.77 50.82
C PRO G 39 -10.38 -2.27 49.42
N ARG G 40 -10.98 -1.09 49.37
CA ARG G 40 -11.35 -0.51 48.10
C ARG G 40 -11.14 1.00 48.15
N LEU G 41 -11.01 1.57 46.97
CA LEU G 41 -10.77 3.00 46.84
C LEU G 41 -12.08 3.77 47.01
N VAL G 42 -12.03 4.85 47.78
CA VAL G 42 -13.19 5.72 47.99
C VAL G 42 -12.91 7.14 47.52
N ILE G 43 -11.76 7.70 47.90
CA ILE G 43 -11.33 9.04 47.50
C ILE G 43 -9.94 8.91 46.90
N TYR G 44 -9.70 9.56 45.77
CA TYR G 44 -8.35 9.67 45.26
C TYR G 44 -8.07 11.10 44.83
N SER G 45 -6.78 11.41 44.77
CA SER G 45 -6.23 12.76 44.54
C SER G 45 -6.73 13.77 45.57
N GLY G 46 -7.02 13.31 46.77
CA GLY G 46 -7.43 14.18 47.85
C GLY G 46 -8.90 14.47 47.97
N SER G 47 -9.54 14.82 46.86
CA SER G 47 -10.92 15.30 46.86
C SER G 47 -11.85 14.50 45.97
N THR G 48 -11.37 14.00 44.84
CA THR G 48 -12.22 13.28 43.90
C THR G 48 -12.66 11.94 44.46
N ARG G 49 -13.96 11.71 44.49
CA ARG G 49 -14.46 10.42 44.92
C ARG G 49 -14.20 9.36 43.85
N ALA G 50 -14.12 8.11 44.28
CA ALA G 50 -13.88 7.01 43.37
C ALA G 50 -15.14 6.69 42.58
N ALA G 51 -15.01 5.78 41.62
CA ALA G 51 -16.15 5.36 40.82
C ALA G 51 -17.05 4.44 41.64
N GLY G 52 -18.33 4.78 41.71
CA GLY G 52 -19.28 4.01 42.50
C GLY G 52 -19.24 4.38 43.96
N ILE G 53 -19.46 5.65 44.26
CA ILE G 53 -19.41 6.16 45.62
C ILE G 53 -20.71 6.91 45.89
N PRO G 54 -21.39 6.67 47.01
CA PRO G 54 -22.70 7.27 47.24
C PRO G 54 -22.67 8.73 47.67
N ASP G 55 -21.54 9.43 47.54
CA ASP G 55 -21.35 10.84 47.85
C ASP G 55 -21.62 11.19 49.31
N ARG G 56 -21.65 10.20 50.20
CA ARG G 56 -21.65 10.46 51.63
C ARG G 56 -20.24 10.68 52.16
N PHE G 57 -19.24 10.59 51.28
CA PHE G 57 -17.83 10.77 51.60
C PHE G 57 -17.34 12.08 50.99
N SER G 58 -16.35 12.68 51.63
CA SER G 58 -15.87 13.99 51.20
C SER G 58 -14.43 14.19 51.62
N GLY G 59 -13.64 14.74 50.71
CA GLY G 59 -12.23 15.03 50.98
C GLY G 59 -11.98 16.53 50.87
N SER G 60 -11.11 17.04 51.73
CA SER G 60 -10.81 18.46 51.77
C SER G 60 -9.38 18.64 52.25
N ARG G 61 -8.61 19.44 51.52
CA ARG G 61 -7.20 19.64 51.81
C ARG G 61 -6.94 21.08 52.22
N TRP G 62 -6.26 21.26 53.35
CA TRP G 62 -5.71 22.57 53.71
C TRP G 62 -4.22 22.38 53.94
N GLY G 63 -3.44 22.49 52.87
CA GLY G 63 -2.01 22.42 52.94
C GLY G 63 -1.50 21.02 53.24
N PRO G 64 -0.74 20.89 54.32
CA PRO G 64 -0.29 19.57 54.77
C PRO G 64 -1.29 18.90 55.71
N ASP G 65 -2.55 18.88 55.30
CA ASP G 65 -3.63 18.30 56.08
C ASP G 65 -4.73 17.89 55.13
N TYR G 66 -5.34 16.74 55.42
CA TYR G 66 -6.48 16.28 54.65
C TYR G 66 -7.54 15.82 55.63
N ASN G 67 -8.79 15.81 55.18
CA ASN G 67 -9.89 15.31 55.99
C ASN G 67 -10.66 14.28 55.21
N LEU G 68 -11.36 13.42 55.94
CA LEU G 68 -12.40 12.57 55.37
C LEU G 68 -13.61 12.73 56.28
N THR G 69 -14.59 13.51 55.84
CA THR G 69 -15.82 13.70 56.59
C THR G 69 -16.88 12.83 55.95
N ILE G 70 -17.29 11.78 56.66
CA ILE G 70 -18.42 10.96 56.24
C ILE G 70 -19.69 11.60 56.80
N SER G 71 -20.68 11.81 55.94
CA SER G 71 -21.85 12.59 56.32
C SER G 71 -22.78 11.81 57.24
N ASN G 72 -23.34 10.72 56.74
CA ASN G 72 -24.29 9.90 57.50
C ASN G 72 -23.82 8.45 57.51
N LEU G 73 -23.52 7.95 58.70
CA LEU G 73 -22.96 6.61 58.83
C LEU G 73 -24.05 5.56 58.63
N GLU G 74 -23.71 4.51 57.91
CA GLU G 74 -24.64 3.47 57.52
C GLU G 74 -24.20 2.15 58.12
N SER G 75 -24.87 1.07 57.70
CA SER G 75 -24.62 -0.25 58.28
C SER G 75 -23.28 -0.81 57.81
N GLY G 76 -23.04 -0.83 56.51
CA GLY G 76 -21.83 -1.41 55.98
C GLY G 76 -20.69 -0.43 55.81
N ASP G 77 -20.55 0.50 56.75
CA ASP G 77 -19.47 1.47 56.72
C ASP G 77 -18.58 1.43 57.95
N PHE G 78 -18.85 0.54 58.90
CA PHE G 78 -18.13 0.53 60.18
C PHE G 78 -16.91 -0.38 60.07
N GLY G 79 -15.96 0.05 59.24
CA GLY G 79 -14.76 -0.72 59.03
C GLY G 79 -13.50 -0.04 59.54
N VAL G 80 -12.45 -0.03 58.73
CA VAL G 80 -11.22 0.68 59.08
C VAL G 80 -10.80 1.51 57.86
N TYR G 81 -10.10 2.61 58.12
CA TYR G 81 -9.82 3.61 57.09
C TYR G 81 -8.34 3.96 57.04
N TYR G 82 -7.75 3.83 55.85
CA TYR G 82 -6.35 4.11 55.61
C TYR G 82 -6.20 5.23 54.59
N CYS G 83 -5.18 6.07 54.78
CA CYS G 83 -4.82 7.09 53.80
C CYS G 83 -3.49 6.68 53.18
N GLN G 84 -3.33 6.94 51.89
CA GLN G 84 -2.22 6.36 51.13
C GLN G 84 -1.60 7.39 50.20
N GLN G 85 -0.38 7.81 50.52
CA GLN G 85 0.46 8.57 49.61
C GLN G 85 1.17 7.62 48.64
N TYR G 86 2.26 8.09 48.03
CA TYR G 86 3.17 7.17 47.38
C TYR G 86 3.65 6.13 48.39
N GLU G 87 3.18 4.88 48.23
CA GLU G 87 3.59 3.66 48.92
C GLU G 87 3.49 3.67 50.44
N PHE G 88 3.03 4.76 51.06
CA PHE G 88 2.97 4.84 52.51
C PHE G 88 1.52 4.86 52.97
N PHE G 89 1.19 3.98 53.89
CA PHE G 89 -0.18 3.87 54.36
C PHE G 89 -0.29 4.42 55.77
N GLY G 90 -1.50 4.79 56.16
CA GLY G 90 -1.74 5.39 57.45
C GLY G 90 -1.77 4.38 58.57
N GLN G 91 -1.98 4.89 59.79
CA GLN G 91 -2.07 4.03 60.95
C GLN G 91 -3.36 3.23 60.94
N GLY G 92 -4.40 3.76 60.32
CA GLY G 92 -5.68 3.11 60.30
C GLY G 92 -6.60 3.59 61.40
N THR G 93 -7.80 4.03 61.03
CA THR G 93 -8.81 4.43 62.00
C THR G 93 -10.03 3.54 61.86
N LYS G 94 -10.36 2.82 62.92
CA LYS G 94 -11.48 1.90 62.94
C LYS G 94 -12.72 2.63 63.43
N VAL G 95 -13.65 2.89 62.52
CA VAL G 95 -14.91 3.51 62.86
C VAL G 95 -15.92 2.42 63.23
N GLN G 96 -16.68 2.65 64.29
CA GLN G 96 -17.64 1.67 64.79
C GLN G 96 -18.71 2.34 65.64
N GLN H 1 -13.46 -5.80 31.93
CA GLN H 1 -13.26 -6.03 33.36
C GLN H 1 -11.82 -6.39 33.66
N VAL H 2 -11.44 -6.30 34.93
CA VAL H 2 -10.10 -6.61 35.40
C VAL H 2 -10.22 -7.58 36.56
N GLN H 3 -9.70 -8.79 36.39
CA GLN H 3 -9.80 -9.83 37.38
C GLN H 3 -8.41 -10.21 37.87
N LEU H 4 -8.24 -10.23 39.19
CA LEU H 4 -7.00 -10.65 39.82
C LEU H 4 -7.30 -11.91 40.63
N VAL H 5 -7.26 -13.04 39.94
CA VAL H 5 -7.57 -14.33 40.56
C VAL H 5 -6.34 -14.78 41.33
N GLN H 6 -6.41 -14.70 42.65
CA GLN H 6 -5.26 -14.94 43.50
C GLN H 6 -5.18 -16.42 43.88
N SER H 7 -4.26 -16.74 44.77
CA SER H 7 -4.04 -18.11 45.20
C SER H 7 -4.85 -18.41 46.45
N GLY H 8 -4.57 -19.55 47.10
CA GLY H 8 -5.25 -19.93 48.31
C GLY H 8 -4.38 -19.80 49.53
N GLY H 9 -4.99 -19.77 50.71
CA GLY H 9 -4.25 -19.49 51.93
C GLY H 9 -3.40 -20.66 52.36
N GLN H 10 -2.22 -20.34 52.90
CA GLN H 10 -1.24 -21.33 53.31
C GLN H 10 -0.99 -21.20 54.80
N MET H 11 -0.33 -22.20 55.37
CA MET H 11 -0.01 -22.22 56.81
C MET H 11 1.42 -22.74 56.95
N LYS H 12 2.37 -21.81 56.96
CA LYS H 12 3.78 -22.17 56.91
C LYS H 12 4.32 -22.41 58.32
N LYS H 13 5.64 -22.49 58.43
CA LYS H 13 6.38 -22.68 59.66
C LYS H 13 7.58 -21.75 59.60
N PRO H 14 8.12 -21.32 60.75
CA PRO H 14 9.24 -20.36 60.73
C PRO H 14 10.50 -20.96 60.12
N GLY H 15 10.98 -20.34 59.05
CA GLY H 15 12.16 -20.81 58.36
C GLY H 15 11.89 -21.13 56.91
N GLU H 16 10.73 -21.68 56.62
CA GLU H 16 10.40 -22.05 55.26
C GLU H 16 10.01 -20.82 54.45
N SER H 17 10.07 -20.96 53.13
CA SER H 17 9.66 -19.89 52.23
C SER H 17 8.16 -20.02 51.93
N MET H 18 7.68 -19.24 50.97
CA MET H 18 6.34 -19.42 50.45
C MET H 18 6.36 -19.11 48.97
N ARG H 19 5.25 -19.40 48.30
CA ARG H 19 5.09 -18.97 46.91
C ARG H 19 3.61 -18.79 46.64
N ILE H 20 3.17 -17.55 46.55
CA ILE H 20 1.79 -17.23 46.26
C ILE H 20 1.69 -16.69 44.84
N SER H 21 0.51 -16.79 44.27
CA SER H 21 0.30 -16.45 42.87
C SER H 21 -0.65 -15.29 42.75
N CYS H 22 -0.77 -14.78 41.52
CA CYS H 22 -1.73 -13.74 41.18
C CYS H 22 -1.88 -13.74 39.67
N ARG H 23 -3.07 -14.06 39.18
CA ARG H 23 -3.30 -14.20 37.75
C ARG H 23 -4.11 -13.01 37.27
N ALA H 24 -3.46 -12.12 36.51
CA ALA H 24 -4.12 -10.94 35.99
C ALA H 24 -4.68 -11.23 34.61
N SER H 25 -5.95 -10.92 34.41
CA SER H 25 -6.61 -11.22 33.14
C SER H 25 -7.73 -10.24 32.92
N GLY H 26 -7.87 -9.79 31.67
CA GLY H 26 -8.93 -8.87 31.31
C GLY H 26 -8.39 -7.63 30.63
N TYR H 27 -7.24 -7.16 31.07
CA TYR H 27 -6.56 -6.02 30.47
C TYR H 27 -5.27 -6.50 29.81
N GLU H 28 -4.61 -5.58 29.12
CA GLU H 28 -3.34 -5.90 28.48
C GLU H 28 -2.26 -5.99 29.56
N PHE H 29 -1.77 -7.20 29.80
CA PHE H 29 -0.95 -7.46 30.98
C PHE H 29 0.44 -6.86 30.86
N ILE H 30 0.99 -6.75 29.65
CA ILE H 30 2.41 -6.46 29.51
C ILE H 30 2.68 -4.96 29.48
N ASP H 31 1.69 -4.15 29.84
CA ASP H 31 1.91 -2.72 29.91
C ASP H 31 1.81 -2.17 31.33
N CYS H 32 0.70 -2.39 32.01
CA CYS H 32 0.47 -1.76 33.31
C CYS H 32 1.11 -2.58 34.42
N THR H 33 1.63 -1.87 35.43
CA THR H 33 2.41 -2.50 36.48
C THR H 33 1.50 -3.27 37.44
N LEU H 34 2.12 -3.91 38.43
CA LEU H 34 1.39 -4.52 39.52
C LEU H 34 1.92 -3.97 40.83
N ASN H 35 1.51 -4.57 41.94
CA ASN H 35 2.01 -4.22 43.26
C ASN H 35 1.79 -5.44 44.14
N TRP H 36 2.26 -5.37 45.37
CA TRP H 36 2.09 -6.48 46.31
C TRP H 36 2.03 -5.88 47.71
N ILE H 37 0.86 -5.86 48.32
CA ILE H 37 0.66 -5.25 49.63
C ILE H 37 0.19 -6.33 50.60
N ARG H 38 0.71 -6.30 51.82
CA ARG H 38 0.24 -7.17 52.87
C ARG H 38 -0.41 -6.36 53.97
N LEU H 39 -1.46 -6.90 54.58
CA LEU H 39 -2.21 -6.23 55.63
C LEU H 39 -2.11 -7.05 56.89
N ALA H 40 -1.28 -6.60 57.82
CA ALA H 40 -1.22 -7.24 59.12
C ALA H 40 -2.51 -6.97 59.89
N PRO H 41 -2.87 -7.84 60.86
CA PRO H 41 -4.11 -7.59 61.62
C PRO H 41 -4.05 -6.38 62.52
N GLY H 42 -2.89 -6.11 63.12
CA GLY H 42 -2.79 -4.99 64.05
C GLY H 42 -1.61 -4.07 63.79
N LYS H 43 -1.29 -3.83 62.52
CA LYS H 43 -0.20 -2.95 62.14
C LYS H 43 -0.63 -2.12 60.95
N ARG H 44 0.30 -1.31 60.45
CA ARG H 44 0.07 -0.59 59.21
C ARG H 44 0.02 -1.57 58.05
N PRO H 45 -0.68 -1.23 56.98
CA PRO H 45 -0.42 -1.86 55.69
C PRO H 45 1.01 -1.58 55.25
N GLU H 46 1.61 -2.56 54.58
CA GLU H 46 3.00 -2.45 54.17
C GLU H 46 3.09 -2.79 52.69
N TRP H 47 3.53 -1.82 51.90
CA TRP H 47 3.81 -2.07 50.50
C TRP H 47 5.11 -2.88 50.39
N MET H 48 5.20 -3.72 49.37
CA MET H 48 6.36 -4.60 49.24
C MET H 48 7.10 -4.50 47.92
N GLY H 49 6.43 -4.21 46.81
CA GLY H 49 7.17 -3.89 45.59
C GLY H 49 6.45 -4.09 44.29
N TRP H 50 6.67 -3.23 43.30
CA TRP H 50 5.95 -3.36 42.04
C TRP H 50 6.65 -4.33 41.11
N LEU H 51 6.05 -4.49 39.93
CA LEU H 51 6.58 -5.39 38.91
C LEU H 51 6.05 -4.93 37.56
N LYS H 52 6.87 -4.27 36.77
CA LYS H 52 6.45 -3.95 35.41
C LYS H 52 6.60 -5.19 34.55
N PRO H 53 5.49 -5.80 34.10
CA PRO H 53 5.56 -7.17 33.60
C PRO H 53 6.27 -7.35 32.28
N ARG H 54 6.40 -6.31 31.47
CA ARG H 54 7.33 -6.33 30.35
C ARG H 54 8.73 -6.25 30.92
N TRP H 55 9.51 -7.32 30.73
CA TRP H 55 10.85 -7.60 31.25
C TRP H 55 10.90 -7.84 32.75
N GLY H 56 9.80 -7.69 33.48
CA GLY H 56 9.79 -8.05 34.89
C GLY H 56 10.65 -7.19 35.79
N ALA H 57 10.73 -5.89 35.52
CA ALA H 57 11.58 -5.00 36.30
C ALA H 57 10.95 -4.75 37.66
N VAL H 58 11.59 -5.22 38.72
CA VAL H 58 11.02 -5.20 40.04
C VAL H 58 11.67 -4.08 40.85
N ASN H 59 11.08 -3.78 42.01
CA ASN H 59 11.61 -2.77 42.91
C ASN H 59 11.08 -3.05 44.30
N TYR H 60 11.86 -3.70 45.15
CA TYR H 60 11.36 -4.17 46.43
C TYR H 60 11.46 -3.08 47.48
N ALA H 61 10.64 -3.21 48.52
CA ALA H 61 10.70 -2.28 49.63
C ALA H 61 11.93 -2.54 50.47
N ARG H 62 12.56 -1.47 50.91
CA ARG H 62 13.83 -1.52 51.64
C ARG H 62 13.86 -2.26 52.97
N PRO H 63 12.76 -2.41 53.74
CA PRO H 63 12.80 -3.37 54.85
C PRO H 63 12.79 -4.84 54.40
N LEU H 64 12.47 -5.13 53.15
CA LEU H 64 12.49 -6.50 52.64
C LEU H 64 13.53 -6.65 51.54
N GLN H 65 14.68 -6.03 51.71
CA GLN H 65 15.73 -6.16 50.72
C GLN H 65 16.43 -7.50 50.87
N GLY H 66 16.51 -8.24 49.79
CA GLY H 66 17.16 -9.53 49.82
C GLY H 66 16.35 -10.65 50.41
N ARG H 67 15.06 -10.43 50.66
CA ARG H 67 14.17 -11.51 51.10
C ARG H 67 13.10 -11.79 50.07
N VAL H 68 12.28 -10.80 49.71
CA VAL H 68 11.21 -11.02 48.75
C VAL H 68 11.79 -11.10 47.35
N THR H 69 11.18 -11.94 46.50
CA THR H 69 11.49 -11.94 45.08
C THR H 69 10.20 -12.09 44.29
N MET H 70 10.11 -11.39 43.17
CA MET H 70 8.89 -11.32 42.39
C MET H 70 9.18 -11.69 40.95
N THR H 71 8.53 -12.74 40.46
CA THR H 71 8.67 -13.15 39.09
C THR H 71 7.37 -12.88 38.35
N ARG H 72 7.38 -13.09 37.04
CA ARG H 72 6.17 -13.08 36.25
C ARG H 72 6.27 -14.20 35.22
N GLN H 73 5.15 -14.49 34.57
CA GLN H 73 5.14 -15.51 33.54
C GLN H 73 4.10 -15.08 32.51
N LEU H 74 4.57 -14.64 31.34
CA LEU H 74 3.68 -14.10 30.34
C LEU H 74 2.89 -15.22 29.67
N SER H 75 2.00 -14.82 28.76
CA SER H 75 1.22 -15.75 27.98
C SER H 75 1.83 -15.83 26.60
N GLN H 76 2.44 -16.97 26.28
CA GLN H 76 3.05 -17.18 24.98
C GLN H 76 2.06 -17.70 23.95
N ASP H 77 0.77 -17.64 24.24
CA ASP H 77 -0.27 -17.96 23.27
C ASP H 77 -0.55 -16.71 22.43
N PRO H 78 -0.35 -16.76 21.11
CA PRO H 78 -0.68 -15.59 20.29
C PRO H 78 -2.17 -15.32 20.17
N ASP H 79 -3.02 -16.29 20.52
CA ASP H 79 -4.46 -16.05 20.53
C ASP H 79 -4.89 -15.20 21.70
N ASP H 80 -4.37 -15.51 22.90
CA ASP H 80 -4.78 -14.86 24.15
C ASP H 80 -3.57 -14.17 24.76
N PRO H 81 -3.22 -12.96 24.31
CA PRO H 81 -2.03 -12.30 24.84
C PRO H 81 -2.28 -11.50 26.10
N ASP H 82 -3.52 -11.10 26.37
CA ASP H 82 -3.80 -10.18 27.47
C ASP H 82 -4.14 -10.91 28.77
N TRP H 83 -3.27 -11.83 29.17
CA TRP H 83 -3.35 -12.44 30.49
C TRP H 83 -1.96 -12.88 30.90
N GLY H 84 -1.81 -13.16 32.18
CA GLY H 84 -0.52 -13.63 32.69
C GLY H 84 -0.55 -13.66 34.20
N THR H 85 0.37 -14.43 34.75
CA THR H 85 0.43 -14.61 36.19
C THR H 85 1.52 -13.73 36.76
N ALA H 86 1.63 -13.73 38.09
CA ALA H 86 2.70 -13.04 38.79
C ALA H 86 2.91 -13.72 40.13
N PHE H 87 4.14 -14.12 40.42
CA PHE H 87 4.44 -14.87 41.62
C PHE H 87 5.21 -14.01 42.61
N LEU H 88 5.16 -14.41 43.87
CA LEU H 88 5.93 -13.79 44.93
C LEU H 88 6.55 -14.93 45.75
N GLU H 89 7.68 -14.66 46.38
CA GLU H 89 8.33 -15.66 47.22
C GLU H 89 9.08 -14.94 48.32
N LEU H 90 8.69 -15.19 49.55
CA LEU H 90 9.28 -14.50 50.69
C LEU H 90 10.06 -15.52 51.52
N ARG H 91 11.37 -15.54 51.34
CA ARG H 91 12.21 -16.47 52.07
C ARG H 91 12.32 -16.07 53.53
N SER H 92 12.70 -17.05 54.36
CA SER H 92 13.05 -16.88 55.77
C SER H 92 11.91 -16.26 56.57
N LEU H 93 10.80 -16.97 56.62
CA LEU H 93 9.60 -16.47 57.27
C LEU H 93 9.78 -16.35 58.78
N THR H 94 9.00 -15.48 59.38
CA THR H 94 9.04 -15.24 60.81
C THR H 94 7.59 -15.13 61.29
N VAL H 95 7.41 -15.06 62.60
CA VAL H 95 6.09 -14.88 63.19
C VAL H 95 5.46 -13.54 62.80
N ASP H 96 6.29 -12.53 62.54
CA ASP H 96 5.81 -11.21 62.19
C ASP H 96 5.20 -11.12 60.79
N ASP H 97 5.35 -12.15 59.96
CA ASP H 97 4.83 -12.12 58.61
C ASP H 97 3.42 -12.70 58.51
N THR H 98 2.75 -12.85 59.63
CA THR H 98 1.36 -13.31 59.64
C THR H 98 0.47 -12.20 59.12
N ALA H 99 0.05 -12.28 57.87
CA ALA H 99 -0.76 -11.23 57.28
C ALA H 99 -1.65 -11.83 56.20
N VAL H 100 -2.22 -10.96 55.39
CA VAL H 100 -2.97 -11.34 54.21
C VAL H 100 -2.44 -10.52 53.04
N TYR H 101 -2.09 -11.20 51.94
CA TYR H 101 -1.24 -10.63 50.91
C TYR H 101 -2.06 -10.35 49.66
N PHE H 102 -2.03 -9.10 49.22
CA PHE H 102 -2.86 -8.64 48.11
C PHE H 102 -1.98 -8.25 46.93
N CYS H 103 -2.51 -8.44 45.73
CA CYS H 103 -1.79 -8.08 44.51
C CYS H 103 -2.60 -7.03 43.77
N THR H 104 -2.35 -5.77 44.10
CA THR H 104 -3.19 -4.69 43.62
C THR H 104 -2.76 -4.25 42.23
N ARG H 105 -3.32 -3.13 41.77
CA ARG H 105 -3.08 -2.58 40.45
C ARG H 105 -3.60 -1.16 40.46
N GLY H 106 -3.03 -0.31 39.62
CA GLY H 106 -3.44 1.08 39.59
C GLY H 106 -4.81 1.28 38.96
N LYS H 107 -5.30 2.52 39.02
CA LYS H 107 -6.58 2.81 38.39
C LYS H 107 -6.44 2.88 36.89
N ASN H 108 -5.65 3.83 36.40
CA ASN H 108 -5.18 3.85 35.02
C ASN H 108 -3.67 3.81 35.05
N CYS H 109 -3.06 3.05 34.16
CA CYS H 109 -1.63 2.78 34.30
C CYS H 109 -0.76 3.85 33.66
N ASP H 110 -1.03 5.10 34.02
CA ASP H 110 -0.09 6.19 33.90
C ASP H 110 0.26 6.77 35.26
N TYR H 111 -0.50 6.40 36.30
CA TYR H 111 -0.18 6.70 37.69
C TYR H 111 -0.45 5.43 38.47
N ASN H 112 0.53 4.99 39.26
CA ASN H 112 0.46 3.66 39.86
C ASN H 112 -0.33 3.65 41.15
N TRP H 113 -0.23 4.70 41.97
CA TRP H 113 -0.52 4.60 43.38
C TRP H 113 -1.99 4.82 43.72
N ASP H 114 -2.91 4.53 42.80
CA ASP H 114 -4.34 4.51 43.08
C ASP H 114 -4.78 3.05 42.95
N PHE H 115 -4.63 2.29 44.04
CA PHE H 115 -4.86 0.84 44.01
C PHE H 115 -6.35 0.59 43.98
N GLU H 116 -6.92 0.62 42.77
CA GLU H 116 -8.34 0.36 42.61
C GLU H 116 -8.65 -1.13 42.67
N HIS H 117 -8.11 -1.89 41.73
CA HIS H 117 -8.36 -3.32 41.69
C HIS H 117 -7.45 -4.03 42.68
N TRP H 118 -8.04 -4.86 43.52
CA TRP H 118 -7.29 -5.62 44.50
C TRP H 118 -7.53 -7.10 44.26
N GLY H 119 -6.94 -7.93 45.11
CA GLY H 119 -7.11 -9.36 45.05
C GLY H 119 -7.97 -9.83 46.22
N ARG H 120 -8.35 -11.10 46.16
CA ARG H 120 -9.19 -11.65 47.22
C ARG H 120 -8.45 -11.89 48.52
N GLY H 121 -7.13 -11.87 48.50
CA GLY H 121 -6.38 -12.13 49.71
C GLY H 121 -5.83 -13.54 49.75
N THR H 122 -4.64 -13.66 50.33
CA THR H 122 -3.96 -14.95 50.48
C THR H 122 -3.47 -15.06 51.91
N PRO H 123 -4.36 -15.43 52.84
CA PRO H 123 -4.01 -15.31 54.26
C PRO H 123 -2.99 -16.32 54.73
N VAL H 124 -1.76 -15.86 54.94
CA VAL H 124 -0.66 -16.69 55.35
C VAL H 124 -0.51 -16.59 56.85
N ILE H 125 -0.54 -17.73 57.54
CA ILE H 125 -0.39 -17.79 58.99
C ILE H 125 0.88 -18.56 59.29
N VAL H 126 1.81 -17.90 59.97
CA VAL H 126 3.08 -18.50 60.35
C VAL H 126 3.10 -18.59 61.87
N SER H 127 3.03 -19.80 62.42
CA SER H 127 3.03 -19.98 63.86
C SER H 127 4.16 -20.93 64.25
N SER H 128 4.71 -20.69 65.44
CA SER H 128 5.86 -21.48 65.88
C SER H 128 5.47 -22.88 66.34
N PRO H 129 4.43 -23.10 67.18
CA PRO H 129 4.15 -24.53 67.42
C PRO H 129 3.29 -25.13 66.31
N VAL I 7 -10.45 31.18 -33.66
CA VAL I 7 -9.13 31.58 -33.18
C VAL I 7 -8.73 30.77 -31.96
N PHE I 8 -9.15 29.51 -31.93
CA PHE I 8 -8.83 28.59 -30.83
C PHE I 8 -7.63 27.76 -31.26
N LEU I 9 -6.46 28.10 -30.72
CA LEU I 9 -5.23 27.39 -31.08
C LEU I 9 -5.17 26.02 -30.42
N GLY I 10 -5.28 26.00 -29.10
CA GLY I 10 -5.17 24.79 -28.32
C GLY I 10 -4.15 24.96 -27.22
N PHE I 11 -3.84 23.85 -26.55
CA PHE I 11 -2.86 23.87 -25.48
C PHE I 11 -1.47 24.11 -26.05
N LEU I 12 -0.80 25.14 -25.52
CA LEU I 12 0.54 25.60 -25.93
C LEU I 12 0.61 26.01 -27.39
N GLY I 13 -0.53 26.31 -28.02
CA GLY I 13 -0.58 26.49 -29.46
C GLY I 13 0.11 27.73 -29.97
N ALA I 14 0.36 28.70 -29.09
CA ALA I 14 1.07 29.92 -29.46
C ALA I 14 2.45 29.95 -28.81
N ALA I 15 3.13 28.80 -28.77
CA ALA I 15 4.43 28.73 -28.12
C ALA I 15 5.50 29.44 -28.92
N GLY I 16 5.43 29.35 -30.25
CA GLY I 16 6.34 30.08 -31.12
C GLY I 16 5.73 31.32 -31.73
N SER I 17 4.55 31.72 -31.31
CA SER I 17 3.91 32.91 -31.85
C SER I 17 4.54 34.17 -31.24
N THR I 18 3.99 35.31 -31.62
CA THR I 18 4.48 36.58 -31.14
C THR I 18 4.05 36.77 -29.68
N MET I 19 4.86 37.52 -28.93
CA MET I 19 4.51 37.80 -27.53
C MET I 19 3.29 38.68 -27.44
N GLY I 20 3.08 39.54 -28.43
CA GLY I 20 1.87 40.35 -28.49
C GLY I 20 0.62 39.58 -28.86
N ALA I 21 0.76 38.34 -29.35
CA ALA I 21 -0.38 37.50 -29.65
C ALA I 21 -0.44 36.26 -28.76
N ALA I 22 0.65 35.89 -28.10
CA ALA I 22 0.57 34.86 -27.07
C ALA I 22 0.03 35.41 -25.77
N SER I 23 0.04 36.73 -25.61
CA SER I 23 -0.57 37.40 -24.46
C SER I 23 -2.07 37.57 -24.60
N MET I 24 -2.67 37.01 -25.66
CA MET I 24 -4.10 37.00 -25.82
C MET I 24 -4.68 35.60 -25.71
N THR I 25 -3.87 34.59 -25.44
CA THR I 25 -4.35 33.22 -25.34
C THR I 25 -3.93 32.59 -24.01
N LEU I 26 -3.89 33.40 -22.95
CA LEU I 26 -3.48 32.92 -21.65
C LEU I 26 -4.52 32.03 -20.98
N THR I 27 -5.75 32.00 -21.50
CA THR I 27 -6.83 31.26 -20.85
C THR I 27 -6.62 29.76 -20.97
N VAL I 28 -6.14 29.30 -22.13
CA VAL I 28 -6.09 27.86 -22.38
C VAL I 28 -4.92 27.21 -21.63
N GLN I 29 -3.80 27.91 -21.48
CA GLN I 29 -2.71 27.38 -20.67
C GLN I 29 -2.96 27.55 -19.19
N ALA I 30 -3.94 28.36 -18.79
CA ALA I 30 -4.32 28.44 -17.40
C ALA I 30 -5.34 27.38 -17.02
N ARG I 31 -6.10 26.88 -17.98
CA ARG I 31 -7.13 25.89 -17.71
C ARG I 31 -6.62 24.46 -17.78
N ASN I 32 -5.36 24.26 -18.20
CA ASN I 32 -4.80 22.93 -18.35
C ASN I 32 -3.66 22.70 -17.35
N LEU I 33 -3.75 23.34 -16.20
CA LEU I 33 -2.78 23.13 -15.14
C LEU I 33 -3.31 22.24 -14.03
N LEU I 34 -4.58 21.86 -14.10
CA LEU I 34 -5.13 20.80 -13.26
C LEU I 34 -6.32 20.21 -13.99
N SER I 35 -6.35 18.89 -14.09
CA SER I 35 -7.38 18.20 -14.85
C SER I 35 -7.73 16.90 -14.15
N GLY I 36 -8.64 16.14 -14.76
CA GLY I 36 -9.08 14.87 -14.20
C GLY I 36 -10.37 14.36 -14.81
N HIS I 53 -5.11 -9.20 -8.39
CA HIS I 53 -6.29 -8.40 -8.70
C HIS I 53 -6.51 -7.30 -7.66
N LEU I 54 -5.60 -7.21 -6.69
CA LEU I 54 -5.70 -6.20 -5.65
C LEU I 54 -4.54 -5.21 -5.68
N LEU I 55 -3.30 -5.69 -5.69
CA LEU I 55 -2.15 -4.80 -5.72
C LEU I 55 -1.85 -4.23 -7.09
N LYS I 56 -2.49 -4.74 -8.16
CA LYS I 56 -2.36 -4.10 -9.46
C LYS I 56 -3.12 -2.77 -9.49
N LEU I 57 -4.09 -2.59 -8.59
CA LEU I 57 -4.67 -1.27 -8.38
C LEU I 57 -3.70 -0.37 -7.63
N THR I 58 -2.78 -0.96 -6.86
CA THR I 58 -1.84 -0.17 -6.07
C THR I 58 -0.60 0.17 -6.88
N VAL I 59 -0.32 -0.58 -7.95
CA VAL I 59 0.80 -0.24 -8.83
C VAL I 59 0.50 1.02 -9.63
N TRP I 60 -0.63 1.04 -10.33
CA TRP I 60 -1.02 2.24 -11.06
C TRP I 60 -1.59 3.31 -10.13
N GLY I 61 -2.05 2.92 -8.94
CA GLY I 61 -2.67 3.88 -8.05
C GLY I 61 -1.70 4.84 -7.40
N ILE I 62 -0.56 4.35 -6.93
CA ILE I 62 0.39 5.23 -6.27
C ILE I 62 1.16 6.04 -7.30
N LYS I 63 1.09 5.67 -8.58
CA LYS I 63 1.63 6.49 -9.65
C LYS I 63 0.62 7.56 -10.04
N GLN I 64 -0.67 7.29 -9.85
CA GLN I 64 -1.69 8.28 -10.17
C GLN I 64 -1.94 9.21 -8.99
N LEU I 65 -1.88 8.68 -7.76
CA LEU I 65 -2.17 9.52 -6.59
C LEU I 65 -1.00 10.46 -6.30
N GLN I 66 0.22 10.04 -6.60
CA GLN I 66 1.35 10.94 -6.41
C GLN I 66 1.41 12.01 -7.49
N ALA I 67 0.70 11.79 -8.59
CA ALA I 67 0.67 12.78 -9.66
C ALA I 67 -0.42 13.82 -9.43
N ARG I 68 -1.53 13.41 -8.82
CA ARG I 68 -2.64 14.35 -8.63
C ARG I 68 -2.38 15.30 -7.47
N VAL I 69 -1.69 14.84 -6.43
CA VAL I 69 -1.41 15.70 -5.30
C VAL I 69 -0.29 16.67 -5.64
N LEU I 70 0.68 16.21 -6.43
CA LEU I 70 1.76 17.09 -6.88
C LEU I 70 1.24 18.14 -7.86
N ALA I 71 0.24 17.80 -8.67
CA ALA I 71 -0.30 18.76 -9.61
C ALA I 71 -1.11 19.85 -8.91
N VAL I 72 -1.70 19.52 -7.76
CA VAL I 72 -2.48 20.51 -7.03
C VAL I 72 -1.57 21.49 -6.32
N GLU I 73 -0.63 20.99 -5.51
CA GLU I 73 0.18 21.88 -4.69
C GLU I 73 1.24 22.60 -5.51
N ARG I 74 1.49 22.19 -6.74
CA ARG I 74 2.26 23.01 -7.64
C ARG I 74 1.42 24.17 -8.16
N TYR I 75 0.14 23.92 -8.40
CA TYR I 75 -0.75 24.97 -8.87
C TYR I 75 -1.07 25.96 -7.75
N LEU I 76 -1.22 25.46 -6.52
CA LEU I 76 -1.52 26.35 -5.41
C LEU I 76 -0.32 27.19 -5.03
N ARG I 77 0.89 26.74 -5.38
CA ARG I 77 2.08 27.55 -5.11
C ARG I 77 2.14 28.74 -6.03
N ASP I 78 1.87 28.55 -7.33
CA ASP I 78 1.91 29.66 -8.26
C ASP I 78 0.69 30.56 -8.13
N GLN I 79 -0.37 30.08 -7.48
CA GLN I 79 -1.51 30.95 -7.23
C GLN I 79 -1.34 31.74 -5.93
N GLN I 80 -0.68 31.16 -4.93
CA GLN I 80 -0.38 31.91 -3.72
C GLN I 80 0.71 32.94 -3.97
N LEU I 81 1.75 32.56 -4.73
CA LEU I 81 2.80 33.50 -5.09
C LEU I 81 2.27 34.64 -5.94
N LEU I 82 1.23 34.39 -6.72
CA LEU I 82 0.56 35.45 -7.44
C LEU I 82 -0.42 36.19 -6.55
N GLY I 83 -0.73 35.65 -5.38
CA GLY I 83 -1.70 36.28 -4.51
C GLY I 83 -1.16 37.45 -3.71
N ILE I 84 0.14 37.47 -3.46
CA ILE I 84 0.73 38.47 -2.57
C ILE I 84 1.40 39.60 -3.36
N TRP I 85 1.03 39.76 -4.63
CA TRP I 85 1.55 40.87 -5.42
C TRP I 85 0.45 41.86 -5.81
N GLY I 86 -0.79 41.60 -5.43
CA GLY I 86 -1.90 42.40 -5.90
C GLY I 86 -2.57 41.85 -7.13
N CYS I 87 -2.39 40.57 -7.41
CA CYS I 87 -2.84 39.88 -8.61
C CYS I 87 -3.62 38.65 -8.21
N SER I 88 -4.62 38.85 -7.34
CA SER I 88 -5.30 37.75 -6.66
C SER I 88 -6.01 36.83 -7.63
N GLY I 89 -6.88 37.38 -8.47
CA GLY I 89 -7.64 36.56 -9.39
C GLY I 89 -7.58 37.04 -10.82
N LYS I 90 -6.41 37.51 -11.24
CA LYS I 90 -6.23 38.04 -12.57
C LYS I 90 -5.20 37.22 -13.34
N LEU I 91 -5.13 37.49 -14.64
CA LEU I 91 -4.10 36.94 -15.53
C LEU I 91 -3.15 38.01 -16.02
N ILE I 92 -3.66 39.08 -16.62
CA ILE I 92 -2.85 40.23 -16.97
C ILE I 92 -3.02 41.22 -15.83
N CYS I 93 -2.15 41.12 -14.84
CA CYS I 93 -2.10 42.03 -13.71
C CYS I 93 -0.85 42.88 -13.83
N CYS I 94 -0.99 44.18 -13.57
CA CYS I 94 0.17 45.07 -13.65
C CYS I 94 0.34 45.85 -12.36
N THR I 95 1.61 46.08 -12.01
CA THR I 95 2.03 46.36 -10.65
C THR I 95 2.68 47.75 -10.62
N ASN I 96 3.27 48.11 -9.48
CA ASN I 96 3.80 49.44 -9.22
C ASN I 96 5.27 49.58 -9.58
N VAL I 97 6.05 48.52 -9.45
CA VAL I 97 7.51 48.65 -9.55
C VAL I 97 7.91 48.84 -11.01
N PRO I 98 8.76 49.82 -11.33
CA PRO I 98 9.13 50.04 -12.72
C PRO I 98 10.18 49.06 -13.20
N TRP I 99 10.31 48.99 -14.53
CA TRP I 99 11.26 48.07 -15.16
C TRP I 99 12.66 48.63 -15.01
N ASN I 100 13.48 47.97 -14.22
CA ASN I 100 14.87 48.34 -14.08
C ASN I 100 15.60 48.01 -15.38
N SER I 101 16.20 49.02 -16.00
CA SER I 101 16.78 48.87 -17.33
C SER I 101 18.06 48.05 -17.34
N SER I 102 18.63 47.73 -16.17
CA SER I 102 19.79 46.86 -16.13
C SER I 102 19.42 45.43 -16.49
N TRP I 103 18.17 45.03 -16.28
CA TRP I 103 17.74 43.70 -16.69
C TRP I 103 17.66 43.59 -18.20
N SER I 104 17.14 44.62 -18.86
CA SER I 104 17.11 44.71 -20.31
C SER I 104 16.92 46.15 -20.71
N ASN I 105 17.54 46.53 -21.83
CA ASN I 105 17.36 47.86 -22.42
C ASN I 105 16.94 47.67 -23.87
N ARG I 106 15.65 47.50 -24.08
CA ARG I 106 15.11 47.24 -25.40
C ARG I 106 13.88 48.12 -25.61
N ASN I 107 13.50 48.27 -26.88
CA ASN I 107 12.27 48.98 -27.18
C ASN I 107 11.07 48.11 -26.84
N LEU I 108 9.92 48.75 -26.69
CA LEU I 108 8.68 48.00 -26.47
C LEU I 108 8.26 47.25 -27.71
N SER I 109 8.65 47.73 -28.88
CA SER I 109 8.40 46.99 -30.11
C SER I 109 9.38 45.82 -30.24
N GLU I 110 10.58 45.96 -29.67
CA GLU I 110 11.53 44.87 -29.77
C GLU I 110 11.34 43.86 -28.64
N ILE I 111 10.37 44.08 -27.76
CA ILE I 111 10.05 43.12 -26.71
C ILE I 111 8.73 42.43 -27.02
N TRP I 112 7.72 43.20 -27.42
CA TRP I 112 6.37 42.67 -27.51
C TRP I 112 5.98 42.08 -28.85
N ASP I 113 6.04 42.84 -29.94
CA ASP I 113 5.50 42.33 -31.20
C ASP I 113 6.57 41.88 -32.17
N ASN I 114 7.69 41.33 -31.68
CA ASN I 114 8.57 40.56 -32.56
C ASN I 114 9.11 39.27 -31.97
N MET I 115 9.20 39.12 -30.65
CA MET I 115 9.87 37.98 -30.07
C MET I 115 8.86 36.88 -29.72
N THR I 116 9.31 35.87 -28.99
CA THR I 116 8.41 34.86 -28.46
C THR I 116 8.75 34.65 -26.99
N TRP I 117 7.85 34.00 -26.25
CA TRP I 117 7.99 33.93 -24.80
C TRP I 117 9.11 32.99 -24.39
N LEU I 118 9.46 32.04 -25.25
CA LEU I 118 10.56 31.13 -24.91
C LEU I 118 11.91 31.81 -25.05
N GLN I 119 12.07 32.66 -26.05
CA GLN I 119 13.28 33.46 -26.15
C GLN I 119 13.34 34.52 -25.07
N TRP I 120 12.19 34.95 -24.57
CA TRP I 120 12.19 36.00 -23.55
C TRP I 120 12.59 35.43 -22.20
N ASP I 121 12.20 34.18 -21.91
CA ASP I 121 12.49 33.62 -20.59
C ASP I 121 13.97 33.32 -20.43
N LYS I 122 14.66 32.99 -21.51
CA LYS I 122 16.11 32.83 -21.45
C LYS I 122 16.83 34.17 -21.30
N GLU I 123 16.16 35.27 -21.66
CA GLU I 123 16.80 36.57 -21.61
C GLU I 123 16.87 37.13 -20.20
N ILE I 124 15.85 36.88 -19.38
CA ILE I 124 15.82 37.42 -18.02
C ILE I 124 15.70 36.30 -17.01
N SER I 125 16.28 35.13 -17.30
CA SER I 125 16.28 34.04 -16.34
C SER I 125 17.15 34.34 -15.12
N ASN I 126 18.11 35.25 -15.24
CA ASN I 126 18.93 35.63 -14.10
C ASN I 126 18.25 36.66 -13.21
N TYR I 127 17.24 37.36 -13.71
CA TYR I 127 16.60 38.45 -12.99
C TYR I 127 15.16 38.11 -12.66
N THR I 128 14.92 36.87 -12.22
CA THR I 128 13.59 36.50 -11.76
C THR I 128 13.41 36.77 -10.27
N GLN I 129 14.33 36.23 -9.45
CA GLN I 129 14.20 36.38 -8.00
C GLN I 129 14.49 37.80 -7.54
N ILE I 130 15.17 38.60 -8.36
CA ILE I 130 15.27 40.02 -8.07
C ILE I 130 13.90 40.67 -8.21
N ILE I 131 13.15 40.27 -9.24
CA ILE I 131 11.82 40.83 -9.47
C ILE I 131 10.82 40.29 -8.45
N TYR I 132 10.90 39.00 -8.15
CA TYR I 132 9.92 38.36 -7.26
C TYR I 132 10.05 38.79 -5.81
N GLY I 133 11.09 39.53 -5.45
CA GLY I 133 11.17 40.15 -4.16
C GLY I 133 10.78 41.60 -4.23
N LEU I 134 10.85 42.17 -5.43
CA LEU I 134 10.44 43.55 -5.63
C LEU I 134 8.92 43.69 -5.61
N LEU I 135 8.22 42.62 -5.96
CA LEU I 135 6.76 42.69 -6.01
C LEU I 135 6.15 42.57 -4.62
N GLU I 136 6.73 41.71 -3.78
CA GLU I 136 6.16 41.46 -2.45
C GLU I 136 6.32 42.67 -1.54
N GLU I 137 7.41 43.42 -1.69
CA GLU I 137 7.61 44.58 -0.84
C GLU I 137 6.76 45.76 -1.30
N SER I 138 6.43 45.81 -2.59
CA SER I 138 5.57 46.90 -3.07
C SER I 138 4.11 46.64 -2.74
N GLN I 139 3.78 45.41 -2.34
CA GLN I 139 2.41 45.12 -1.93
C GLN I 139 2.20 45.39 -0.45
N ASN I 140 3.17 44.97 0.39
CA ASN I 140 3.03 45.19 1.83
C ASN I 140 3.19 46.67 2.18
N GLN I 141 3.90 47.42 1.35
CA GLN I 141 3.87 48.87 1.47
C GLN I 141 2.51 49.41 1.04
N GLN I 142 1.86 48.75 0.09
CA GLN I 142 0.61 49.26 -0.46
C GLN I 142 -0.56 49.02 0.48
N GLU I 143 -0.62 47.84 1.11
CA GLU I 143 -1.75 47.52 1.97
C GLU I 143 -1.66 48.24 3.31
N LYS I 144 -0.44 48.60 3.73
CA LYS I 144 -0.31 49.40 4.94
C LYS I 144 -0.58 50.87 4.68
N ASN I 145 -0.52 51.30 3.42
CA ASN I 145 -0.87 52.68 3.09
C ASN I 145 -2.33 52.81 2.71
N GLU I 146 -2.92 51.73 2.16
CA GLU I 146 -4.35 51.74 1.90
C GLU I 146 -5.13 51.72 3.21
N GLN I 147 -4.66 50.95 4.19
CA GLN I 147 -5.37 50.82 5.46
C GLN I 147 -5.25 52.08 6.31
N ASP I 148 -4.29 52.96 6.03
CA ASP I 148 -4.20 54.24 6.71
C ASP I 148 -4.82 55.38 5.92
N LEU I 149 -5.29 55.11 4.70
CA LEU I 149 -5.93 56.13 3.87
C LEU I 149 -7.42 56.22 4.13
N LEU I 150 -8.00 55.01 4.35
CA LEU I 150 -9.44 54.87 4.66
C LEU I 150 -9.62 54.79 6.19
N ALA I 151 -8.52 54.71 6.95
CA ALA I 151 -8.59 54.72 8.43
C ALA I 151 -9.02 56.08 8.91
N LEU I 152 -8.48 57.12 8.29
CA LEU I 152 -8.78 58.50 8.74
C LEU I 152 -10.29 58.66 8.58
N ASP I 153 -10.84 58.08 7.52
CA ASP I 153 -12.29 57.76 7.50
C ASP I 153 -12.67 57.26 8.89
N ASN J 3 11.27 53.84 -17.13
CA ASN J 3 9.92 54.37 -17.29
C ASN J 3 8.92 53.24 -17.52
N LEU J 4 9.41 52.11 -18.04
CA LEU J 4 8.53 50.97 -18.24
C LEU J 4 8.28 50.28 -16.91
N TRP J 5 7.22 49.48 -16.85
CA TRP J 5 6.70 48.97 -15.60
C TRP J 5 6.55 47.45 -15.64
N VAL J 6 6.89 46.81 -14.52
CA VAL J 6 6.78 45.36 -14.41
C VAL J 6 5.30 44.96 -14.44
N THR J 7 5.02 43.83 -15.08
CA THR J 7 3.64 43.39 -15.28
C THR J 7 3.65 41.87 -15.37
N VAL J 8 2.97 41.20 -14.46
CA VAL J 8 2.98 39.74 -14.48
C VAL J 8 2.05 39.25 -15.59
N TYR J 9 2.21 37.99 -15.96
CA TYR J 9 1.38 37.37 -16.98
C TYR J 9 1.25 35.89 -16.63
N TYR J 10 0.08 35.48 -16.18
CA TYR J 10 -0.11 34.11 -15.75
C TYR J 10 -0.51 33.23 -16.92
N GLY J 11 0.26 32.17 -17.15
CA GLY J 11 -0.08 31.21 -18.18
C GLY J 11 0.57 31.41 -19.52
N VAL J 12 1.81 31.91 -19.56
CA VAL J 12 2.51 32.07 -20.82
C VAL J 12 3.04 30.71 -21.25
N PRO J 13 3.12 30.42 -22.55
CA PRO J 13 3.71 29.15 -22.98
C PRO J 13 5.21 29.12 -22.81
N VAL J 14 5.68 28.86 -21.58
CA VAL J 14 7.09 28.80 -21.27
C VAL J 14 7.32 27.51 -20.49
N TRP J 15 8.21 26.66 -20.99
CA TRP J 15 8.47 25.37 -20.36
C TRP J 15 9.94 25.21 -20.02
N LYS J 16 10.23 24.10 -19.35
CA LYS J 16 11.57 23.72 -18.95
C LYS J 16 11.70 22.21 -19.06
N ASP J 17 12.92 21.74 -19.29
CA ASP J 17 13.17 20.31 -19.32
C ASP J 17 13.08 19.75 -17.90
N ALA J 18 12.23 18.75 -17.71
CA ALA J 18 12.06 18.16 -16.40
C ALA J 18 11.76 16.68 -16.55
N GLU J 19 11.49 16.03 -15.43
CA GLU J 19 11.17 14.61 -15.41
C GLU J 19 10.19 14.36 -14.28
N THR J 20 9.31 13.39 -14.48
CA THR J 20 8.26 13.10 -13.51
C THR J 20 7.82 11.66 -13.68
N THR J 21 6.69 11.32 -13.07
CA THR J 21 6.12 9.98 -13.14
C THR J 21 4.95 10.03 -14.10
N LEU J 22 5.22 9.69 -15.36
CA LEU J 22 4.17 9.56 -16.35
C LEU J 22 3.35 8.31 -16.06
N PHE J 23 2.05 8.39 -16.32
CA PHE J 23 1.19 7.25 -16.02
C PHE J 23 0.70 6.58 -17.30
N CYS J 24 0.10 5.41 -17.09
CA CYS J 24 -0.35 4.53 -18.15
C CYS J 24 -1.60 5.04 -18.84
N ALA J 25 -1.87 4.46 -20.01
CA ALA J 25 -3.12 4.62 -20.74
C ALA J 25 -3.26 3.47 -21.72
N SER J 26 -4.51 3.06 -21.94
CA SER J 26 -4.78 1.96 -22.86
C SER J 26 -6.15 2.17 -23.48
N ASP J 27 -6.38 1.49 -24.60
CA ASP J 27 -7.63 1.67 -25.33
C ASP J 27 -8.76 0.87 -24.69
N ALA J 28 -9.89 0.79 -25.38
CA ALA J 28 -11.12 0.33 -24.75
C ALA J 28 -11.18 -1.20 -24.67
N LYS J 29 -11.20 -1.87 -25.84
CA LYS J 29 -11.56 -3.28 -25.86
C LYS J 29 -10.41 -4.17 -25.39
N ALA J 30 -9.19 -3.63 -25.30
CA ALA J 30 -8.10 -4.35 -24.65
C ALA J 30 -8.29 -4.43 -23.14
N TYR J 31 -9.22 -3.66 -22.57
CA TYR J 31 -9.55 -3.71 -21.16
C TYR J 31 -10.85 -4.46 -20.86
N GLU J 32 -11.87 -4.33 -21.73
CA GLU J 32 -13.15 -4.94 -21.42
C GLU J 32 -13.19 -6.43 -21.75
N THR J 33 -12.18 -6.95 -22.47
CA THR J 33 -12.16 -8.38 -22.76
C THR J 33 -11.77 -9.20 -21.54
N GLU J 34 -11.05 -8.61 -20.58
CA GLU J 34 -10.71 -9.20 -19.27
C GLU J 34 -9.93 -10.50 -19.40
N LYS J 35 -8.89 -10.46 -20.25
CA LYS J 35 -8.03 -11.61 -20.44
C LYS J 35 -6.90 -11.68 -19.42
N HIS J 36 -6.84 -10.72 -18.49
CA HIS J 36 -5.82 -10.62 -17.43
C HIS J 36 -4.42 -10.56 -18.03
N ASN J 37 -4.16 -9.50 -18.77
CA ASN J 37 -2.87 -9.31 -19.41
C ASN J 37 -1.80 -9.03 -18.35
N VAL J 38 -0.58 -9.51 -18.61
CA VAL J 38 0.51 -9.37 -17.64
C VAL J 38 0.93 -7.91 -17.51
N TRP J 39 0.76 -7.11 -18.56
CA TRP J 39 0.83 -5.66 -18.45
C TRP J 39 -0.59 -5.21 -18.13
N ALA J 40 -0.88 -5.12 -16.84
CA ALA J 40 -2.24 -5.03 -16.33
C ALA J 40 -2.81 -3.65 -16.63
N THR J 41 -3.33 -3.50 -17.85
CA THR J 41 -4.04 -2.30 -18.23
C THR J 41 -5.51 -2.33 -17.83
N HIS J 42 -5.97 -3.41 -17.21
CA HIS J 42 -7.33 -3.46 -16.68
C HIS J 42 -7.47 -2.64 -15.40
N ALA J 43 -6.37 -2.38 -14.71
CA ALA J 43 -6.34 -1.45 -13.59
C ALA J 43 -5.81 -0.08 -13.99
N CYS J 44 -5.54 0.13 -15.27
CA CYS J 44 -4.99 1.37 -15.79
C CYS J 44 -6.09 2.25 -16.37
N VAL J 45 -5.70 3.50 -16.67
CA VAL J 45 -6.65 4.51 -17.12
C VAL J 45 -7.02 4.25 -18.58
N PRO J 46 -8.31 4.24 -18.94
CA PRO J 46 -8.66 4.19 -20.36
C PRO J 46 -8.36 5.51 -21.04
N THR J 47 -7.93 5.44 -22.30
CA THR J 47 -7.41 6.61 -22.99
C THR J 47 -8.55 7.46 -23.55
N ASP J 48 -8.15 8.53 -24.23
CA ASP J 48 -9.08 9.42 -24.90
C ASP J 48 -9.60 8.76 -26.18
N PRO J 49 -10.71 9.26 -26.74
CA PRO J 49 -11.13 8.79 -28.07
C PRO J 49 -10.16 9.16 -29.17
N ASN J 50 -9.46 10.31 -29.04
CA ASN J 50 -8.46 10.72 -30.01
C ASN J 50 -7.43 11.61 -29.33
N PRO J 51 -6.15 11.43 -29.62
CA PRO J 51 -5.13 12.34 -29.09
C PRO J 51 -5.21 13.69 -29.77
N GLN J 52 -5.19 14.75 -28.97
CA GLN J 52 -5.23 16.11 -29.49
C GLN J 52 -3.81 16.53 -29.84
N GLU J 53 -3.35 16.03 -30.99
CA GLU J 53 -2.00 16.30 -31.47
C GLU J 53 -1.96 17.73 -31.99
N ILE J 54 -1.71 18.67 -31.09
CA ILE J 54 -1.55 20.06 -31.47
C ILE J 54 -0.19 20.23 -32.13
N HIS J 55 -0.18 20.71 -33.37
CA HIS J 55 1.07 21.01 -34.06
C HIS J 55 1.45 22.46 -33.77
N LEU J 56 2.57 22.64 -33.08
CA LEU J 56 3.06 23.98 -32.85
C LEU J 56 3.74 24.53 -34.10
N GLU J 57 4.05 25.81 -34.08
CA GLU J 57 4.72 26.45 -35.20
C GLU J 57 5.92 27.23 -34.70
N ASN J 58 6.89 27.41 -35.59
CA ASN J 58 8.03 28.31 -35.43
C ASN J 58 8.93 27.97 -34.23
N VAL J 59 8.87 26.74 -33.71
CA VAL J 59 9.58 26.38 -32.51
C VAL J 59 10.54 25.24 -32.81
N THR J 60 11.80 25.38 -32.35
CA THR J 60 12.83 24.37 -32.51
C THR J 60 13.32 23.95 -31.13
N GLU J 61 12.93 22.75 -30.71
CA GLU J 61 13.24 22.26 -29.37
C GLU J 61 14.47 21.36 -29.40
N GLU J 62 15.33 21.52 -28.40
CA GLU J 62 16.56 20.75 -28.29
C GLU J 62 16.24 19.35 -27.76
N PHE J 63 16.17 18.37 -28.65
CA PHE J 63 15.85 17.02 -28.24
C PHE J 63 17.09 16.18 -27.99
N ASN J 64 16.88 15.06 -27.31
CA ASN J 64 17.92 14.07 -27.05
C ASN J 64 17.22 12.77 -26.71
N MET J 65 17.64 11.67 -27.34
CA MET J 65 17.03 10.38 -27.10
C MET J 65 17.87 9.49 -26.19
N TRP J 66 19.11 9.87 -25.91
CA TRP J 66 20.00 9.04 -25.13
C TRP J 66 20.00 9.40 -23.64
N LYS J 67 19.81 10.67 -23.31
CA LYS J 67 19.65 11.09 -21.93
C LYS J 67 18.17 11.24 -21.56
N ASN J 68 17.29 10.53 -22.26
CA ASN J 68 15.87 10.58 -21.96
C ASN J 68 15.59 9.90 -20.63
N ASN J 69 14.48 10.29 -20.00
CA ASN J 69 14.09 9.68 -18.73
C ASN J 69 12.84 8.84 -18.85
N MET J 70 12.16 8.85 -19.99
CA MET J 70 11.01 7.98 -20.14
C MET J 70 11.42 6.53 -20.33
N VAL J 71 12.62 6.26 -20.84
CA VAL J 71 13.06 4.88 -20.99
C VAL J 71 13.59 4.33 -19.67
N GLU J 72 14.02 5.20 -18.76
CA GLU J 72 14.37 4.72 -17.43
C GLU J 72 13.12 4.47 -16.61
N GLN J 73 12.02 5.15 -16.95
CA GLN J 73 10.78 4.96 -16.23
C GLN J 73 9.94 3.85 -16.84
N MET J 74 10.13 3.58 -18.13
CA MET J 74 9.44 2.43 -18.72
C MET J 74 10.09 1.12 -18.28
N HIS J 75 11.41 1.12 -18.16
CA HIS J 75 12.13 -0.10 -17.77
C HIS J 75 11.85 -0.47 -16.33
N THR J 76 11.48 0.50 -15.50
CA THR J 76 11.08 0.18 -14.13
C THR J 76 9.64 -0.33 -14.09
N ASP J 77 8.77 0.19 -14.96
CA ASP J 77 7.38 -0.24 -14.93
C ASP J 77 7.17 -1.60 -15.59
N ILE J 78 8.02 -1.97 -16.55
CA ILE J 78 7.89 -3.29 -17.16
C ILE J 78 8.35 -4.36 -16.19
N ILE J 79 9.40 -4.09 -15.42
CA ILE J 79 9.85 -5.02 -14.38
C ILE J 79 8.79 -5.15 -13.29
N SER J 80 8.24 -4.03 -12.84
CA SER J 80 7.23 -4.08 -11.79
C SER J 80 5.87 -4.58 -12.27
N LEU J 81 5.69 -4.77 -13.59
CA LEU J 81 4.48 -5.44 -14.06
C LEU J 81 4.74 -6.92 -14.26
N TRP J 82 5.96 -7.27 -14.65
CA TRP J 82 6.36 -8.66 -14.80
C TRP J 82 6.64 -9.34 -13.46
N ASP J 83 6.66 -8.58 -12.37
CA ASP J 83 6.94 -9.11 -11.05
C ASP J 83 5.63 -9.19 -10.25
N GLN J 84 4.82 -8.15 -10.34
CA GLN J 84 3.57 -8.06 -9.60
C GLN J 84 2.57 -9.07 -10.12
N SER J 85 2.67 -9.44 -11.40
CA SER J 85 1.79 -10.43 -11.99
C SER J 85 2.29 -11.85 -11.78
N LEU J 86 3.29 -12.05 -10.92
CA LEU J 86 3.74 -13.39 -10.55
C LEU J 86 3.57 -13.70 -9.08
N LYS J 87 3.15 -12.71 -8.26
CA LYS J 87 2.90 -12.99 -6.86
C LYS J 87 1.71 -13.90 -6.59
N PRO J 88 0.54 -13.84 -7.30
CA PRO J 88 -0.50 -14.83 -7.01
C PRO J 88 -0.31 -16.18 -7.68
N CYS J 89 0.89 -16.50 -8.16
CA CYS J 89 1.15 -17.78 -8.81
C CYS J 89 1.90 -18.70 -7.85
N VAL J 90 1.98 -19.96 -8.24
CA VAL J 90 2.42 -21.02 -7.34
C VAL J 90 3.94 -21.17 -7.37
N LYS J 91 4.56 -21.23 -6.20
CA LYS J 91 5.97 -21.55 -6.10
C LYS J 91 6.20 -22.99 -6.48
N LEU J 92 7.22 -23.26 -7.28
CA LEU J 92 7.61 -24.63 -7.55
C LEU J 92 8.73 -25.09 -6.62
N THR J 93 8.56 -24.86 -5.34
CA THR J 93 9.51 -25.40 -4.37
C THR J 93 9.40 -26.90 -4.04
N PRO J 94 8.29 -27.62 -4.22
CA PRO J 94 8.38 -29.08 -4.14
C PRO J 94 8.91 -29.76 -5.39
N LEU J 95 9.35 -29.03 -6.40
CA LEU J 95 9.90 -29.62 -7.61
C LEU J 95 11.38 -29.90 -7.52
N CYS J 96 12.09 -29.29 -6.57
CA CYS J 96 13.53 -29.49 -6.44
C CYS J 96 13.79 -30.86 -5.81
N VAL J 97 13.64 -31.90 -6.63
CA VAL J 97 13.81 -33.27 -6.18
C VAL J 97 14.90 -33.89 -7.03
N THR J 98 15.20 -35.16 -6.80
CA THR J 98 16.20 -35.86 -7.60
C THR J 98 15.47 -36.57 -8.74
N LEU J 99 15.59 -36.00 -9.92
CA LEU J 99 14.94 -36.52 -11.11
C LEU J 99 15.71 -37.74 -11.61
N GLN J 100 15.05 -38.59 -12.37
CA GLN J 100 15.70 -39.77 -12.94
C GLN J 100 15.39 -39.80 -14.43
N CYS J 101 16.20 -39.11 -15.21
CA CYS J 101 15.86 -38.86 -16.60
C CYS J 101 16.49 -39.90 -17.52
N THR J 102 16.03 -39.88 -18.76
CA THR J 102 16.55 -40.74 -19.82
C THR J 102 16.17 -40.12 -21.16
N ASN J 103 16.87 -40.54 -22.20
CA ASN J 103 16.68 -39.93 -23.52
C ASN J 103 15.38 -40.40 -24.15
N VAL J 104 14.70 -39.50 -24.83
CA VAL J 104 13.53 -39.85 -25.61
C VAL J 104 13.96 -40.18 -27.03
N THR J 105 13.54 -41.34 -27.53
CA THR J 105 13.84 -41.81 -28.88
C THR J 105 12.59 -42.37 -29.54
N ASN J 106 11.46 -41.66 -29.40
CA ASN J 106 10.25 -42.09 -30.06
C ASN J 106 10.33 -41.81 -31.56
N ASN J 107 10.43 -40.53 -31.92
CA ASN J 107 10.67 -40.11 -33.29
C ASN J 107 11.58 -38.89 -33.25
N ILE J 108 12.88 -39.13 -33.36
CA ILE J 108 13.91 -38.12 -33.10
C ILE J 108 14.80 -38.01 -34.32
N THR J 109 14.88 -36.80 -34.87
CA THR J 109 15.85 -36.51 -35.92
C THR J 109 17.19 -36.17 -35.28
N ASP J 110 18.26 -36.32 -36.05
CA ASP J 110 19.60 -36.32 -35.47
C ASP J 110 20.07 -34.94 -35.03
N ASP J 111 19.40 -33.88 -35.47
CA ASP J 111 19.78 -32.55 -34.98
C ASP J 111 19.17 -32.25 -33.62
N MET J 112 17.93 -32.65 -33.38
CA MET J 112 17.32 -32.60 -32.05
C MET J 112 17.52 -33.95 -31.36
N ARG J 113 18.79 -34.32 -31.19
CA ARG J 113 19.13 -35.69 -30.85
C ARG J 113 18.84 -35.99 -29.38
N GLY J 114 19.39 -35.19 -28.48
CA GLY J 114 19.18 -35.40 -27.07
C GLY J 114 18.77 -34.12 -26.40
N GLU J 115 18.00 -33.30 -27.12
CA GLU J 115 17.67 -31.96 -26.66
C GLU J 115 16.66 -31.98 -25.52
N LEU J 116 15.78 -33.02 -25.55
CA LEU J 116 14.70 -33.17 -24.54
C LEU J 116 14.80 -34.51 -23.82
N LYS J 117 14.70 -34.51 -22.50
CA LYS J 117 14.89 -35.75 -21.70
C LYS J 117 13.57 -36.12 -21.02
N ASN J 118 13.27 -37.40 -20.77
CA ASN J 118 11.98 -37.87 -20.16
C ASN J 118 12.20 -38.07 -18.68
N CYS J 119 12.01 -37.07 -17.83
CA CYS J 119 12.41 -37.07 -16.40
C CYS J 119 11.25 -37.60 -15.56
N SER J 120 11.51 -38.61 -14.74
CA SER J 120 10.46 -39.24 -13.95
C SER J 120 10.82 -39.19 -12.48
N PHE J 121 10.00 -38.53 -11.67
CA PHE J 121 10.39 -38.19 -10.32
C PHE J 121 9.24 -38.43 -9.36
N ASN J 122 9.58 -38.66 -8.09
CA ASN J 122 8.60 -38.72 -7.04
C ASN J 122 8.08 -37.33 -6.72
N MET J 123 6.85 -37.26 -6.24
CA MET J 123 6.24 -35.95 -6.04
C MET J 123 5.15 -36.08 -4.98
N THR J 124 5.07 -35.06 -4.11
CA THR J 124 4.05 -35.04 -3.07
C THR J 124 2.67 -34.83 -3.67
N THR J 125 1.69 -35.56 -3.14
CA THR J 125 0.33 -35.50 -3.66
C THR J 125 -0.47 -34.47 -2.88
N GLU J 126 -1.79 -34.51 -3.04
CA GLU J 126 -2.68 -33.58 -2.34
C GLU J 126 -2.66 -33.81 -0.83
N LEU J 127 -2.48 -35.06 -0.40
CA LEU J 127 -2.31 -35.36 1.01
C LEU J 127 -0.83 -35.25 1.38
N ARG J 128 -0.57 -34.84 2.61
CA ARG J 128 0.79 -34.53 3.02
C ARG J 128 1.56 -35.73 3.53
N ASP J 129 1.12 -36.96 3.25
CA ASP J 129 1.88 -38.13 3.65
C ASP J 129 2.03 -39.20 2.58
N LYS J 130 1.25 -39.16 1.50
CA LYS J 130 1.45 -40.07 0.39
C LYS J 130 2.30 -39.37 -0.67
N LYS J 131 2.81 -40.16 -1.62
CA LYS J 131 3.74 -39.64 -2.61
C LYS J 131 3.52 -40.38 -3.92
N GLN J 132 3.23 -39.65 -4.98
CA GLN J 132 2.99 -40.26 -6.27
C GLN J 132 4.29 -40.30 -7.07
N LYS J 133 4.27 -41.05 -8.16
CA LYS J 133 5.40 -41.19 -9.06
C LYS J 133 4.97 -40.70 -10.44
N VAL J 134 5.48 -39.55 -10.85
CA VAL J 134 5.06 -38.94 -12.10
C VAL J 134 6.21 -38.93 -13.08
N TYR J 135 5.97 -38.44 -14.29
CA TYR J 135 7.02 -38.28 -15.28
C TYR J 135 6.69 -37.04 -16.11
N SER J 136 7.68 -36.57 -16.86
CA SER J 136 7.54 -35.30 -17.57
C SER J 136 8.46 -35.30 -18.78
N LEU J 137 8.64 -34.13 -19.38
CA LEU J 137 9.56 -33.98 -20.51
C LEU J 137 10.21 -32.61 -20.40
N PHE J 138 11.46 -32.57 -19.93
CA PHE J 138 12.21 -31.34 -19.80
C PHE J 138 13.28 -31.27 -20.88
N TYR J 139 13.56 -30.06 -21.34
CA TYR J 139 14.63 -29.86 -22.30
C TYR J 139 15.98 -29.95 -21.60
N ARG J 140 17.04 -30.09 -22.40
CA ARG J 140 18.38 -30.22 -21.82
C ARG J 140 18.89 -28.91 -21.24
N LEU J 141 18.30 -27.78 -21.61
CA LEU J 141 18.66 -26.51 -21.00
C LEU J 141 18.00 -26.29 -19.64
N ASP J 142 17.30 -27.29 -19.09
CA ASP J 142 16.68 -27.16 -17.79
C ASP J 142 17.12 -28.22 -16.80
N VAL J 143 18.00 -29.13 -17.19
CA VAL J 143 18.44 -30.18 -16.30
C VAL J 143 19.97 -30.24 -16.30
N VAL J 144 20.56 -30.34 -15.12
CA VAL J 144 21.98 -30.60 -14.96
C VAL J 144 22.12 -31.96 -14.27
N GLN J 145 23.32 -32.50 -14.31
CA GLN J 145 23.53 -33.83 -13.78
C GLN J 145 24.05 -33.74 -12.34
N ILE J 146 23.62 -34.70 -11.52
CA ILE J 146 23.95 -34.71 -10.11
C ILE J 146 25.14 -35.61 -9.81
N ASN J 147 25.11 -36.84 -10.28
CA ASN J 147 26.18 -37.78 -9.96
C ASN J 147 27.01 -38.14 -11.19
N LYS J 159 20.65 -42.14 -15.13
CA LYS J 159 21.44 -41.08 -14.51
C LYS J 159 20.53 -40.10 -13.80
N GLU J 160 20.89 -39.75 -12.56
CA GLU J 160 20.07 -38.84 -11.77
C GLU J 160 20.36 -37.40 -12.13
N TYR J 161 19.32 -36.62 -12.37
CA TYR J 161 19.46 -35.22 -12.72
C TYR J 161 18.82 -34.35 -11.65
N ARG J 162 18.83 -33.05 -11.90
CA ARG J 162 18.10 -32.08 -11.11
C ARG J 162 17.88 -30.86 -11.97
N LEU J 163 16.99 -29.99 -11.54
CA LEU J 163 16.69 -28.79 -12.30
C LEU J 163 17.86 -27.81 -12.23
N ILE J 164 17.91 -26.89 -13.21
CA ILE J 164 19.02 -25.96 -13.31
C ILE J 164 18.97 -24.85 -12.26
N ASN J 165 17.86 -24.72 -11.56
CA ASN J 165 17.65 -23.61 -10.65
C ASN J 165 17.77 -23.99 -9.19
N CYS J 166 17.78 -25.27 -8.86
CA CYS J 166 17.55 -25.72 -7.49
C CYS J 166 18.71 -25.47 -6.55
N ASN J 167 19.80 -24.87 -7.01
CA ASN J 167 20.82 -24.36 -6.11
C ASN J 167 20.96 -22.86 -6.22
N THR J 168 20.02 -22.20 -6.89
CA THR J 168 20.07 -20.73 -7.01
C THR J 168 18.79 -20.11 -6.45
N SER J 169 17.61 -20.53 -6.92
CA SER J 169 16.36 -19.90 -6.47
C SER J 169 15.15 -20.78 -6.74
N ALA J 170 13.97 -20.34 -6.35
CA ALA J 170 12.74 -21.13 -6.52
C ALA J 170 11.82 -20.37 -7.45
N CYS J 171 10.96 -21.04 -8.22
CA CYS J 171 10.39 -20.57 -9.41
C CYS J 171 8.91 -20.46 -9.42
N THR J 172 8.34 -19.27 -9.43
CA THR J 172 6.90 -19.18 -9.66
C THR J 172 6.59 -19.63 -11.07
N GLN J 173 5.76 -20.64 -11.25
CA GLN J 173 5.25 -20.93 -12.60
C GLN J 173 4.36 -19.81 -13.07
N ALA J 174 4.49 -19.39 -14.33
CA ALA J 174 3.52 -18.41 -14.80
C ALA J 174 2.14 -19.01 -14.81
N CYS J 175 1.18 -18.31 -14.23
CA CYS J 175 -0.20 -18.76 -14.28
C CYS J 175 -0.69 -18.70 -15.71
N PRO J 176 -1.23 -19.80 -16.26
CA PRO J 176 -1.62 -19.81 -17.68
C PRO J 176 -2.84 -18.97 -18.01
N LYS J 177 -3.49 -18.33 -17.04
CA LYS J 177 -4.52 -17.36 -17.36
C LYS J 177 -3.93 -16.11 -17.99
N VAL J 178 -2.77 -15.66 -17.51
CA VAL J 178 -2.16 -14.46 -18.07
C VAL J 178 -1.45 -14.80 -19.37
N SER J 179 -1.17 -13.77 -20.16
CA SER J 179 -0.56 -13.95 -21.46
C SER J 179 0.47 -12.86 -21.69
N PHE J 180 1.60 -13.23 -22.28
CA PHE J 180 2.69 -12.30 -22.49
C PHE J 180 2.61 -11.56 -23.82
N GLU J 181 1.45 -11.58 -24.47
CA GLU J 181 1.31 -10.87 -25.74
C GLU J 181 1.24 -9.37 -25.47
N PRO J 182 2.04 -8.57 -26.14
CA PRO J 182 2.11 -7.15 -25.82
C PRO J 182 0.92 -6.36 -26.35
N ILE J 183 0.06 -5.90 -25.46
CA ILE J 183 -0.97 -4.94 -25.83
C ILE J 183 -0.33 -3.56 -25.83
N PRO J 184 -0.69 -2.68 -26.77
CA PRO J 184 -0.04 -1.36 -26.82
C PRO J 184 -0.49 -0.48 -25.67
N ILE J 185 0.49 0.00 -24.89
CA ILE J 185 0.21 0.91 -23.78
C ILE J 185 0.63 2.30 -24.21
N HIS J 186 0.03 3.30 -23.58
CA HIS J 186 0.31 4.68 -23.88
C HIS J 186 0.82 5.37 -22.63
N TYR J 187 1.63 6.42 -22.83
CA TYR J 187 2.16 7.21 -21.74
C TYR J 187 1.60 8.62 -21.84
N CYS J 188 0.96 9.08 -20.77
CA CYS J 188 0.38 10.41 -20.71
C CYS J 188 1.09 11.25 -19.65
N ALA J 189 1.30 12.52 -19.96
CA ALA J 189 1.87 13.43 -18.98
C ALA J 189 0.81 13.76 -17.93
N PRO J 190 1.21 14.08 -16.71
CA PRO J 190 0.26 14.53 -15.70
C PRO J 190 -0.19 15.96 -15.97
N ALA J 191 -0.99 16.48 -15.06
CA ALA J 191 -1.44 17.86 -15.18
C ALA J 191 -0.30 18.81 -14.88
N GLY J 192 -0.09 19.77 -15.76
CA GLY J 192 1.00 20.69 -15.62
C GLY J 192 2.23 20.36 -16.43
N PHE J 193 2.30 19.16 -16.99
CA PHE J 193 3.41 18.73 -17.82
C PHE J 193 2.94 18.61 -19.27
N ALA J 194 3.89 18.34 -20.17
CA ALA J 194 3.58 18.26 -21.58
C ALA J 194 4.60 17.36 -22.26
N ILE J 195 4.15 16.63 -23.27
CA ILE J 195 4.98 15.71 -24.03
C ILE J 195 5.15 16.26 -25.44
N LEU J 196 6.39 16.38 -25.89
CA LEU J 196 6.69 16.96 -27.20
C LEU J 196 7.14 15.86 -28.16
N LYS J 197 6.42 15.70 -29.26
CA LYS J 197 6.72 14.69 -30.26
C LYS J 197 7.38 15.33 -31.46
N CYS J 198 8.55 14.82 -31.83
CA CYS J 198 9.29 15.35 -32.99
C CYS J 198 8.67 14.81 -34.26
N LYS J 199 8.04 15.68 -35.05
CA LYS J 199 7.44 15.26 -36.30
C LYS J 199 8.39 15.38 -37.48
N ASP J 200 9.69 15.49 -37.24
CA ASP J 200 10.67 15.48 -38.31
C ASP J 200 10.91 14.06 -38.79
N LYS J 201 11.46 13.93 -39.99
CA LYS J 201 11.75 12.64 -40.57
C LYS J 201 13.24 12.34 -40.66
N LYS J 202 14.09 13.36 -40.68
CA LYS J 202 15.53 13.19 -40.73
C LYS J 202 16.19 13.46 -39.39
N PHE J 203 15.45 13.35 -38.29
CA PHE J 203 16.02 13.54 -36.97
C PHE J 203 16.83 12.31 -36.60
N ASN J 204 18.15 12.46 -36.50
CA ASN J 204 18.98 11.28 -36.28
C ASN J 204 19.03 10.89 -34.81
N GLY J 205 19.73 11.66 -33.98
CA GLY J 205 19.73 11.34 -32.57
C GLY J 205 19.48 12.47 -31.60
N THR J 206 19.91 13.68 -31.97
CA THR J 206 20.03 14.78 -31.02
C THR J 206 20.18 16.10 -31.75
N GLY J 207 19.35 17.08 -31.42
CA GLY J 207 19.52 18.42 -31.94
C GLY J 207 18.20 19.14 -32.07
N PRO J 208 18.21 20.25 -32.77
CA PRO J 208 16.96 20.99 -32.99
C PRO J 208 16.04 20.26 -33.95
N CYS J 209 14.94 19.70 -33.44
CA CYS J 209 13.89 19.17 -34.29
C CYS J 209 12.95 20.32 -34.61
N PRO J 210 12.98 20.88 -35.81
CA PRO J 210 12.27 22.13 -36.08
C PRO J 210 10.78 22.00 -36.34
N SER J 211 10.20 20.81 -36.18
CA SER J 211 8.76 20.62 -36.33
C SER J 211 8.28 19.87 -35.08
N VAL J 212 7.99 20.61 -34.03
CA VAL J 212 7.55 20.03 -32.78
C VAL J 212 6.02 19.95 -32.81
N SER J 213 5.47 19.04 -32.03
CA SER J 213 4.01 18.92 -31.92
C SER J 213 3.69 18.32 -30.57
N THR J 214 3.06 19.10 -29.69
CA THR J 214 2.76 18.60 -28.36
C THR J 214 1.63 17.58 -28.43
N VAL J 215 1.65 16.67 -27.46
CA VAL J 215 0.79 15.48 -27.46
C VAL J 215 0.44 15.19 -26.02
N GLN J 216 -0.85 14.96 -25.74
CA GLN J 216 -1.23 14.64 -24.37
C GLN J 216 -0.90 13.20 -24.01
N CYS J 217 -1.01 12.28 -24.96
CA CYS J 217 -0.82 10.85 -24.70
C CYS J 217 -0.18 10.21 -25.92
N THR J 218 0.98 9.58 -25.71
CA THR J 218 1.76 8.99 -26.80
C THR J 218 1.00 7.83 -27.45
N HIS J 219 1.48 7.43 -28.63
CA HIS J 219 0.77 6.39 -29.37
C HIS J 219 1.04 5.03 -28.74
N GLY J 220 0.52 3.99 -29.39
CA GLY J 220 0.62 2.65 -28.86
C GLY J 220 2.03 2.10 -28.86
N ILE J 221 2.64 2.05 -27.68
CA ILE J 221 3.97 1.48 -27.51
C ILE J 221 3.81 0.02 -27.13
N LYS J 222 4.41 -0.86 -27.92
CA LYS J 222 4.31 -2.29 -27.67
C LYS J 222 5.44 -2.72 -26.76
N PRO J 223 5.17 -3.18 -25.55
CA PRO J 223 6.25 -3.62 -24.66
C PRO J 223 6.70 -5.04 -24.96
N VAL J 224 7.36 -5.20 -26.10
CA VAL J 224 7.90 -6.48 -26.53
C VAL J 224 9.38 -6.50 -26.15
N VAL J 225 9.88 -7.69 -25.81
CA VAL J 225 11.29 -7.87 -25.47
C VAL J 225 11.92 -8.77 -26.52
N SER J 226 13.11 -8.38 -26.96
CA SER J 226 13.84 -9.16 -27.97
C SER J 226 15.32 -8.84 -27.86
N THR J 227 16.10 -9.53 -28.67
CA THR J 227 17.55 -9.39 -28.68
C THR J 227 18.01 -9.55 -30.11
N GLN J 228 18.89 -8.63 -30.56
CA GLN J 228 19.50 -8.55 -31.89
C GLN J 228 18.53 -8.22 -33.02
N LEU J 229 17.23 -8.19 -32.74
CA LEU J 229 16.23 -8.01 -33.80
C LEU J 229 15.00 -7.44 -33.10
N LEU J 230 14.77 -6.15 -33.25
CA LEU J 230 13.59 -5.55 -32.65
C LEU J 230 12.36 -5.96 -33.45
N LEU J 231 11.33 -6.43 -32.76
CA LEU J 231 10.17 -7.01 -33.40
C LEU J 231 8.96 -6.12 -33.17
N ASN J 232 8.04 -6.18 -34.12
CA ASN J 232 6.77 -5.42 -34.20
C ASN J 232 6.99 -3.99 -33.73
N GLY J 233 8.01 -3.31 -34.26
CA GLY J 233 8.29 -1.92 -33.95
C GLY J 233 7.52 -0.97 -34.83
N SER J 234 7.86 0.32 -34.68
CA SER J 234 7.30 1.38 -35.51
C SER J 234 8.36 1.81 -36.50
N LEU J 235 8.00 1.83 -37.78
CA LEU J 235 8.98 1.92 -38.84
C LEU J 235 9.22 3.36 -39.25
N ALA J 236 10.50 3.71 -39.40
CA ALA J 236 10.85 5.04 -39.90
C ALA J 236 10.56 5.12 -41.38
N GLU J 237 9.76 6.11 -41.77
CA GLU J 237 9.40 6.30 -43.16
C GLU J 237 10.56 6.91 -43.94
N GLU J 238 10.47 6.81 -45.27
CA GLU J 238 11.26 7.49 -46.29
C GLU J 238 12.70 7.00 -46.42
N GLU J 239 13.17 6.20 -45.48
CA GLU J 239 14.58 5.81 -45.39
C GLU J 239 14.73 4.73 -44.33
N VAL J 240 15.94 4.20 -44.21
CA VAL J 240 16.35 3.38 -43.08
C VAL J 240 17.40 4.16 -42.30
N MET J 241 17.11 4.42 -41.03
CA MET J 241 17.91 5.32 -40.22
C MET J 241 18.77 4.55 -39.24
N ILE J 242 19.88 5.17 -38.84
CA ILE J 242 20.84 4.58 -37.93
C ILE J 242 21.05 5.55 -36.79
N ARG J 243 20.77 5.10 -35.57
CA ARG J 243 20.94 5.89 -34.37
C ARG J 243 22.14 5.37 -33.58
N SER J 244 22.87 6.27 -32.95
CA SER J 244 23.91 5.90 -32.01
C SER J 244 24.18 7.09 -31.11
N GLU J 245 24.56 6.81 -29.86
CA GLU J 245 24.98 7.89 -28.98
C GLU J 245 26.31 8.47 -29.42
N ASN J 246 27.18 7.66 -30.01
CA ASN J 246 28.42 8.16 -30.66
C ASN J 246 28.96 7.08 -31.59
N ILE J 247 28.94 7.32 -32.90
CA ILE J 247 29.22 6.29 -33.89
C ILE J 247 30.68 5.85 -33.86
N THR J 248 31.56 6.62 -33.24
CA THR J 248 32.96 6.23 -33.16
C THR J 248 33.27 5.41 -31.91
N ASN J 249 32.42 5.49 -30.89
CA ASN J 249 32.62 4.68 -29.70
C ASN J 249 32.29 3.22 -29.99
N ASN J 250 32.88 2.33 -29.21
CA ASN J 250 32.62 0.90 -29.36
C ASN J 250 31.64 0.36 -28.33
N ALA J 251 31.61 0.93 -27.13
CA ALA J 251 30.68 0.47 -26.11
C ALA J 251 29.24 0.87 -26.40
N LYS J 252 29.03 1.82 -27.30
CA LYS J 252 27.70 2.28 -27.62
C LYS J 252 27.12 1.45 -28.75
N ASN J 253 25.85 1.06 -28.60
CA ASN J 253 25.18 0.25 -29.60
C ASN J 253 24.85 1.09 -30.84
N ILE J 254 24.27 0.43 -31.83
CA ILE J 254 23.87 1.06 -33.08
C ILE J 254 22.48 0.55 -33.39
N LEU J 255 21.49 1.43 -33.34
CA LEU J 255 20.10 1.04 -33.53
C LEU J 255 19.70 1.36 -34.96
N VAL J 256 19.42 0.33 -35.74
CA VAL J 256 18.95 0.47 -37.11
C VAL J 256 17.45 0.37 -37.10
N GLN J 257 16.78 1.15 -37.96
CA GLN J 257 15.33 1.15 -38.03
C GLN J 257 14.90 1.13 -39.49
N PHE J 258 14.22 0.07 -39.92
CA PHE J 258 13.92 -0.15 -41.33
C PHE J 258 12.74 0.72 -41.77
N ASN J 259 12.50 0.72 -43.08
CA ASN J 259 11.29 1.32 -43.66
C ASN J 259 10.33 0.28 -44.18
N THR J 260 10.83 -0.84 -44.69
CA THR J 260 10.00 -1.98 -45.01
C THR J 260 10.28 -3.10 -44.02
N PRO J 261 9.26 -3.77 -43.53
CA PRO J 261 9.51 -4.81 -42.53
C PRO J 261 9.73 -6.16 -43.18
N VAL J 262 10.85 -6.81 -42.88
CA VAL J 262 11.00 -8.18 -43.35
C VAL J 262 10.16 -9.07 -42.45
N GLN J 263 9.64 -10.14 -43.02
CA GLN J 263 8.69 -10.98 -42.33
C GLN J 263 9.38 -12.21 -41.78
N ILE J 264 8.97 -12.63 -40.60
CA ILE J 264 9.55 -13.80 -39.95
C ILE J 264 8.43 -14.76 -39.58
N ASN J 265 8.68 -16.05 -39.78
CA ASN J 265 7.68 -17.09 -39.55
C ASN J 265 8.26 -18.06 -38.54
N CYS J 266 8.04 -17.81 -37.26
CA CYS J 266 8.64 -18.60 -36.20
C CYS J 266 7.62 -19.62 -35.73
N THR J 267 7.95 -20.89 -35.89
CA THR J 267 7.02 -21.98 -35.65
C THR J 267 7.66 -23.02 -34.75
N ARG J 268 6.83 -23.93 -34.28
CA ARG J 268 7.28 -25.10 -33.53
C ARG J 268 6.47 -26.30 -33.98
N PRO J 269 7.12 -27.36 -34.49
CA PRO J 269 6.36 -28.44 -35.11
C PRO J 269 5.77 -29.48 -34.16
N ASN J 270 6.19 -29.51 -32.90
CA ASN J 270 5.72 -30.54 -31.99
C ASN J 270 4.28 -30.27 -31.54
N ASN J 271 3.63 -31.32 -31.05
CA ASN J 271 2.24 -31.30 -30.63
C ASN J 271 2.12 -31.82 -29.20
N ASN J 272 2.88 -31.20 -28.30
CA ASN J 272 2.99 -31.68 -26.92
C ASN J 272 1.70 -31.51 -26.16
N THR J 273 1.51 -32.37 -25.17
CA THR J 273 0.29 -32.45 -24.37
C THR J 273 0.59 -31.91 -22.99
N ARG J 274 -0.04 -30.79 -22.64
CA ARG J 274 0.08 -30.26 -21.29
C ARG J 274 -0.70 -31.14 -20.34
N LYS J 275 -0.06 -31.60 -19.29
CA LYS J 275 -0.66 -32.53 -18.33
C LYS J 275 -0.52 -31.95 -16.94
N SER J 276 -1.63 -31.85 -16.22
CA SER J 276 -1.62 -31.26 -14.90
C SER J 276 -1.14 -32.26 -13.86
N ILE J 277 -0.48 -31.74 -12.83
CA ILE J 277 0.02 -32.55 -11.72
C ILE J 277 -0.34 -31.82 -10.43
N ARG J 278 -1.00 -32.53 -9.52
CA ARG J 278 -1.32 -31.96 -8.21
C ARG J 278 -0.07 -31.92 -7.36
N ILE J 279 0.34 -30.73 -6.92
CA ILE J 279 1.40 -30.58 -5.94
C ILE J 279 0.80 -29.85 -4.75
N GLY J 280 0.62 -30.56 -3.65
CA GLY J 280 -0.05 -30.01 -2.50
C GLY J 280 -1.53 -29.78 -2.78
N PRO J 281 -2.19 -29.04 -1.91
CA PRO J 281 -3.62 -28.77 -2.10
C PRO J 281 -3.88 -27.53 -2.94
N GLY J 282 -4.61 -27.70 -4.04
CA GLY J 282 -5.05 -26.56 -4.83
C GLY J 282 -3.98 -25.89 -5.66
N GLN J 283 -2.84 -26.53 -5.83
CA GLN J 283 -1.74 -25.98 -6.63
C GLN J 283 -1.36 -27.00 -7.68
N ALA J 284 -1.49 -26.63 -8.94
CA ALA J 284 -1.16 -27.53 -10.03
C ALA J 284 0.17 -27.16 -10.64
N PHE J 285 0.78 -28.15 -11.30
CA PHE J 285 2.04 -27.96 -12.02
C PHE J 285 1.88 -28.65 -13.37
N TYR J 286 2.00 -27.88 -14.45
CA TYR J 286 1.71 -28.36 -15.78
C TYR J 286 2.99 -28.81 -16.45
N ALA J 287 2.97 -29.99 -17.07
CA ALA J 287 4.17 -30.57 -17.65
C ALA J 287 3.84 -31.27 -18.96
N THR J 288 4.80 -31.21 -19.88
CA THR J 288 4.72 -31.92 -21.16
C THR J 288 4.67 -33.43 -20.92
N GLY J 289 3.53 -34.03 -21.23
CA GLY J 289 3.38 -35.46 -21.03
C GLY J 289 3.98 -36.29 -22.15
N ASP J 290 3.48 -36.07 -23.38
CA ASP J 290 3.99 -36.77 -24.54
C ASP J 290 3.88 -35.88 -25.75
N ILE J 291 4.68 -36.21 -26.77
CA ILE J 291 4.69 -35.48 -28.03
C ILE J 291 3.86 -36.27 -29.02
N ILE J 292 2.71 -35.72 -29.40
CA ILE J 292 1.81 -36.38 -30.36
C ILE J 292 2.45 -36.28 -31.74
N GLY J 293 2.84 -37.42 -32.30
CA GLY J 293 3.46 -37.44 -33.59
C GLY J 293 4.96 -37.51 -33.49
N ASP J 294 5.66 -36.87 -34.43
CA ASP J 294 7.11 -36.88 -34.45
C ASP J 294 7.67 -35.59 -33.87
N ILE J 295 8.94 -35.64 -33.47
CA ILE J 295 9.60 -34.54 -32.78
C ILE J 295 10.64 -33.95 -33.72
N ARG J 296 10.55 -32.64 -33.96
CA ARG J 296 11.49 -31.92 -34.81
C ARG J 296 11.87 -30.61 -34.12
N GLN J 297 12.84 -29.91 -34.70
CA GLN J 297 13.38 -28.70 -34.11
C GLN J 297 12.59 -27.47 -34.56
N ALA J 298 12.36 -26.56 -33.62
CA ALA J 298 11.64 -25.33 -33.92
C ALA J 298 12.52 -24.37 -34.69
N HIS J 299 12.05 -23.91 -35.84
CA HIS J 299 12.86 -23.10 -36.74
C HIS J 299 12.16 -21.76 -36.96
N CYS J 300 12.83 -20.89 -37.70
CA CYS J 300 12.26 -19.60 -38.10
C CYS J 300 12.69 -19.28 -39.52
N ASN J 301 11.75 -18.77 -40.30
CA ASN J 301 11.94 -18.51 -41.71
C ASN J 301 12.05 -17.01 -41.94
N VAL J 302 12.80 -16.64 -42.97
CA VAL J 302 12.81 -15.27 -43.50
C VAL J 302 13.24 -15.34 -44.95
N SER J 303 12.51 -14.63 -45.81
CA SER J 303 12.79 -14.69 -47.23
C SER J 303 14.04 -13.88 -47.56
N LYS J 304 14.97 -14.51 -48.28
CA LYS J 304 16.27 -13.92 -48.51
C LYS J 304 16.22 -12.77 -49.51
N ALA J 305 15.22 -12.79 -50.40
CA ALA J 305 15.13 -11.75 -51.42
C ALA J 305 14.82 -10.38 -50.81
N THR J 306 14.03 -10.36 -49.73
CA THR J 306 13.77 -9.09 -49.06
C THR J 306 14.70 -8.88 -47.89
N TRP J 307 15.45 -9.91 -47.49
CA TRP J 307 16.43 -9.71 -46.42
C TRP J 307 17.73 -9.15 -46.96
N ASN J 308 18.27 -9.78 -48.01
CA ASN J 308 19.51 -9.31 -48.62
C ASN J 308 19.33 -7.94 -49.26
N GLU J 309 18.11 -7.60 -49.66
CA GLU J 309 17.81 -6.23 -50.06
C GLU J 309 17.85 -5.28 -48.87
N THR J 310 17.38 -5.73 -47.71
CA THR J 310 17.34 -4.87 -46.53
C THR J 310 18.73 -4.67 -45.95
N LEU J 311 19.61 -5.66 -46.07
CA LEU J 311 21.00 -5.42 -45.73
C LEU J 311 21.67 -4.53 -46.75
N GLY J 312 21.18 -4.50 -47.99
CA GLY J 312 21.74 -3.60 -48.97
C GLY J 312 21.32 -2.16 -48.73
N LYS J 313 20.23 -1.95 -47.99
CA LYS J 313 19.82 -0.60 -47.65
C LYS J 313 20.66 -0.05 -46.52
N VAL J 314 21.02 -0.89 -45.56
CA VAL J 314 21.73 -0.41 -44.37
C VAL J 314 23.16 -0.05 -44.71
N VAL J 315 23.81 -0.85 -45.55
CA VAL J 315 25.19 -0.58 -45.96
C VAL J 315 25.28 0.73 -46.74
N LYS J 316 24.27 1.02 -47.57
CA LYS J 316 24.22 2.30 -48.26
C LYS J 316 24.02 3.45 -47.29
N GLN J 317 23.34 3.21 -46.18
CA GLN J 317 23.18 4.24 -45.15
C GLN J 317 24.27 4.22 -44.11
N LEU J 318 25.00 3.12 -43.95
CA LEU J 318 26.11 3.08 -43.01
C LEU J 318 27.38 3.65 -43.60
N ARG J 319 27.42 3.83 -44.92
CA ARG J 319 28.59 4.42 -45.57
C ARG J 319 28.56 5.93 -45.58
N LYS J 320 27.58 6.55 -44.93
CA LYS J 320 27.61 7.99 -44.73
C LYS J 320 28.48 8.37 -43.54
N HIS J 321 28.48 7.54 -42.50
CA HIS J 321 29.26 7.84 -41.31
C HIS J 321 30.70 7.37 -41.41
N PHE J 322 31.01 6.42 -42.30
CA PHE J 322 32.35 5.85 -42.37
C PHE J 322 33.07 6.11 -43.69
N GLY J 323 32.40 6.64 -44.70
CA GLY J 323 32.99 6.83 -46.01
C GLY J 323 32.38 5.90 -47.03
N ASN J 324 32.47 6.29 -48.30
CA ASN J 324 31.84 5.54 -49.37
C ASN J 324 32.76 4.51 -50.01
N ASN J 325 33.77 4.03 -49.28
CA ASN J 325 34.66 3.03 -49.84
C ASN J 325 35.02 1.92 -48.86
N THR J 326 34.48 1.90 -47.65
CA THR J 326 34.86 0.90 -46.68
C THR J 326 34.13 -0.41 -46.95
N ILE J 327 34.84 -1.52 -46.72
CA ILE J 327 34.25 -2.84 -46.91
C ILE J 327 33.42 -3.18 -45.68
N ILE J 328 32.13 -2.85 -45.71
CA ILE J 328 31.25 -3.14 -44.59
C ILE J 328 31.01 -4.64 -44.53
N ARG J 329 31.26 -5.22 -43.37
CA ARG J 329 31.18 -6.66 -43.17
C ARG J 329 30.22 -6.95 -42.02
N PHE J 330 29.58 -8.10 -42.06
CA PHE J 330 28.77 -8.56 -40.94
C PHE J 330 29.32 -9.89 -40.46
N ALA J 331 28.94 -10.27 -39.24
CA ALA J 331 29.36 -11.54 -38.68
C ALA J 331 28.35 -11.92 -37.61
N ASN J 332 28.43 -13.16 -37.13
CA ASN J 332 27.47 -13.60 -36.12
C ASN J 332 28.02 -13.29 -34.77
N SER J 333 27.21 -13.44 -33.74
CA SER J 333 27.48 -12.92 -32.41
C SER J 333 28.76 -13.51 -31.86
N SER J 334 29.47 -12.73 -31.04
CA SER J 334 30.81 -13.10 -30.64
C SER J 334 30.79 -14.02 -29.43
N GLY J 335 30.20 -13.57 -28.33
CA GLY J 335 30.14 -14.39 -27.14
C GLY J 335 28.99 -13.95 -26.27
N GLY J 336 28.93 -14.55 -25.09
CA GLY J 336 27.86 -14.30 -24.14
C GLY J 336 27.12 -15.57 -23.81
N ASP J 337 26.11 -15.42 -22.97
CA ASP J 337 25.24 -16.55 -22.68
C ASP J 337 24.08 -16.54 -23.68
N LEU J 338 23.08 -17.39 -23.45
CA LEU J 338 22.11 -17.72 -24.48
C LEU J 338 21.12 -16.59 -24.76
N GLU J 339 21.05 -15.56 -23.92
CA GLU J 339 20.08 -14.51 -24.13
C GLU J 339 20.62 -13.34 -24.95
N VAL J 340 21.90 -13.35 -25.31
CA VAL J 340 22.48 -12.26 -26.08
C VAL J 340 23.16 -12.82 -27.32
N THR J 341 23.63 -14.05 -27.22
CA THR J 341 24.27 -14.66 -28.37
C THR J 341 23.27 -15.21 -29.37
N THR J 342 21.98 -15.18 -29.06
CA THR J 342 20.92 -15.66 -29.94
C THR J 342 19.72 -14.74 -29.83
N HIS J 343 18.89 -14.74 -30.88
CA HIS J 343 17.63 -14.02 -30.87
C HIS J 343 16.68 -14.66 -29.88
N SER J 344 16.11 -13.85 -28.99
CA SER J 344 15.30 -14.36 -27.89
C SER J 344 13.99 -13.62 -27.86
N PHE J 345 12.88 -14.35 -27.87
CA PHE J 345 11.56 -13.73 -27.82
C PHE J 345 10.57 -14.71 -27.22
N ASN J 346 9.32 -14.27 -27.06
CA ASN J 346 8.25 -15.10 -26.52
C ASN J 346 7.10 -15.14 -27.54
N CYS J 347 7.18 -16.05 -28.49
CA CYS J 347 6.14 -16.17 -29.49
C CYS J 347 4.99 -16.98 -28.93
N GLY J 348 3.91 -16.29 -28.58
CA GLY J 348 2.68 -16.95 -28.18
C GLY J 348 2.72 -17.67 -26.86
N GLY J 349 3.70 -17.36 -26.01
CA GLY J 349 3.79 -17.97 -24.71
C GLY J 349 4.84 -19.04 -24.54
N GLU J 350 5.76 -19.18 -25.48
CA GLU J 350 6.91 -20.06 -25.31
C GLU J 350 8.14 -19.39 -25.88
N PHE J 351 9.27 -19.57 -25.20
CA PHE J 351 10.44 -18.73 -25.39
C PHE J 351 11.40 -19.40 -26.37
N PHE J 352 11.63 -18.76 -27.51
CA PHE J 352 12.52 -19.27 -28.54
C PHE J 352 13.87 -18.59 -28.42
N TYR J 353 14.93 -19.38 -28.53
CA TYR J 353 16.29 -18.85 -28.56
C TYR J 353 16.89 -19.20 -29.91
N CYS J 354 16.72 -18.31 -30.89
CA CYS J 354 16.98 -18.62 -32.29
C CYS J 354 18.38 -18.19 -32.71
N ASN J 355 19.05 -19.04 -33.47
CA ASN J 355 20.42 -18.86 -33.87
C ASN J 355 20.47 -18.02 -35.14
N THR J 356 20.99 -16.80 -35.03
CA THR J 356 21.02 -15.86 -36.15
C THR J 356 22.38 -15.84 -36.84
N SER J 357 23.06 -16.98 -36.94
CA SER J 357 24.30 -16.99 -37.69
C SER J 357 24.09 -17.14 -39.19
N GLY J 358 22.85 -17.25 -39.65
CA GLY J 358 22.58 -17.33 -41.06
C GLY J 358 22.26 -15.98 -41.64
N LEU J 359 21.73 -15.09 -40.81
CA LEU J 359 21.41 -13.73 -41.27
C LEU J 359 22.69 -12.91 -41.44
N PHE J 360 23.42 -12.71 -40.35
CA PHE J 360 24.55 -11.78 -40.33
C PHE J 360 25.79 -12.52 -40.83
N ASN J 361 25.85 -12.68 -42.15
CA ASN J 361 27.05 -13.26 -42.76
C ASN J 361 27.11 -12.73 -44.20
N SER J 362 27.85 -11.64 -44.39
CA SER J 362 27.94 -10.98 -45.69
C SER J 362 29.26 -10.21 -45.77
N THR J 363 29.46 -9.58 -46.92
CA THR J 363 30.62 -8.70 -47.15
C THR J 363 30.29 -7.83 -48.36
N TRP J 364 30.39 -6.51 -48.21
CA TRP J 364 30.00 -5.57 -49.25
C TRP J 364 31.23 -4.76 -49.65
N ILE J 365 31.58 -4.80 -50.92
CA ILE J 365 32.94 -4.47 -51.33
C ILE J 365 32.93 -3.13 -52.08
N SER J 366 32.00 -2.25 -51.68
CA SER J 366 31.96 -0.84 -52.08
C SER J 366 31.76 -0.65 -53.58
N ASN J 367 30.65 -1.20 -54.08
CA ASN J 367 30.26 -1.02 -55.46
C ASN J 367 28.74 -0.99 -55.58
N SER J 378 13.38 -17.14 -55.94
CA SER J 378 13.75 -16.22 -54.87
C SER J 378 13.30 -16.77 -53.52
N ASN J 379 12.37 -17.72 -53.56
CA ASN J 379 11.77 -18.28 -52.35
C ASN J 379 12.66 -19.41 -51.82
N ASP J 380 13.82 -19.03 -51.30
CA ASP J 380 14.72 -20.02 -50.73
C ASP J 380 14.74 -20.00 -49.20
N SER J 381 14.44 -18.84 -48.59
CA SER J 381 13.93 -18.74 -47.22
C SER J 381 14.91 -19.27 -46.18
N ILE J 382 15.92 -18.44 -45.87
CA ILE J 382 16.90 -18.65 -44.79
C ILE J 382 16.25 -19.13 -43.51
N THR J 383 16.73 -20.25 -42.98
CA THR J 383 16.15 -20.88 -41.79
C THR J 383 17.04 -20.66 -40.59
N LEU J 384 16.43 -20.42 -39.44
CA LEU J 384 17.16 -20.22 -38.20
C LEU J 384 16.74 -21.29 -37.20
N PRO J 385 17.58 -22.27 -36.90
CA PRO J 385 17.19 -23.28 -35.91
C PRO J 385 17.21 -22.71 -34.51
N CYS J 386 16.15 -22.99 -33.75
CA CYS J 386 15.99 -22.42 -32.42
C CYS J 386 15.96 -23.52 -31.37
N ARG J 387 16.27 -23.12 -30.15
CA ARG J 387 16.15 -23.97 -28.97
C ARG J 387 15.16 -23.31 -28.03
N ILE J 388 14.44 -24.14 -27.28
CA ILE J 388 13.36 -23.66 -26.42
C ILE J 388 13.72 -24.00 -24.98
N LYS J 389 13.67 -23.00 -24.11
CA LYS J 389 13.95 -23.14 -22.70
C LYS J 389 12.69 -22.84 -21.91
N GLN J 390 12.66 -23.30 -20.66
CA GLN J 390 11.55 -23.01 -19.77
C GLN J 390 11.95 -22.28 -18.51
N ILE J 391 13.12 -22.57 -17.94
CA ILE J 391 13.58 -21.87 -16.74
C ILE J 391 14.25 -20.59 -17.22
N ILE J 392 13.44 -19.56 -17.42
CA ILE J 392 13.92 -18.30 -17.98
C ILE J 392 14.36 -17.42 -16.82
N ASN J 393 15.13 -16.37 -17.12
CA ASN J 393 15.50 -15.40 -16.09
C ASN J 393 15.00 -14.01 -16.45
N MET J 394 15.28 -13.58 -17.68
CA MET J 394 14.64 -12.46 -18.40
C MET J 394 15.05 -11.08 -17.87
N TRP J 395 15.67 -10.99 -16.70
CA TRP J 395 16.16 -9.70 -16.22
C TRP J 395 17.52 -9.81 -15.55
N GLN J 396 18.06 -11.02 -15.43
CA GLN J 396 19.29 -11.34 -14.71
C GLN J 396 19.26 -10.80 -13.29
N ARG J 397 18.25 -11.23 -12.54
CA ARG J 397 18.13 -10.90 -11.12
C ARG J 397 18.38 -12.18 -10.33
N ILE J 398 19.39 -12.12 -9.46
CA ILE J 398 19.76 -13.33 -8.67
C ILE J 398 18.62 -13.60 -7.71
N GLY J 399 17.98 -14.76 -7.86
CA GLY J 399 16.86 -15.09 -6.99
C GLY J 399 15.50 -15.09 -7.65
N GLN J 400 15.40 -14.81 -8.95
CA GLN J 400 14.10 -14.93 -9.63
C GLN J 400 14.25 -15.98 -10.73
N CYS J 401 13.13 -16.60 -11.11
CA CYS J 401 13.08 -17.57 -12.21
C CYS J 401 11.60 -17.82 -12.49
N MET J 402 11.24 -18.19 -13.71
CA MET J 402 9.79 -18.27 -14.04
C MET J 402 9.54 -19.44 -14.98
N TYR J 403 9.25 -20.63 -14.45
CA TYR J 403 9.01 -21.79 -15.32
C TYR J 403 7.79 -21.61 -16.20
N ALA J 404 7.95 -21.17 -17.44
CA ALA J 404 6.88 -21.04 -18.43
C ALA J 404 6.13 -22.36 -18.56
N PRO J 405 4.82 -22.37 -18.34
CA PRO J 405 4.07 -23.61 -18.51
C PRO J 405 3.97 -23.98 -19.97
N PRO J 406 3.93 -25.27 -20.29
CA PRO J 406 3.94 -25.68 -21.70
C PRO J 406 2.59 -25.43 -22.35
N ILE J 407 2.63 -24.84 -23.52
CA ILE J 407 1.42 -24.61 -24.31
C ILE J 407 1.25 -25.78 -25.28
N GLN J 408 0.03 -26.24 -25.45
CA GLN J 408 -0.24 -27.42 -26.25
C GLN J 408 -0.60 -27.04 -27.69
N GLY J 409 -0.50 -28.02 -28.57
CA GLY J 409 -0.66 -27.79 -29.98
C GLY J 409 0.59 -27.22 -30.61
N VAL J 410 0.62 -27.20 -31.94
CA VAL J 410 1.67 -26.48 -32.64
C VAL J 410 1.45 -24.99 -32.42
N ILE J 411 2.55 -24.25 -32.41
CA ILE J 411 2.51 -22.82 -32.16
C ILE J 411 3.35 -22.12 -33.22
N ARG J 412 2.78 -21.07 -33.82
CA ARG J 412 3.41 -20.41 -34.95
C ARG J 412 2.91 -18.97 -35.00
N CYS J 413 3.84 -18.02 -35.08
CA CYS J 413 3.48 -16.62 -35.21
C CYS J 413 4.21 -16.02 -36.40
N VAL J 414 3.62 -14.98 -36.97
CA VAL J 414 4.16 -14.26 -38.12
C VAL J 414 4.32 -12.81 -37.72
N SER J 415 5.52 -12.26 -37.88
CA SER J 415 5.83 -10.99 -37.25
C SER J 415 6.76 -10.17 -38.11
N ASN J 416 6.78 -8.86 -37.86
CA ASN J 416 7.73 -7.98 -38.50
C ASN J 416 9.12 -8.18 -37.93
N ILE J 417 10.10 -7.61 -38.63
CA ILE J 417 11.40 -7.29 -38.05
C ILE J 417 11.67 -5.86 -38.50
N THR J 418 11.43 -4.90 -37.62
CA THR J 418 11.58 -3.51 -38.02
C THR J 418 12.91 -2.93 -37.60
N GLY J 419 13.37 -3.25 -36.41
CA GLY J 419 14.63 -2.75 -35.89
C GLY J 419 15.67 -3.85 -35.81
N LEU J 420 16.90 -3.41 -35.57
CA LEU J 420 18.05 -4.31 -35.59
C LEU J 420 19.19 -3.62 -34.86
N ILE J 421 19.79 -4.31 -33.90
CA ILE J 421 20.82 -3.73 -33.03
C ILE J 421 22.18 -4.26 -33.48
N LEU J 422 23.17 -3.37 -33.56
CA LEU J 422 24.51 -3.72 -33.97
C LEU J 422 25.50 -3.13 -32.99
N THR J 423 26.63 -3.81 -32.80
CA THR J 423 27.80 -3.25 -32.13
C THR J 423 29.00 -3.50 -33.03
N ARG J 424 29.77 -2.46 -33.33
CA ARG J 424 30.97 -2.68 -34.11
C ARG J 424 32.08 -3.20 -33.18
N ASP J 425 33.27 -3.43 -33.73
CA ASP J 425 34.28 -4.03 -32.89
C ASP J 425 35.67 -3.51 -33.19
N GLY J 426 36.46 -3.37 -32.13
CA GLY J 426 37.90 -3.32 -32.11
C GLY J 426 38.56 -2.20 -32.90
N GLY J 427 39.89 -2.28 -32.92
CA GLY J 427 40.67 -1.32 -33.65
C GLY J 427 41.73 -2.00 -34.48
N SER J 428 41.91 -1.55 -35.72
CA SER J 428 42.82 -2.20 -36.64
C SER J 428 43.84 -1.28 -37.27
N THR J 429 43.79 0.03 -36.97
CA THR J 429 44.56 1.10 -37.65
C THR J 429 44.36 1.07 -39.16
N ASN J 430 43.17 0.65 -39.60
CA ASN J 430 42.90 0.47 -41.02
C ASN J 430 41.39 0.55 -41.18
N SER J 431 40.90 1.70 -41.65
CA SER J 431 39.46 1.95 -41.69
C SER J 431 38.82 1.48 -42.99
N THR J 432 39.41 0.50 -43.66
CA THR J 432 38.82 -0.03 -44.88
C THR J 432 37.78 -1.10 -44.63
N THR J 433 37.61 -1.56 -43.39
CA THR J 433 36.63 -2.59 -43.10
C THR J 433 36.14 -2.46 -41.67
N GLU J 434 34.84 -2.65 -41.48
CA GLU J 434 34.20 -2.63 -40.17
C GLU J 434 33.25 -3.82 -40.09
N THR J 435 33.44 -4.69 -39.12
CA THR J 435 32.67 -5.94 -39.04
C THR J 435 31.61 -5.80 -37.96
N PHE J 436 30.40 -5.47 -38.36
CA PHE J 436 29.32 -5.25 -37.40
C PHE J 436 28.74 -6.58 -36.93
N ARG J 437 28.54 -6.68 -35.63
CA ARG J 437 28.01 -7.87 -35.01
C ARG J 437 26.78 -7.51 -34.20
N PRO J 438 25.76 -8.35 -34.17
CA PRO J 438 24.59 -8.06 -33.35
C PRO J 438 24.86 -8.30 -31.89
N GLY J 439 24.05 -7.67 -31.05
CA GLY J 439 24.17 -7.86 -29.63
C GLY J 439 23.17 -7.01 -28.87
N GLY J 440 22.49 -7.62 -27.91
CA GLY J 440 21.42 -6.97 -27.19
C GLY J 440 21.66 -6.85 -25.71
N GLY J 441 22.88 -6.43 -25.33
CA GLY J 441 23.36 -6.46 -23.96
C GLY J 441 22.52 -5.71 -22.94
N ASP J 442 21.63 -4.81 -23.37
CA ASP J 442 20.67 -4.18 -22.50
C ASP J 442 19.26 -4.51 -22.98
N MET J 443 18.30 -4.36 -22.09
CA MET J 443 16.90 -4.62 -22.40
C MET J 443 16.11 -3.35 -22.63
N ARG J 444 16.73 -2.18 -22.47
CA ARG J 444 16.04 -0.92 -22.68
C ARG J 444 16.38 -0.30 -24.02
N ASP J 445 17.26 -0.93 -24.81
CA ASP J 445 17.52 -0.46 -26.16
C ASP J 445 16.36 -0.74 -27.09
N ASN J 446 15.49 -1.70 -26.75
CA ASN J 446 14.31 -1.93 -27.57
C ASN J 446 13.33 -0.77 -27.43
N TRP J 447 13.07 -0.34 -26.19
CA TRP J 447 12.10 0.72 -25.96
C TRP J 447 12.63 2.10 -26.28
N ARG J 448 13.95 2.28 -26.31
CA ARG J 448 14.50 3.56 -26.75
C ARG J 448 14.37 3.74 -28.25
N SER J 449 14.10 2.67 -28.99
CA SER J 449 13.76 2.77 -30.40
C SER J 449 12.29 3.11 -30.64
N GLU J 450 11.52 3.38 -29.58
CA GLU J 450 10.15 3.81 -29.71
C GLU J 450 9.82 5.06 -28.92
N LEU J 451 10.66 5.46 -27.97
CA LEU J 451 10.49 6.69 -27.20
C LEU J 451 11.59 7.69 -27.53
N TYR J 452 11.98 7.77 -28.79
CA TYR J 452 12.97 8.75 -29.20
C TYR J 452 12.36 10.04 -29.66
N LYS J 453 11.11 10.01 -30.11
CA LYS J 453 10.43 11.22 -30.54
C LYS J 453 9.99 12.08 -29.36
N TYR J 454 9.94 11.53 -28.16
CA TYR J 454 9.25 12.16 -27.06
C TYR J 454 10.21 12.78 -26.05
N LYS J 455 9.71 13.81 -25.37
CA LYS J 455 10.40 14.45 -24.25
C LYS J 455 9.34 15.12 -23.41
N VAL J 456 9.47 15.00 -22.10
CA VAL J 456 8.49 15.54 -21.15
C VAL J 456 8.99 16.85 -20.57
N VAL J 457 8.18 17.89 -20.65
CA VAL J 457 8.53 19.21 -20.13
C VAL J 457 7.43 19.69 -19.21
N LYS J 458 7.80 20.52 -18.24
CA LYS J 458 6.85 21.08 -17.30
C LYS J 458 6.58 22.53 -17.66
N ILE J 459 5.33 22.94 -17.54
CA ILE J 459 4.93 24.29 -17.89
C ILE J 459 5.29 25.22 -16.73
N GLU J 460 5.89 26.36 -17.04
CA GLU J 460 6.19 27.39 -16.05
C GLU J 460 5.31 28.59 -16.38
N PRO J 461 4.10 28.66 -15.81
CA PRO J 461 3.10 29.60 -16.34
C PRO J 461 3.33 31.05 -15.97
N LEU J 462 4.00 31.36 -14.87
CA LEU J 462 4.26 32.76 -14.53
C LEU J 462 5.28 33.37 -15.49
N GLY J 463 5.19 34.68 -15.64
CA GLY J 463 6.14 35.40 -16.45
C GLY J 463 5.89 36.88 -16.36
N VAL J 464 6.94 37.64 -16.13
CA VAL J 464 6.84 39.08 -16.04
C VAL J 464 7.34 39.66 -17.35
N ALA J 465 6.93 40.90 -17.64
CA ALA J 465 7.33 41.59 -18.86
C ALA J 465 7.08 43.07 -18.68
N PRO J 466 7.91 43.92 -19.24
CA PRO J 466 7.64 45.36 -19.15
C PRO J 466 6.61 45.86 -20.15
N THR J 467 5.64 46.61 -19.65
CA THR J 467 4.72 47.36 -20.49
C THR J 467 4.37 48.64 -19.75
N ARG J 468 3.40 49.37 -20.28
CA ARG J 468 3.02 50.65 -19.68
C ARG J 468 1.71 50.51 -18.91
N CYS J 469 1.85 50.09 -17.66
CA CYS J 469 0.81 50.15 -16.66
C CYS J 469 1.25 51.02 -15.48
N LYS J 470 0.38 51.91 -15.05
CA LYS J 470 0.54 52.62 -13.80
C LYS J 470 -0.72 52.40 -12.97
N ARG J 471 -0.58 51.74 -11.83
CA ARG J 471 -1.72 51.38 -11.01
C ARG J 471 -2.44 52.61 -10.47
N ARG J 472 -3.74 52.47 -10.26
CA ARG J 472 -4.57 53.63 -9.93
C ARG J 472 -4.39 54.06 -8.48
N VAL J 473 -4.70 53.17 -7.54
CA VAL J 473 -4.62 53.48 -6.13
C VAL J 473 -3.17 53.55 -5.66
N LEU K 1 47.04 7.62 -32.89
CA LEU K 1 47.67 8.67 -32.12
C LEU K 1 49.17 8.60 -32.32
N THR K 2 49.85 9.70 -32.04
CA THR K 2 51.30 9.78 -32.21
C THR K 2 51.88 10.73 -31.19
N GLN K 3 52.76 10.23 -30.34
CA GLN K 3 53.47 11.06 -29.38
C GLN K 3 54.84 11.41 -29.94
N SER K 4 55.18 12.71 -29.87
CA SER K 4 56.33 13.20 -30.63
C SER K 4 57.69 12.82 -30.07
N PRO K 5 58.08 13.21 -28.84
CA PRO K 5 59.53 13.26 -28.57
C PRO K 5 60.19 11.92 -28.28
N GLY K 6 59.48 10.94 -27.71
CA GLY K 6 60.07 9.65 -27.48
C GLY K 6 60.80 9.53 -26.16
N THR K 7 61.89 10.27 -25.99
CA THR K 7 62.62 10.29 -24.72
C THR K 7 62.83 11.74 -24.30
N LEU K 8 62.75 11.97 -22.99
CA LEU K 8 63.01 13.29 -22.41
C LEU K 8 63.94 13.10 -21.23
N SER K 9 65.18 13.55 -21.38
CA SER K 9 66.21 13.40 -20.35
C SER K 9 66.43 14.76 -19.69
N LEU K 10 65.73 14.99 -18.58
CA LEU K 10 65.79 16.27 -17.88
C LEU K 10 66.14 16.05 -16.42
N SER K 11 66.69 17.10 -15.81
CA SER K 11 67.03 17.30 -14.41
C SER K 11 65.81 17.79 -13.63
N PRO K 12 65.63 17.35 -12.39
CA PRO K 12 64.36 17.59 -11.68
C PRO K 12 64.16 19.05 -11.36
N GLY K 13 63.10 19.63 -11.92
CA GLY K 13 62.80 21.03 -11.72
C GLY K 13 62.42 21.72 -13.02
N GLU K 14 62.89 21.18 -14.15
CA GLU K 14 62.59 21.77 -15.44
C GLU K 14 61.17 21.42 -15.86
N THR K 15 60.77 21.98 -17.00
CA THR K 15 59.46 21.71 -17.59
C THR K 15 59.60 20.76 -18.77
N ALA K 16 58.55 19.98 -19.00
CA ALA K 16 58.58 18.95 -20.02
C ALA K 16 57.25 18.93 -20.77
N ILE K 17 57.34 18.94 -22.10
CA ILE K 17 56.17 18.94 -22.97
C ILE K 17 56.10 17.61 -23.71
N ILE K 18 54.88 17.08 -23.85
CA ILE K 18 54.62 15.87 -24.63
C ILE K 18 53.37 16.14 -25.46
N SER K 19 53.46 15.93 -26.77
CA SER K 19 52.36 16.26 -27.68
C SER K 19 51.83 14.99 -28.34
N CYS K 20 50.52 14.75 -28.21
CA CYS K 20 49.86 13.58 -28.76
C CYS K 20 48.99 14.01 -29.94
N ARG K 21 49.51 13.85 -31.15
CA ARG K 21 48.80 14.24 -32.37
C ARG K 21 47.69 13.23 -32.65
N THR K 22 46.45 13.62 -32.37
CA THR K 22 45.33 12.73 -32.59
C THR K 22 44.87 12.77 -34.04
N SER K 23 43.93 11.89 -34.39
CA SER K 23 43.42 11.82 -35.75
C SER K 23 41.94 12.10 -35.86
N GLN K 24 41.10 11.39 -35.10
CA GLN K 24 39.66 11.59 -35.14
C GLN K 24 39.19 12.23 -33.84
N TYR K 25 37.94 12.70 -33.85
CA TYR K 25 37.39 13.48 -32.75
C TYR K 25 37.10 12.57 -31.56
N GLY K 26 38.05 12.47 -30.64
CA GLY K 26 37.86 11.69 -29.44
C GLY K 26 38.38 12.44 -28.23
N SER K 27 37.83 12.08 -27.07
CA SER K 27 38.27 12.67 -25.82
C SER K 27 39.55 11.96 -25.37
N LEU K 28 40.68 12.66 -25.47
CA LEU K 28 41.97 12.10 -25.10
C LEU K 28 42.07 11.98 -23.58
N ALA K 29 42.99 11.13 -23.15
CA ALA K 29 43.28 10.97 -21.73
C ALA K 29 44.72 10.49 -21.61
N TRP K 30 45.38 10.93 -20.55
CA TRP K 30 46.81 10.67 -20.39
C TRP K 30 47.05 9.68 -19.26
N TYR K 31 48.08 8.87 -19.44
CA TYR K 31 48.44 7.82 -18.49
C TYR K 31 49.91 7.92 -18.16
N GLN K 32 50.26 7.52 -16.94
CA GLN K 32 51.64 7.56 -16.46
C GLN K 32 51.97 6.25 -15.79
N GLN K 33 52.97 5.55 -16.33
CA GLN K 33 53.41 4.27 -15.78
C GLN K 33 54.82 4.42 -15.25
N ARG K 34 54.96 4.41 -13.94
CA ARG K 34 56.27 4.23 -13.35
C ARG K 34 56.68 2.77 -13.48
N PRO K 35 57.98 2.47 -13.59
CA PRO K 35 58.41 1.08 -13.75
C PRO K 35 58.15 0.27 -12.48
N GLY K 36 57.54 -0.91 -12.67
CA GLY K 36 57.22 -1.78 -11.56
C GLY K 36 55.83 -1.61 -11.01
N GLN K 37 54.92 -0.96 -11.72
CA GLN K 37 53.58 -0.72 -11.23
C GLN K 37 52.61 -0.73 -12.41
N ALA K 38 51.34 -0.54 -12.10
CA ALA K 38 50.24 -0.32 -13.03
C ALA K 38 50.16 1.16 -13.38
N PRO K 39 49.79 1.50 -14.61
CA PRO K 39 49.59 2.91 -14.95
C PRO K 39 48.38 3.50 -14.23
N ARG K 40 48.31 4.82 -14.23
CA ARG K 40 47.21 5.50 -13.58
C ARG K 40 46.81 6.71 -14.40
N LEU K 41 45.58 7.16 -14.18
CA LEU K 41 45.04 8.30 -14.90
C LEU K 41 45.55 9.60 -14.27
N VAL K 42 45.96 10.54 -15.12
CA VAL K 42 46.40 11.85 -14.68
C VAL K 42 45.55 12.96 -15.26
N ILE K 43 45.28 12.91 -16.57
CA ILE K 43 44.45 13.88 -17.27
C ILE K 43 43.38 13.10 -18.02
N TYR K 44 42.13 13.55 -17.94
CA TYR K 44 41.11 13.00 -18.80
C TYR K 44 40.28 14.12 -19.40
N SER K 45 39.62 13.78 -20.52
CA SER K 45 38.88 14.70 -21.39
C SER K 45 39.76 15.84 -21.91
N GLY K 46 41.05 15.59 -22.05
CA GLY K 46 41.97 16.56 -22.60
C GLY K 46 42.60 17.52 -21.62
N SER K 47 41.80 18.12 -20.75
CA SER K 47 42.26 19.19 -19.88
C SER K 47 42.05 18.91 -18.40
N THR K 48 40.96 18.23 -18.05
CA THR K 48 40.64 17.99 -16.65
C THR K 48 41.64 17.04 -16.01
N ARG K 49 42.25 17.45 -14.91
CA ARG K 49 43.13 16.55 -14.18
C ARG K 49 42.32 15.49 -13.45
N ALA K 50 42.96 14.35 -13.20
CA ALA K 50 42.32 13.26 -12.50
C ALA K 50 42.21 13.56 -11.01
N ALA K 51 41.52 12.69 -10.29
CA ALA K 51 41.38 12.85 -8.85
C ALA K 51 42.69 12.49 -8.15
N GLY K 52 43.19 13.39 -7.33
CA GLY K 52 44.46 13.17 -6.64
C GLY K 52 45.64 13.48 -7.51
N ILE K 53 45.70 14.72 -8.01
CA ILE K 53 46.77 15.15 -8.90
C ILE K 53 47.36 16.44 -8.33
N PRO K 54 48.68 16.56 -8.21
CA PRO K 54 49.29 17.73 -7.55
C PRO K 54 49.32 19.00 -8.38
N ASP K 55 48.57 19.07 -9.49
CA ASP K 55 48.44 20.22 -10.37
C ASP K 55 49.75 20.68 -11.00
N ARG K 56 50.78 19.84 -10.98
CA ARG K 56 51.98 20.08 -11.76
C ARG K 56 51.82 19.61 -13.20
N PHE K 57 50.66 19.05 -13.53
CA PHE K 57 50.32 18.54 -14.85
C PHE K 57 49.28 19.45 -15.49
N SER K 58 49.30 19.52 -16.81
CA SER K 58 48.43 20.44 -17.52
C SER K 58 48.16 19.94 -18.92
N GLY K 59 46.90 20.03 -19.35
CA GLY K 59 46.50 19.63 -20.69
C GLY K 59 45.94 20.83 -21.45
N SER K 60 46.24 20.87 -22.74
CA SER K 60 45.82 21.97 -23.58
C SER K 60 45.60 21.46 -25.00
N ARG K 61 44.46 21.79 -25.59
CA ARG K 61 44.10 21.30 -26.91
C ARG K 61 44.02 22.45 -27.89
N TRP K 62 44.69 22.30 -29.03
CA TRP K 62 44.48 23.19 -30.17
C TRP K 62 44.12 22.32 -31.37
N GLY K 63 42.83 22.04 -31.50
CA GLY K 63 42.32 21.30 -32.64
C GLY K 63 42.70 19.83 -32.59
N PRO K 64 43.37 19.36 -33.63
CA PRO K 64 43.89 17.99 -33.65
C PRO K 64 45.29 17.89 -33.04
N ASP K 65 45.45 18.47 -31.86
CA ASP K 65 46.72 18.47 -31.14
C ASP K 65 46.43 18.63 -29.67
N TYR K 66 47.19 17.91 -28.85
CA TYR K 66 47.08 18.04 -27.41
C TYR K 66 48.49 18.15 -26.86
N ASN K 67 48.61 18.73 -25.67
CA ASN K 67 49.89 18.82 -24.98
C ASN K 67 49.76 18.26 -23.58
N LEU K 68 50.89 17.85 -23.02
CA LEU K 68 51.01 17.59 -21.60
C LEU K 68 52.27 18.32 -21.16
N THR K 69 52.10 19.46 -20.51
CA THR K 69 53.22 20.22 -19.98
C THR K 69 53.29 19.95 -18.49
N ILE K 70 54.32 19.23 -18.07
CA ILE K 70 54.62 19.05 -16.66
C ILE K 70 55.48 20.21 -16.20
N SER K 71 55.08 20.85 -15.11
CA SER K 71 55.70 22.10 -14.70
C SER K 71 57.08 21.87 -14.08
N ASN K 72 57.13 21.16 -12.96
CA ASN K 72 58.36 20.91 -12.23
C ASN K 72 58.53 19.41 -12.00
N LEU K 73 59.56 18.84 -12.60
CA LEU K 73 59.78 17.40 -12.53
C LEU K 73 60.29 16.99 -11.16
N GLU K 74 59.75 15.90 -10.64
CA GLU K 74 60.04 15.42 -9.30
C GLU K 74 60.69 14.04 -9.38
N SER K 75 60.84 13.41 -8.21
CA SER K 75 61.55 12.14 -8.14
C SER K 75 60.72 11.01 -8.74
N GLY K 76 59.49 10.86 -8.29
CA GLY K 76 58.64 9.76 -8.75
C GLY K 76 57.80 10.08 -9.96
N ASP K 77 58.36 10.85 -10.90
CA ASP K 77 57.67 11.19 -12.14
C ASP K 77 58.41 10.75 -13.39
N PHE K 78 59.56 10.10 -13.26
CA PHE K 78 60.39 9.77 -14.42
C PHE K 78 60.01 8.38 -14.95
N GLY K 79 58.79 8.30 -15.47
CA GLY K 79 58.29 7.04 -15.98
C GLY K 79 58.07 7.07 -17.48
N VAL K 80 56.92 6.56 -17.93
CA VAL K 80 56.55 6.61 -19.34
C VAL K 80 55.12 7.12 -19.44
N TYR K 81 54.80 7.76 -20.57
CA TYR K 81 53.55 8.49 -20.71
C TYR K 81 52.82 8.10 -21.99
N TYR K 82 51.56 7.70 -21.84
CA TYR K 82 50.70 7.28 -22.93
C TYR K 82 49.49 8.18 -23.02
N CYS K 83 49.05 8.44 -24.25
CA CYS K 83 47.80 9.15 -24.50
C CYS K 83 46.80 8.15 -25.07
N GLN K 84 45.53 8.29 -24.70
CA GLN K 84 44.54 7.25 -24.97
C GLN K 84 43.23 7.84 -25.44
N GLN K 85 42.91 7.64 -26.71
CA GLN K 85 41.59 7.90 -27.26
C GLN K 85 40.66 6.71 -26.95
N TYR K 86 39.57 6.60 -27.71
CA TYR K 86 38.84 5.35 -27.74
C TYR K 86 39.78 4.23 -28.15
N GLU K 87 40.11 3.35 -27.20
CA GLU K 87 40.84 2.08 -27.34
C GLU K 87 42.22 2.16 -27.99
N PHE K 88 42.70 3.34 -28.35
CA PHE K 88 43.98 3.45 -29.03
C PHE K 88 44.97 4.16 -28.13
N PHE K 89 46.13 3.56 -27.93
CA PHE K 89 47.14 4.12 -27.05
C PHE K 89 48.31 4.67 -27.86
N GLY K 90 49.05 5.58 -27.24
CA GLY K 90 50.14 6.24 -27.92
C GLY K 90 51.38 5.37 -28.00
N GLN K 91 52.42 5.94 -28.62
CA GLN K 91 53.68 5.23 -28.74
C GLN K 91 54.39 5.14 -27.40
N GLY K 92 54.14 6.10 -26.53
CA GLY K 92 54.80 6.13 -25.24
C GLY K 92 56.05 7.00 -25.24
N THR K 93 56.10 7.96 -24.32
CA THR K 93 57.27 8.80 -24.15
C THR K 93 57.86 8.59 -22.76
N LYS K 94 59.10 8.13 -22.71
CA LYS K 94 59.79 7.84 -21.46
C LYS K 94 60.55 9.08 -21.04
N VAL K 95 60.07 9.74 -19.99
CA VAL K 95 60.75 10.89 -19.42
C VAL K 95 61.74 10.42 -18.35
N GLN K 96 62.94 10.98 -18.36
CA GLN K 96 64.00 10.60 -17.44
C GLN K 96 65.04 11.70 -17.28
N GLN L 1 35.04 1.64 -2.14
CA GLN L 1 36.27 1.37 -2.87
C GLN L 1 36.02 0.38 -3.99
N VAL L 2 36.97 0.30 -4.92
CA VAL L 2 36.90 -0.62 -6.06
C VAL L 2 38.20 -1.40 -6.10
N GLN L 3 38.11 -2.71 -5.94
CA GLN L 3 39.28 -3.58 -5.88
C GLN L 3 39.24 -4.55 -7.04
N LEU L 4 40.33 -4.63 -7.79
CA LEU L 4 40.47 -5.59 -8.88
C LEU L 4 41.60 -6.55 -8.50
N VAL L 5 41.24 -7.58 -7.73
CA VAL L 5 42.22 -8.55 -7.26
C VAL L 5 42.50 -9.53 -8.39
N GLN L 6 43.67 -9.40 -9.00
CA GLN L 6 44.00 -10.15 -10.19
C GLN L 6 44.66 -11.48 -9.83
N SER L 7 45.14 -12.20 -10.83
CA SER L 7 45.75 -13.50 -10.63
C SER L 7 47.25 -13.37 -10.46
N GLY L 8 47.96 -14.49 -10.52
CA GLY L 8 49.40 -14.49 -10.40
C GLY L 8 50.09 -14.77 -11.71
N GLY L 9 51.38 -14.45 -11.79
CA GLY L 9 52.09 -14.53 -13.06
C GLY L 9 52.39 -15.97 -13.44
N GLN L 10 52.31 -16.23 -14.74
CA GLN L 10 52.50 -17.57 -15.30
C GLN L 10 53.69 -17.55 -16.25
N MET L 11 54.15 -18.74 -16.61
CA MET L 11 55.29 -18.89 -17.53
C MET L 11 54.96 -20.02 -18.49
N LYS L 12 54.35 -19.66 -19.62
CA LYS L 12 53.81 -20.65 -20.55
C LYS L 12 54.90 -21.10 -21.54
N LYS L 13 54.46 -21.80 -22.58
CA LYS L 13 55.30 -22.29 -23.66
C LYS L 13 54.54 -22.05 -24.96
N PRO L 14 55.22 -21.92 -26.09
CA PRO L 14 54.53 -21.60 -27.35
C PRO L 14 53.62 -22.73 -27.80
N GLY L 15 52.33 -22.42 -27.92
CA GLY L 15 51.35 -23.41 -28.32
C GLY L 15 50.25 -23.59 -27.31
N GLU L 16 50.60 -23.52 -26.03
CA GLU L 16 49.62 -23.70 -24.99
C GLU L 16 48.78 -22.44 -24.81
N SER L 17 47.63 -22.61 -24.17
CA SER L 17 46.76 -21.48 -23.88
C SER L 17 47.12 -20.90 -22.52
N MET L 18 46.30 -19.99 -22.01
CA MET L 18 46.44 -19.52 -20.65
C MET L 18 45.04 -19.27 -20.09
N ARG L 19 44.98 -19.00 -18.79
CA ARG L 19 43.72 -18.57 -18.19
C ARG L 19 44.04 -17.71 -16.98
N ILE L 20 43.84 -16.41 -17.11
CA ILE L 20 44.09 -15.47 -16.04
C ILE L 20 42.74 -14.98 -15.52
N SER L 21 42.75 -14.51 -14.28
CA SER L 21 41.53 -14.13 -13.60
C SER L 21 41.54 -12.65 -13.28
N CYS L 22 40.38 -12.17 -12.82
CA CYS L 22 40.23 -10.79 -12.35
C CYS L 22 38.96 -10.74 -11.52
N ARG L 23 39.09 -10.47 -10.23
CA ARG L 23 37.96 -10.50 -9.31
C ARG L 23 37.58 -9.07 -8.96
N ALA L 24 36.45 -8.60 -9.47
CA ALA L 24 35.98 -7.25 -9.20
C ALA L 24 35.05 -7.26 -8.00
N SER L 25 35.33 -6.39 -7.04
CA SER L 25 34.56 -6.36 -5.81
C SER L 25 34.58 -4.96 -5.24
N GLY L 26 33.44 -4.51 -4.72
CA GLY L 26 33.35 -3.20 -4.11
C GLY L 26 32.23 -2.38 -4.72
N TYR L 27 32.04 -2.50 -6.02
CA TYR L 27 30.97 -1.84 -6.74
C TYR L 27 29.98 -2.87 -7.23
N GLU L 28 28.87 -2.39 -7.81
CA GLU L 28 27.87 -3.28 -8.37
C GLU L 28 28.40 -3.85 -9.67
N PHE L 29 28.69 -5.16 -9.67
CA PHE L 29 29.45 -5.77 -10.76
C PHE L 29 28.64 -5.89 -12.03
N ILE L 30 27.33 -6.07 -11.93
CA ILE L 30 26.54 -6.49 -13.09
C ILE L 30 26.07 -5.30 -13.91
N ASP L 31 26.60 -4.11 -13.64
CA ASP L 31 26.24 -2.96 -14.45
C ASP L 31 27.40 -2.40 -15.26
N CYS L 32 28.51 -2.06 -14.62
CA CYS L 32 29.60 -1.40 -15.32
C CYS L 32 30.51 -2.40 -16.01
N THR L 33 31.03 -2.01 -17.17
CA THR L 33 31.79 -2.92 -18.01
C THR L 33 33.17 -3.16 -17.44
N LEU L 34 33.94 -4.00 -18.13
CA LEU L 34 35.35 -4.18 -17.81
C LEU L 34 36.16 -3.94 -19.07
N ASN L 35 37.45 -4.25 -19.02
CA ASN L 35 38.33 -4.17 -20.18
C ASN L 35 39.48 -5.13 -19.92
N TRP L 36 40.35 -5.28 -20.90
CA TRP L 36 41.51 -6.16 -20.75
C TRP L 36 42.63 -5.59 -21.61
N ILE L 37 43.64 -5.01 -20.99
CA ILE L 37 44.73 -4.38 -21.71
C ILE L 37 46.03 -5.08 -21.35
N ARG L 38 46.89 -5.28 -22.34
CA ARG L 38 48.22 -5.81 -22.10
C ARG L 38 49.26 -4.77 -22.45
N LEU L 39 50.36 -4.76 -21.69
CA LEU L 39 51.43 -3.79 -21.88
C LEU L 39 52.70 -4.55 -22.22
N ALA L 40 53.08 -4.53 -23.48
CA ALA L 40 54.35 -5.11 -23.89
C ALA L 40 55.49 -4.26 -23.34
N PRO L 41 56.69 -4.83 -23.17
CA PRO L 41 57.80 -4.02 -22.66
C PRO L 41 58.30 -2.96 -23.63
N GLY L 42 58.29 -3.27 -24.92
CA GLY L 42 58.81 -2.33 -25.91
C GLY L 42 57.88 -2.08 -27.08
N LYS L 43 56.58 -2.04 -26.83
CA LYS L 43 55.60 -1.78 -27.87
C LYS L 43 54.53 -0.86 -27.32
N ARG L 44 53.52 -0.59 -28.14
CA ARG L 44 52.35 0.14 -27.68
C ARG L 44 51.57 -0.72 -26.69
N PRO L 45 50.83 -0.10 -25.78
CA PRO L 45 49.73 -0.80 -25.11
C PRO L 45 48.70 -1.23 -26.14
N GLU L 46 48.09 -2.38 -25.89
CA GLU L 46 47.13 -2.95 -26.81
C GLU L 46 45.87 -3.31 -26.05
N TRP L 47 44.76 -2.68 -26.42
CA TRP L 47 43.47 -3.06 -25.89
C TRP L 47 43.03 -4.38 -26.51
N MET L 48 42.29 -5.17 -25.75
CA MET L 48 41.91 -6.50 -26.24
C MET L 48 40.41 -6.78 -26.23
N GLY L 49 39.64 -6.22 -25.30
CA GLY L 49 38.20 -6.30 -25.43
C GLY L 49 37.39 -6.15 -24.18
N TRP L 50 36.22 -5.51 -24.24
CA TRP L 50 35.44 -5.29 -23.03
C TRP L 50 34.55 -6.49 -22.73
N LEU L 51 33.79 -6.37 -21.66
CA LEU L 51 32.89 -7.42 -21.21
C LEU L 51 31.81 -6.78 -20.35
N LYS L 52 30.63 -6.59 -20.89
CA LYS L 52 29.51 -6.13 -20.07
C LYS L 52 29.00 -7.30 -19.26
N PRO L 53 29.18 -7.32 -17.93
CA PRO L 53 29.04 -8.56 -17.18
C PRO L 53 27.61 -9.07 -17.03
N ARG L 54 26.62 -8.22 -17.19
CA ARG L 54 25.25 -8.70 -17.37
C ARG L 54 25.16 -9.29 -18.77
N TRP L 55 24.91 -10.60 -18.84
CA TRP L 55 24.89 -11.47 -20.02
C TRP L 55 26.25 -11.70 -20.67
N GLY L 56 27.31 -11.03 -20.22
CA GLY L 56 28.65 -11.32 -20.72
C GLY L 56 28.89 -10.97 -22.17
N ALA L 57 28.31 -9.87 -22.64
CA ALA L 57 28.45 -9.48 -24.04
C ALA L 57 29.85 -8.94 -24.29
N VAL L 58 30.62 -9.65 -25.10
CA VAL L 58 32.02 -9.34 -25.29
C VAL L 58 32.22 -8.65 -26.63
N ASN L 59 33.41 -8.10 -26.84
CA ASN L 59 33.75 -7.45 -28.10
C ASN L 59 35.27 -7.43 -28.22
N TYR L 60 35.84 -8.36 -28.96
CA TYR L 60 37.29 -8.52 -28.97
C TYR L 60 37.92 -7.60 -30.00
N ALA L 61 39.20 -7.32 -29.79
CA ALA L 61 39.94 -6.50 -30.75
C ALA L 61 40.24 -7.31 -32.00
N ARG L 62 40.12 -6.66 -33.15
CA ARG L 62 40.25 -7.31 -34.45
C ARG L 62 41.60 -7.95 -34.79
N PRO L 63 42.75 -7.55 -34.24
CA PRO L 63 43.93 -8.41 -34.39
C PRO L 63 43.89 -9.70 -33.57
N LEU L 64 42.97 -9.83 -32.61
CA LEU L 64 42.84 -11.04 -31.82
C LEU L 64 41.48 -11.68 -32.05
N GLN L 65 41.01 -11.68 -33.28
CA GLN L 65 39.73 -12.29 -33.58
C GLN L 65 39.90 -13.81 -33.64
N GLY L 66 39.07 -14.51 -32.89
CA GLY L 66 39.14 -15.95 -32.87
C GLY L 66 40.27 -16.55 -32.06
N ARG L 67 40.96 -15.74 -31.26
CA ARG L 67 41.95 -16.26 -30.33
C ARG L 67 41.55 -16.02 -28.89
N VAL L 68 41.34 -14.76 -28.50
CA VAL L 68 40.99 -14.45 -27.12
C VAL L 68 39.53 -14.81 -26.87
N THR L 69 39.23 -15.28 -25.66
CA THR L 69 37.84 -15.44 -25.23
C THR L 69 37.71 -14.97 -23.80
N MET L 70 36.60 -14.33 -23.48
CA MET L 70 36.40 -13.69 -22.19
C MET L 70 35.09 -14.17 -21.59
N THR L 71 35.17 -14.79 -20.43
CA THR L 71 33.99 -15.24 -19.71
C THR L 71 33.82 -14.39 -18.46
N ARG L 72 32.71 -14.60 -17.77
CA ARG L 72 32.50 -14.02 -16.46
C ARG L 72 31.81 -15.06 -15.59
N GLN L 73 31.77 -14.80 -14.28
CA GLN L 73 31.09 -15.70 -13.37
C GLN L 73 30.51 -14.85 -12.26
N LEU L 74 29.19 -14.70 -12.26
CA LEU L 74 28.54 -13.81 -11.32
C LEU L 74 28.52 -14.42 -9.93
N SER L 75 28.00 -13.66 -8.97
CA SER L 75 27.85 -14.12 -7.60
C SER L 75 26.40 -14.50 -7.40
N GLN L 76 26.13 -15.79 -7.24
CA GLN L 76 24.78 -16.28 -7.02
C GLN L 76 24.40 -16.29 -5.54
N ASP L 77 25.18 -15.61 -4.71
CA ASP L 77 24.82 -15.41 -3.31
C ASP L 77 23.90 -14.20 -3.21
N PRO L 78 22.67 -14.34 -2.73
CA PRO L 78 21.80 -13.16 -2.56
C PRO L 78 22.25 -12.22 -1.46
N ASP L 79 23.13 -12.67 -0.56
CA ASP L 79 23.66 -11.78 0.45
C ASP L 79 24.68 -10.81 -0.12
N ASP L 80 25.59 -11.31 -0.96
CA ASP L 80 26.72 -10.54 -1.49
C ASP L 80 26.60 -10.50 -3.01
N PRO L 81 25.77 -9.60 -3.57
CA PRO L 81 25.60 -9.58 -5.02
C PRO L 81 26.64 -8.74 -5.75
N ASP L 82 27.29 -7.81 -5.08
CA ASP L 82 28.16 -6.85 -5.75
C ASP L 82 29.61 -7.31 -5.81
N TRP L 83 29.83 -8.52 -6.29
CA TRP L 83 31.16 -9.00 -6.59
C TRP L 83 31.06 -10.05 -7.69
N GLY L 84 32.19 -10.36 -8.29
CA GLY L 84 32.22 -11.37 -9.34
C GLY L 84 33.57 -11.37 -10.01
N THR L 85 33.87 -12.47 -10.67
CA THR L 85 35.15 -12.64 -11.31
C THR L 85 35.01 -12.38 -12.80
N ALA L 86 36.12 -12.42 -13.52
CA ALA L 86 36.15 -12.30 -14.96
C ALA L 86 37.40 -12.99 -15.47
N PHE L 87 37.24 -13.92 -16.40
CA PHE L 87 38.36 -14.71 -16.90
C PHE L 87 38.71 -14.32 -18.31
N LEU L 88 39.95 -14.62 -18.70
CA LEU L 88 40.42 -14.43 -20.06
C LEU L 88 41.14 -15.71 -20.45
N GLU L 89 41.18 -16.01 -21.75
CA GLU L 89 41.88 -17.19 -22.22
C GLU L 89 42.38 -16.90 -23.63
N LEU L 90 43.69 -16.92 -23.81
CA LEU L 90 44.30 -16.58 -25.09
C LEU L 90 44.94 -17.84 -25.65
N ARG L 91 44.25 -18.48 -26.59
CA ARG L 91 44.76 -19.69 -27.20
C ARG L 91 45.92 -19.37 -28.14
N SER L 92 46.73 -20.41 -28.42
CA SER L 92 47.78 -20.41 -29.43
C SER L 92 48.82 -19.31 -29.18
N LEU L 93 49.49 -19.41 -28.04
CA LEU L 93 50.42 -18.39 -27.62
C LEU L 93 51.65 -18.36 -28.52
N THR L 94 52.31 -17.21 -28.56
CA THR L 94 53.50 -17.00 -29.36
C THR L 94 54.48 -16.21 -28.50
N VAL L 95 55.70 -16.05 -29.00
CA VAL L 95 56.71 -15.25 -28.33
C VAL L 95 56.32 -13.78 -28.21
N ASP L 96 55.51 -13.29 -29.15
CA ASP L 96 55.10 -11.90 -29.15
C ASP L 96 54.09 -11.55 -28.07
N ASP L 97 53.54 -12.54 -27.37
CA ASP L 97 52.55 -12.28 -26.33
C ASP L 97 53.17 -12.12 -24.95
N THR L 98 54.47 -11.92 -24.88
CA THR L 98 55.16 -11.67 -23.61
C THR L 98 54.81 -10.27 -23.14
N ALA L 99 53.89 -10.17 -22.19
CA ALA L 99 53.46 -8.87 -21.72
C ALA L 99 53.01 -8.98 -20.27
N VAL L 100 52.32 -7.95 -19.80
CA VAL L 100 51.68 -7.96 -18.50
C VAL L 100 50.23 -7.49 -18.70
N TYR L 101 49.29 -8.26 -18.18
CA TYR L 101 47.90 -8.18 -18.60
C TYR L 101 47.06 -7.55 -17.49
N PHE L 102 46.37 -6.47 -17.81
CA PHE L 102 45.62 -5.69 -16.84
C PHE L 102 44.14 -5.78 -17.13
N CYS L 103 43.34 -5.71 -16.08
CA CYS L 103 41.88 -5.75 -16.21
C CYS L 103 41.31 -4.44 -15.67
N THR L 104 41.21 -3.45 -16.54
CA THR L 104 40.89 -2.10 -16.10
C THR L 104 39.38 -1.94 -15.97
N ARG L 105 38.94 -0.70 -15.78
CA ARG L 105 37.55 -0.34 -15.56
C ARG L 105 37.45 1.16 -15.76
N GLY L 106 36.27 1.62 -16.17
CA GLY L 106 36.08 3.04 -16.40
C GLY L 106 36.05 3.86 -15.12
N LYS L 107 36.01 5.18 -15.28
CA LYS L 107 35.92 6.05 -14.11
C LYS L 107 34.52 6.02 -13.53
N ASN L 108 33.54 6.47 -14.31
CA ASN L 108 32.12 6.25 -14.03
C ASN L 108 31.54 5.50 -15.21
N CYS L 109 30.68 4.53 -14.95
CA CYS L 109 30.29 3.62 -16.02
C CYS L 109 29.11 4.13 -16.84
N ASP L 110 29.25 5.37 -17.32
CA ASP L 110 28.51 5.88 -18.46
C ASP L 110 29.44 6.24 -19.60
N TYR L 111 30.74 6.29 -19.35
CA TYR L 111 31.77 6.42 -20.37
C TYR L 111 32.87 5.44 -20.00
N ASN L 112 33.26 4.60 -20.95
CA ASN L 112 34.13 3.47 -20.63
C ASN L 112 35.60 3.85 -20.63
N TRP L 113 36.02 4.73 -21.51
CA TRP L 113 37.42 4.80 -21.92
C TRP L 113 38.28 5.69 -21.02
N ASP L 114 37.89 5.86 -19.76
CA ASP L 114 38.73 6.53 -18.76
C ASP L 114 39.15 5.44 -17.76
N PHE L 115 40.22 4.73 -18.06
CA PHE L 115 40.62 3.56 -17.28
C PHE L 115 41.27 4.04 -15.99
N GLU L 116 40.43 4.32 -15.00
CA GLU L 116 40.93 4.77 -13.71
C GLU L 116 41.45 3.60 -12.87
N HIS L 117 40.58 2.66 -12.55
CA HIS L 117 40.97 1.53 -11.73
C HIS L 117 41.63 0.48 -12.61
N TRP L 118 42.82 0.04 -12.21
CA TRP L 118 43.55 -0.98 -12.94
C TRP L 118 43.78 -2.16 -12.02
N GLY L 119 44.49 -3.18 -12.54
CA GLY L 119 44.84 -4.34 -11.78
C GLY L 119 46.33 -4.34 -11.48
N ARG L 120 46.73 -5.28 -10.62
CA ARG L 120 48.13 -5.34 -10.23
C ARG L 120 49.03 -5.89 -11.33
N GLY L 121 48.47 -6.50 -12.35
CA GLY L 121 49.29 -7.07 -13.40
C GLY L 121 49.42 -8.57 -13.27
N THR L 122 49.48 -9.24 -14.41
CA THR L 122 49.64 -10.70 -14.49
C THR L 122 50.73 -11.01 -15.48
N PRO L 123 51.99 -10.90 -15.08
CA PRO L 123 53.08 -10.95 -16.07
C PRO L 123 53.30 -12.32 -16.67
N VAL L 124 52.88 -12.48 -17.92
CA VAL L 124 52.98 -13.75 -18.63
C VAL L 124 54.23 -13.70 -19.49
N ILE L 125 55.11 -14.68 -19.32
CA ILE L 125 56.34 -14.78 -20.09
C ILE L 125 56.26 -16.07 -20.91
N VAL L 126 56.33 -15.92 -22.22
CA VAL L 126 56.29 -17.05 -23.15
C VAL L 126 57.64 -17.11 -23.84
N SER L 127 58.43 -18.14 -23.54
CA SER L 127 59.74 -18.28 -24.14
C SER L 127 59.85 -19.65 -24.81
N SER L 128 60.61 -19.68 -25.91
CA SER L 128 60.72 -20.93 -26.67
C SER L 128 61.61 -21.97 -26.01
N PRO L 129 62.83 -21.65 -25.50
CA PRO L 129 63.48 -22.77 -24.82
C PRO L 129 63.00 -22.92 -23.37
#